data_1QPQ
#
_entry.id   1QPQ
#
_cell.length_a   100.340
_cell.length_b   100.340
_cell.length_c   145.658
_cell.angle_alpha   90.00
_cell.angle_beta   90.00
_cell.angle_gamma   120.00
#
_symmetry.space_group_name_H-M   'P 31'
#
loop_
_entity.id
_entity.type
_entity.pdbx_description
1 polymer 'QUINOLINATE PHOSPHORIBOSYLTRANSFERASE'
2 non-polymer 'SULFATE ION'
3 non-polymer 'QUINOLINIC ACID'
4 water water
#
_entity_poly.entity_id   1
_entity_poly.type   'polypeptide(L)'
_entity_poly.pdbx_seq_one_letter_code
;GLSDWELAAARAAIARGLDEDLRYGPDVTTLATVPASATTTASLVTREAGVVAGLDVALLTLNEVLGTNGYRVLDRVEDG
ARVPPGEALMTLEAQTRGLLTAERTMLNLVGHLSGIATATAAWVDAVRGTKAKIRDTRKTLPGLRALQKYAVRTGGGVNH
RLGLGDAALIKDNHVAAAGSVVDALRAVRNAAPDLPCEVEVDSLEQLDAVLPEKPELILLDNFAVWQTQTAVQRRDSRAP
TVMLESSGGLSLQTAATYAETGVDYLAVGALTHSVRVLDIGLDM
;
_entity_poly.pdbx_strand_id   A,B,C,D,E,F
#
loop_
_chem_comp.id
_chem_comp.type
_chem_comp.name
_chem_comp.formula
NTM non-polymer 'QUINOLINIC ACID' 'C7 H5 N O4'
SO4 non-polymer 'SULFATE ION' 'O4 S -2'
#
# COMPACT_ATOMS: atom_id res chain seq x y z
N GLY A 1 1.74 -40.38 -12.28
CA GLY A 1 1.14 -40.48 -10.92
C GLY A 1 2.27 -40.63 -9.94
N LEU A 2 1.99 -41.22 -8.79
CA LEU A 2 3.01 -41.41 -7.79
C LEU A 2 3.90 -42.56 -8.22
N SER A 3 5.16 -42.51 -7.81
CA SER A 3 6.11 -43.56 -8.12
C SER A 3 6.08 -44.50 -6.93
N ASP A 4 6.83 -45.57 -7.03
CA ASP A 4 6.91 -46.59 -6.00
C ASP A 4 7.43 -46.01 -4.69
N TRP A 5 8.40 -45.10 -4.82
CA TRP A 5 9.00 -44.45 -3.65
C TRP A 5 8.06 -43.42 -3.06
N GLU A 6 7.42 -42.61 -3.91
CA GLU A 6 6.47 -41.60 -3.46
C GLU A 6 5.24 -42.29 -2.88
N LEU A 7 4.85 -43.40 -3.48
CA LEU A 7 3.70 -44.18 -3.05
C LEU A 7 3.94 -44.68 -1.63
N ALA A 8 5.09 -45.29 -1.41
CA ALA A 8 5.47 -45.81 -0.10
C ALA A 8 5.57 -44.71 0.93
N ALA A 9 6.08 -43.55 0.51
CA ALA A 9 6.22 -42.39 1.38
C ALA A 9 4.81 -41.93 1.75
N ALA A 10 3.95 -41.88 0.75
CA ALA A 10 2.57 -41.52 0.94
C ALA A 10 1.91 -42.45 1.96
N ARG A 11 2.02 -43.77 1.78
CA ARG A 11 1.41 -44.75 2.71
C ARG A 11 1.94 -44.60 4.12
N ALA A 12 3.23 -44.30 4.22
CA ALA A 12 3.84 -44.12 5.51
C ALA A 12 3.28 -42.88 6.17
N ALA A 13 3.09 -41.83 5.39
CA ALA A 13 2.54 -40.59 5.92
C ALA A 13 1.10 -40.80 6.34
N ILE A 14 0.27 -41.37 5.46
CA ILE A 14 -1.13 -41.56 5.83
C ILE A 14 -1.23 -42.43 7.08
N ALA A 15 -0.34 -43.42 7.18
CA ALA A 15 -0.34 -44.27 8.35
C ALA A 15 -0.01 -43.48 9.62
N ARG A 16 0.92 -42.55 9.56
CA ARG A 16 1.25 -41.74 10.71
C ARG A 16 0.07 -40.78 11.01
N GLY A 17 -0.52 -40.23 9.97
CA GLY A 17 -1.65 -39.33 10.16
C GLY A 17 -2.80 -39.97 10.93
N LEU A 18 -3.29 -41.10 10.43
CA LEU A 18 -4.40 -41.85 11.05
C LEU A 18 -4.08 -42.28 12.47
N ASP A 19 -2.87 -42.72 12.73
CA ASP A 19 -2.51 -43.11 14.08
C ASP A 19 -2.59 -41.92 15.02
N GLU A 20 -2.29 -40.73 14.54
CA GLU A 20 -2.38 -39.56 15.40
C GLU A 20 -3.86 -39.35 15.77
N ASP A 21 -4.73 -39.52 14.79
CA ASP A 21 -6.15 -39.34 15.03
C ASP A 21 -6.83 -40.39 15.91
N LEU A 22 -6.41 -41.64 15.77
CA LEU A 22 -7.01 -42.77 16.47
C LEU A 22 -6.29 -43.21 17.73
N ARG A 23 -5.15 -42.63 17.99
CA ARG A 23 -4.35 -42.97 19.16
C ARG A 23 -5.11 -42.91 20.47
N TYR A 24 -6.08 -42.01 20.58
CA TYR A 24 -6.82 -41.86 21.83
C TYR A 24 -8.12 -42.62 21.95
N GLY A 25 -8.54 -43.23 20.86
CA GLY A 25 -9.79 -43.94 20.93
C GLY A 25 -10.41 -43.80 19.57
N PRO A 26 -11.57 -44.45 19.35
CA PRO A 26 -12.21 -44.35 18.05
C PRO A 26 -12.90 -43.03 17.84
N ASP A 27 -13.38 -42.84 16.63
CA ASP A 27 -14.07 -41.64 16.30
C ASP A 27 -15.48 -41.70 16.92
N VAL A 28 -15.56 -41.43 18.22
CA VAL A 28 -16.82 -41.51 18.93
C VAL A 28 -17.99 -40.73 18.35
N THR A 29 -17.72 -39.52 17.90
CA THR A 29 -18.77 -38.69 17.34
C THR A 29 -19.38 -39.21 16.02
N THR A 30 -18.62 -39.86 15.13
CA THR A 30 -19.25 -40.34 13.90
C THR A 30 -19.90 -41.67 14.15
N LEU A 31 -19.35 -42.43 15.11
CA LEU A 31 -19.92 -43.72 15.49
C LEU A 31 -21.30 -43.46 16.09
N ALA A 32 -21.41 -42.40 16.89
CA ALA A 32 -22.67 -42.08 17.53
C ALA A 32 -23.71 -41.42 16.62
N THR A 33 -23.27 -40.81 15.52
CA THR A 33 -24.18 -40.12 14.62
C THR A 33 -24.50 -40.76 13.26
N VAL A 34 -23.57 -41.53 12.71
CA VAL A 34 -23.81 -42.14 11.41
C VAL A 34 -23.72 -43.64 11.46
N PRO A 35 -24.76 -44.29 10.92
CA PRO A 35 -24.80 -45.74 10.92
C PRO A 35 -23.82 -46.37 9.97
N ALA A 36 -23.42 -47.58 10.30
CA ALA A 36 -22.49 -48.35 9.51
C ALA A 36 -22.95 -48.51 8.07
N SER A 37 -24.26 -48.61 7.89
CA SER A 37 -24.78 -48.79 6.55
C SER A 37 -24.81 -47.53 5.70
N ALA A 38 -24.56 -46.37 6.30
CA ALA A 38 -24.62 -45.11 5.55
C ALA A 38 -23.60 -45.01 4.42
N THR A 39 -24.01 -44.33 3.37
CA THR A 39 -23.24 -44.12 2.16
C THR A 39 -23.61 -42.77 1.56
N THR A 40 -22.61 -42.04 1.06
CA THR A 40 -22.81 -40.73 0.44
C THR A 40 -21.91 -40.54 -0.75
N THR A 41 -22.16 -39.42 -1.41
CA THR A 41 -21.41 -38.95 -2.54
C THR A 41 -20.85 -37.73 -1.85
N ALA A 42 -19.56 -37.52 -1.94
CA ALA A 42 -18.93 -36.39 -1.28
C ALA A 42 -17.98 -35.82 -2.28
N SER A 43 -17.64 -34.55 -2.12
CA SER A 43 -16.71 -33.93 -3.03
C SER A 43 -15.61 -33.21 -2.32
N LEU A 44 -14.40 -33.30 -2.88
CA LEU A 44 -13.25 -32.56 -2.34
C LEU A 44 -13.38 -31.28 -3.13
N VAL A 45 -13.73 -30.18 -2.48
CA VAL A 45 -13.84 -28.95 -3.24
C VAL A 45 -12.97 -27.84 -2.69
N THR A 46 -12.26 -27.12 -3.55
CA THR A 46 -11.41 -26.03 -3.07
C THR A 46 -12.19 -24.81 -2.60
N ARG A 47 -11.68 -24.16 -1.58
CA ARG A 47 -12.32 -22.96 -1.09
C ARG A 47 -11.56 -21.78 -1.77
N GLU A 48 -10.51 -22.09 -2.51
CA GLU A 48 -9.73 -21.06 -3.16
C GLU A 48 -9.06 -21.57 -4.40
N ALA A 49 -8.50 -20.67 -5.19
CA ALA A 49 -7.84 -21.05 -6.44
C ALA A 49 -6.42 -21.48 -6.21
N GLY A 50 -5.92 -22.30 -7.14
CA GLY A 50 -4.59 -22.82 -7.02
C GLY A 50 -4.40 -23.99 -7.96
N VAL A 51 -3.29 -24.71 -7.74
CA VAL A 51 -2.89 -25.87 -8.53
C VAL A 51 -3.09 -27.06 -7.61
N VAL A 52 -3.68 -28.12 -8.15
CA VAL A 52 -3.95 -29.29 -7.33
C VAL A 52 -2.83 -30.30 -7.44
N ALA A 53 -2.46 -30.89 -6.31
CA ALA A 53 -1.44 -31.92 -6.30
C ALA A 53 -1.73 -32.84 -5.11
N GLY A 54 -1.47 -34.13 -5.27
CA GLY A 54 -1.68 -35.09 -4.19
C GLY A 54 -3.04 -35.80 -4.10
N LEU A 55 -3.82 -35.75 -5.17
CA LEU A 55 -5.14 -36.38 -5.19
C LEU A 55 -5.04 -37.90 -5.00
N ASP A 56 -3.94 -38.48 -5.46
CA ASP A 56 -3.73 -39.91 -5.30
C ASP A 56 -3.58 -40.22 -3.81
N VAL A 57 -2.97 -39.30 -3.09
CA VAL A 57 -2.81 -39.52 -1.66
C VAL A 57 -4.20 -39.60 -0.97
N ALA A 58 -5.19 -38.98 -1.58
CA ALA A 58 -6.56 -39.00 -1.07
C ALA A 58 -7.10 -40.42 -1.26
N LEU A 59 -6.98 -40.93 -2.48
CA LEU A 59 -7.41 -42.27 -2.76
C LEU A 59 -6.70 -43.26 -1.82
N LEU A 60 -5.39 -43.11 -1.61
CA LEU A 60 -4.63 -44.01 -0.73
C LEU A 60 -5.12 -44.01 0.70
N THR A 61 -5.62 -42.87 1.16
CA THR A 61 -6.16 -42.76 2.53
C THR A 61 -7.46 -43.57 2.65
N LEU A 62 -8.27 -43.52 1.59
CA LEU A 62 -9.50 -44.28 1.58
C LEU A 62 -9.15 -45.76 1.56
N ASN A 63 -8.25 -46.18 0.66
CA ASN A 63 -7.86 -47.58 0.61
C ASN A 63 -7.53 -48.08 1.98
N GLU A 64 -6.77 -47.27 2.68
CA GLU A 64 -6.39 -47.66 4.03
C GLU A 64 -7.57 -47.72 5.00
N VAL A 65 -8.52 -46.79 4.88
CA VAL A 65 -9.67 -46.72 5.78
C VAL A 65 -10.88 -47.54 5.35
N LEU A 66 -11.28 -47.43 4.09
CA LEU A 66 -12.44 -48.16 3.56
C LEU A 66 -12.14 -49.41 2.73
N GLY A 67 -10.90 -49.61 2.32
CA GLY A 67 -10.59 -50.76 1.52
C GLY A 67 -10.92 -50.39 0.11
N THR A 68 -10.21 -51.03 -0.83
CA THR A 68 -10.39 -50.74 -2.24
C THR A 68 -11.83 -50.78 -2.70
N ASN A 69 -12.57 -51.76 -2.22
CA ASN A 69 -13.96 -51.91 -2.62
C ASN A 69 -14.89 -51.19 -1.66
N GLY A 70 -14.35 -50.19 -0.99
CA GLY A 70 -15.17 -49.47 -0.04
C GLY A 70 -15.69 -48.17 -0.58
N TYR A 71 -15.25 -47.79 -1.78
CA TYR A 71 -15.65 -46.52 -2.36
C TYR A 71 -15.60 -46.52 -3.86
N ARG A 72 -16.19 -45.51 -4.47
CA ARG A 72 -16.25 -45.40 -5.92
C ARG A 72 -15.98 -43.96 -6.31
N VAL A 73 -15.02 -43.77 -7.20
CA VAL A 73 -14.67 -42.43 -7.65
C VAL A 73 -15.50 -42.14 -8.90
N LEU A 74 -16.48 -41.28 -8.75
CA LEU A 74 -17.34 -40.92 -9.87
C LEU A 74 -16.63 -39.96 -10.78
N ASP A 75 -15.80 -39.10 -10.17
CA ASP A 75 -15.10 -38.10 -10.96
C ASP A 75 -13.90 -37.58 -10.23
N ARG A 76 -12.90 -37.15 -11.00
CA ARG A 76 -11.69 -36.56 -10.47
C ARG A 76 -10.97 -35.67 -11.48
N VAL A 77 -10.18 -34.77 -10.94
CA VAL A 77 -9.42 -33.84 -11.73
C VAL A 77 -7.99 -34.39 -11.76
N GLU A 78 -7.17 -33.93 -12.69
CA GLU A 78 -5.81 -34.45 -12.73
C GLU A 78 -4.89 -33.62 -11.90
N ASP A 79 -3.87 -34.25 -11.35
CA ASP A 79 -2.91 -33.52 -10.56
C ASP A 79 -2.31 -32.47 -11.51
N GLY A 80 -2.01 -31.27 -11.03
CA GLY A 80 -1.42 -30.25 -11.89
C GLY A 80 -2.42 -29.31 -12.54
N ALA A 81 -3.69 -29.54 -12.26
CA ALA A 81 -4.74 -28.71 -12.82
C ALA A 81 -4.86 -27.41 -12.07
N ARG A 82 -5.01 -26.34 -12.82
CA ARG A 82 -5.17 -25.00 -12.28
C ARG A 82 -6.66 -24.98 -11.97
N VAL A 83 -7.00 -24.63 -10.74
CA VAL A 83 -8.37 -24.74 -10.33
C VAL A 83 -8.95 -23.50 -9.64
N PRO A 84 -10.20 -23.15 -9.95
CA PRO A 84 -10.89 -21.98 -9.37
C PRO A 84 -11.49 -22.31 -8.03
N PRO A 85 -11.91 -21.28 -7.26
CA PRO A 85 -12.49 -21.50 -5.95
C PRO A 85 -13.45 -22.62 -5.72
N GLY A 86 -14.69 -22.55 -6.16
CA GLY A 86 -15.53 -23.69 -5.78
C GLY A 86 -15.42 -24.94 -6.63
N GLU A 87 -14.23 -25.25 -7.12
CA GLU A 87 -14.04 -26.40 -7.98
C GLU A 87 -14.05 -27.71 -7.24
N ALA A 88 -14.67 -28.74 -7.84
CA ALA A 88 -14.74 -30.08 -7.27
C ALA A 88 -13.55 -30.86 -7.86
N LEU A 89 -12.59 -31.17 -6.99
CA LEU A 89 -11.37 -31.88 -7.36
C LEU A 89 -11.63 -33.35 -7.60
N MET A 90 -12.54 -33.89 -6.80
CA MET A 90 -12.87 -35.29 -6.90
C MET A 90 -14.22 -35.53 -6.24
N THR A 91 -15.07 -36.32 -6.91
CA THR A 91 -16.38 -36.68 -6.40
C THR A 91 -16.38 -38.19 -6.28
N LEU A 92 -16.77 -38.65 -5.11
CA LEU A 92 -16.82 -40.08 -4.85
C LEU A 92 -18.04 -40.51 -4.08
N GLU A 93 -18.24 -41.81 -4.02
CA GLU A 93 -19.37 -42.40 -3.34
C GLU A 93 -18.73 -43.43 -2.42
N ALA A 94 -18.96 -43.28 -1.12
CA ALA A 94 -18.36 -44.19 -0.17
C ALA A 94 -19.18 -44.31 1.10
N GLN A 95 -18.75 -45.21 1.97
CA GLN A 95 -19.40 -45.39 3.26
C GLN A 95 -19.15 -44.11 4.00
N THR A 96 -20.18 -43.54 4.59
CA THR A 96 -20.05 -42.31 5.31
C THR A 96 -19.07 -42.34 6.46
N ARG A 97 -19.13 -43.35 7.31
CA ARG A 97 -18.22 -43.42 8.48
C ARG A 97 -16.76 -43.38 8.09
N GLY A 98 -16.44 -44.11 7.02
CA GLY A 98 -15.07 -44.18 6.57
C GLY A 98 -14.58 -42.82 6.14
N LEU A 99 -15.43 -42.10 5.38
CA LEU A 99 -15.10 -40.76 4.90
C LEU A 99 -14.81 -39.79 6.05
N LEU A 100 -15.68 -39.75 7.05
CA LEU A 100 -15.52 -38.81 8.16
C LEU A 100 -14.30 -39.04 8.99
N THR A 101 -13.85 -40.28 9.00
CA THR A 101 -12.66 -40.63 9.78
C THR A 101 -11.39 -40.34 8.96
N ALA A 102 -11.46 -40.53 7.64
CA ALA A 102 -10.35 -40.27 6.74
C ALA A 102 -10.11 -38.79 6.41
N GLU A 103 -11.20 -38.03 6.41
CA GLU A 103 -11.27 -36.61 6.09
C GLU A 103 -10.12 -35.70 6.47
N ARG A 104 -9.88 -35.51 7.76
CA ARG A 104 -8.82 -34.62 8.19
C ARG A 104 -7.42 -34.98 7.68
N THR A 105 -7.05 -36.25 7.73
CA THR A 105 -5.73 -36.71 7.27
C THR A 105 -5.61 -36.51 5.76
N MET A 106 -6.70 -36.75 5.05
CA MET A 106 -6.74 -36.64 3.61
C MET A 106 -6.57 -35.19 3.22
N LEU A 107 -7.39 -34.34 3.83
CA LEU A 107 -7.37 -32.89 3.58
C LEU A 107 -6.04 -32.24 3.91
N ASN A 108 -5.45 -32.63 5.03
CA ASN A 108 -4.14 -32.13 5.47
C ASN A 108 -3.04 -32.43 4.46
N LEU A 109 -3.04 -33.62 3.89
CA LEU A 109 -2.04 -33.96 2.89
C LEU A 109 -2.23 -33.21 1.59
N VAL A 110 -3.41 -33.34 0.96
CA VAL A 110 -3.64 -32.67 -0.33
C VAL A 110 -3.61 -31.16 -0.26
N GLY A 111 -3.96 -30.63 0.91
CA GLY A 111 -3.95 -29.19 1.10
C GLY A 111 -2.50 -28.75 1.14
N HIS A 112 -1.64 -29.50 1.84
CA HIS A 112 -0.21 -29.16 1.91
C HIS A 112 0.49 -29.25 0.55
N LEU A 113 0.28 -30.35 -0.13
CA LEU A 113 0.92 -30.56 -1.39
C LEU A 113 0.37 -29.62 -2.42
N SER A 114 -0.87 -29.20 -2.29
CA SER A 114 -1.43 -28.27 -3.27
C SER A 114 -0.87 -26.86 -3.00
N GLY A 115 -0.67 -26.52 -1.72
CA GLY A 115 -0.10 -25.24 -1.38
C GLY A 115 1.27 -25.13 -2.05
N ILE A 116 2.08 -26.19 -1.99
CA ILE A 116 3.43 -26.27 -2.61
C ILE A 116 3.39 -26.14 -4.12
N ALA A 117 2.55 -26.92 -4.80
CA ALA A 117 2.40 -26.86 -6.26
C ALA A 117 1.88 -25.50 -6.71
N THR A 118 1.01 -24.90 -5.89
CA THR A 118 0.43 -23.59 -6.18
C THR A 118 1.57 -22.55 -6.18
N ALA A 119 2.34 -22.50 -5.09
CA ALA A 119 3.47 -21.59 -4.99
C ALA A 119 4.53 -21.80 -6.05
N THR A 120 4.88 -23.05 -6.35
CA THR A 120 5.88 -23.23 -7.36
C THR A 120 5.40 -22.82 -8.70
N ALA A 121 4.11 -22.95 -8.95
CA ALA A 121 3.56 -22.50 -10.22
C ALA A 121 3.62 -20.96 -10.33
N ALA A 122 3.58 -20.25 -9.21
CA ALA A 122 3.66 -18.77 -9.23
C ALA A 122 5.05 -18.31 -9.62
N TRP A 123 6.06 -19.02 -9.12
CA TRP A 123 7.46 -18.73 -9.42
C TRP A 123 7.71 -19.05 -10.87
N VAL A 124 7.19 -20.18 -11.31
CA VAL A 124 7.35 -20.59 -12.69
C VAL A 124 6.72 -19.54 -13.63
N ASP A 125 5.56 -19.01 -13.28
CA ASP A 125 4.96 -17.95 -14.14
C ASP A 125 5.85 -16.73 -14.07
N ALA A 126 6.43 -16.49 -12.91
CA ALA A 126 7.28 -15.34 -12.71
C ALA A 126 8.52 -15.30 -13.62
N VAL A 127 9.17 -16.44 -13.82
CA VAL A 127 10.37 -16.48 -14.63
C VAL A 127 10.06 -16.92 -16.04
N ARG A 128 8.79 -16.89 -16.40
CA ARG A 128 8.36 -17.25 -17.72
C ARG A 128 9.06 -16.29 -18.69
N GLY A 129 9.49 -16.80 -19.84
CA GLY A 129 10.16 -15.95 -20.81
C GLY A 129 11.66 -15.82 -20.56
N THR A 130 12.11 -16.72 -19.73
CA THR A 130 13.46 -16.81 -19.28
C THR A 130 13.80 -18.31 -19.42
N LYS A 131 15.07 -18.69 -19.41
CA LYS A 131 15.38 -20.11 -19.51
C LYS A 131 15.46 -20.71 -18.12
N ALA A 132 15.36 -19.88 -17.08
CA ALA A 132 15.49 -20.36 -15.70
C ALA A 132 14.45 -21.35 -15.26
N LYS A 133 14.88 -22.32 -14.46
CA LYS A 133 14.00 -23.34 -13.91
C LYS A 133 14.00 -23.16 -12.40
N ILE A 134 12.87 -23.43 -11.80
CA ILE A 134 12.69 -23.31 -10.37
C ILE A 134 13.03 -24.66 -9.73
N ARG A 135 13.96 -24.66 -8.80
CA ARG A 135 14.37 -25.86 -8.15
C ARG A 135 14.10 -25.76 -6.71
N ASP A 136 14.05 -26.88 -6.02
CA ASP A 136 13.82 -26.90 -4.59
C ASP A 136 15.15 -27.10 -3.85
N THR A 137 15.05 -27.30 -2.55
CA THR A 137 16.20 -27.50 -1.70
C THR A 137 16.00 -28.71 -0.74
N ARG A 138 16.87 -28.81 0.26
CA ARG A 138 16.74 -29.86 1.23
C ARG A 138 16.04 -29.31 2.43
N LYS A 139 15.46 -28.12 2.28
CA LYS A 139 14.74 -27.52 3.38
C LYS A 139 13.30 -28.03 3.37
N THR A 140 13.16 -29.34 3.60
CA THR A 140 11.90 -30.06 3.63
C THR A 140 11.56 -30.51 5.04
N LEU A 141 10.33 -30.97 5.28
CA LEU A 141 9.95 -31.39 6.62
C LEU A 141 10.25 -32.86 6.75
N PRO A 142 10.72 -33.27 7.92
CA PRO A 142 11.07 -34.67 8.18
C PRO A 142 9.92 -35.64 7.95
N GLY A 143 10.15 -36.55 7.03
CA GLY A 143 9.14 -37.54 6.72
C GLY A 143 8.32 -37.15 5.53
N LEU A 144 8.45 -35.92 5.06
CA LEU A 144 7.66 -35.50 3.90
C LEU A 144 8.43 -35.10 2.65
N ARG A 145 9.74 -35.28 2.62
CA ARG A 145 10.52 -34.88 1.45
C ARG A 145 10.06 -35.42 0.10
N ALA A 146 9.74 -36.71 0.03
CA ALA A 146 9.34 -37.30 -1.25
C ALA A 146 8.06 -36.69 -1.80
N LEU A 147 7.10 -36.46 -0.90
CA LEU A 147 5.85 -35.84 -1.28
C LEU A 147 6.06 -34.36 -1.69
N GLN A 148 6.79 -33.59 -0.85
CA GLN A 148 7.08 -32.18 -1.14
C GLN A 148 7.83 -32.02 -2.45
N LYS A 149 8.78 -32.95 -2.72
CA LYS A 149 9.57 -32.92 -3.95
C LYS A 149 8.67 -33.24 -5.14
N TYR A 150 7.72 -34.14 -4.91
CA TYR A 150 6.76 -34.51 -5.94
C TYR A 150 5.91 -33.31 -6.30
N ALA A 151 5.39 -32.64 -5.27
CA ALA A 151 4.56 -31.45 -5.45
C ALA A 151 5.20 -30.30 -6.23
N VAL A 152 6.49 -29.98 -6.00
CA VAL A 152 7.14 -28.88 -6.75
C VAL A 152 7.25 -29.28 -8.21
N ARG A 153 7.48 -30.56 -8.44
CA ARG A 153 7.55 -31.04 -9.80
C ARG A 153 6.16 -30.88 -10.47
N THR A 154 5.10 -31.12 -9.70
CA THR A 154 3.74 -31.01 -10.20
C THR A 154 3.41 -29.57 -10.57
N GLY A 155 3.93 -28.65 -9.76
CA GLY A 155 3.73 -27.24 -9.98
C GLY A 155 4.54 -26.69 -11.14
N GLY A 156 5.45 -27.49 -11.67
CA GLY A 156 6.27 -27.06 -12.79
C GLY A 156 7.74 -26.90 -12.48
N GLY A 157 8.12 -27.16 -11.24
CA GLY A 157 9.52 -27.05 -10.84
C GLY A 157 10.33 -28.30 -11.19
N VAL A 158 11.62 -28.26 -10.89
CA VAL A 158 12.48 -29.40 -11.14
C VAL A 158 13.20 -29.67 -9.81
N ASN A 159 13.29 -30.94 -9.43
CA ASN A 159 13.91 -31.29 -8.18
C ASN A 159 15.40 -31.14 -8.21
N HIS A 160 15.95 -30.76 -7.07
CA HIS A 160 17.37 -30.63 -6.89
C HIS A 160 17.70 -32.04 -6.32
N ARG A 161 18.74 -32.15 -5.50
CA ARG A 161 19.10 -33.46 -4.97
C ARG A 161 18.11 -33.88 -3.88
N LEU A 162 17.96 -35.19 -3.72
CA LEU A 162 17.07 -35.76 -2.72
C LEU A 162 17.72 -36.00 -1.36
N GLY A 163 19.03 -36.06 -1.32
CA GLY A 163 19.70 -36.27 -0.07
C GLY A 163 21.14 -35.87 -0.19
N LEU A 164 21.93 -36.31 0.78
CA LEU A 164 23.35 -36.00 0.89
C LEU A 164 24.32 -36.81 -0.03
N GLY A 165 23.97 -38.04 -0.38
CA GLY A 165 24.87 -38.83 -1.22
C GLY A 165 24.52 -38.82 -2.68
N ASP A 166 23.36 -38.25 -2.92
CA ASP A 166 22.73 -38.07 -4.23
C ASP A 166 23.67 -37.30 -5.21
N ALA A 167 24.27 -36.22 -4.68
CA ALA A 167 25.14 -35.35 -5.41
C ALA A 167 25.86 -34.55 -4.36
N ALA A 168 27.04 -34.06 -4.71
CA ALA A 168 27.87 -33.27 -3.83
C ALA A 168 27.48 -31.79 -3.89
N LEU A 169 27.54 -31.11 -2.75
CA LEU A 169 27.26 -29.69 -2.74
C LEU A 169 28.15 -29.11 -1.68
N ILE A 170 29.23 -28.47 -2.13
CA ILE A 170 30.17 -27.85 -1.18
C ILE A 170 29.60 -26.54 -0.63
N LYS A 171 29.32 -26.59 0.66
CA LYS A 171 28.75 -25.47 1.38
C LYS A 171 29.79 -24.70 2.17
N ASP A 172 29.34 -23.60 2.78
CA ASP A 172 30.20 -22.74 3.58
C ASP A 172 30.93 -23.46 4.74
N ASN A 173 30.23 -24.36 5.41
CA ASN A 173 30.82 -25.10 6.53
C ASN A 173 31.90 -26.09 6.06
N HIS A 174 31.82 -26.55 4.81
CA HIS A 174 32.86 -27.46 4.28
C HIS A 174 34.03 -26.58 3.92
N VAL A 175 33.74 -25.42 3.30
CA VAL A 175 34.77 -24.47 2.89
C VAL A 175 35.57 -24.11 4.14
N ALA A 176 34.87 -23.83 5.23
CA ALA A 176 35.51 -23.51 6.50
C ALA A 176 36.39 -24.68 6.91
N ALA A 177 35.81 -25.88 6.93
CA ALA A 177 36.53 -27.10 7.30
C ALA A 177 37.74 -27.38 6.36
N ALA A 178 37.54 -27.23 5.05
CA ALA A 178 38.57 -27.47 4.06
C ALA A 178 39.55 -26.33 4.00
N GLY A 179 39.22 -25.23 4.68
CA GLY A 179 40.09 -24.07 4.67
C GLY A 179 39.95 -23.20 3.43
N SER A 180 39.58 -23.79 2.30
CA SER A 180 39.43 -23.01 1.08
C SER A 180 38.37 -23.57 0.15
N VAL A 181 37.85 -22.69 -0.71
CA VAL A 181 36.84 -23.07 -1.69
C VAL A 181 37.47 -24.02 -2.68
N VAL A 182 38.64 -23.65 -3.18
CA VAL A 182 39.38 -24.46 -4.15
C VAL A 182 39.81 -25.79 -3.50
N ASP A 183 40.27 -25.72 -2.25
CA ASP A 183 40.70 -26.91 -1.52
C ASP A 183 39.57 -27.91 -1.45
N ALA A 184 38.42 -27.41 -0.97
CA ALA A 184 37.20 -28.19 -0.84
C ALA A 184 36.79 -28.86 -2.15
N LEU A 185 36.72 -28.07 -3.23
CA LEU A 185 36.34 -28.55 -4.55
C LEU A 185 37.27 -29.68 -5.02
N ARG A 186 38.57 -29.43 -4.92
CA ARG A 186 39.55 -30.42 -5.30
C ARG A 186 39.32 -31.71 -4.51
N ALA A 187 39.21 -31.57 -3.19
CA ALA A 187 38.99 -32.71 -2.29
C ALA A 187 37.83 -33.62 -2.68
N VAL A 188 36.73 -33.01 -3.07
CA VAL A 188 35.56 -33.78 -3.49
C VAL A 188 35.82 -34.42 -4.87
N ARG A 189 36.53 -33.71 -5.75
CA ARG A 189 36.81 -34.23 -7.09
C ARG A 189 37.58 -35.52 -6.94
N ASN A 190 38.54 -35.53 -6.02
CA ASN A 190 39.39 -36.68 -5.74
C ASN A 190 38.62 -37.83 -5.14
N ALA A 191 37.74 -37.51 -4.20
CA ALA A 191 36.95 -38.50 -3.50
C ALA A 191 35.79 -39.13 -4.29
N ALA A 192 35.00 -38.33 -4.98
CA ALA A 192 33.88 -38.86 -5.74
C ALA A 192 33.89 -38.20 -7.09
N PRO A 193 34.87 -38.54 -7.93
CA PRO A 193 35.08 -38.02 -9.28
C PRO A 193 33.96 -38.39 -10.29
N ASP A 194 33.08 -39.28 -9.89
CA ASP A 194 31.98 -39.73 -10.72
C ASP A 194 30.63 -39.01 -10.45
N LEU A 195 30.47 -38.54 -9.21
CA LEU A 195 29.28 -37.88 -8.66
C LEU A 195 29.15 -36.41 -9.06
N PRO A 196 27.90 -35.92 -9.23
CA PRO A 196 27.63 -34.52 -9.61
C PRO A 196 28.10 -33.59 -8.50
N CYS A 197 28.71 -32.48 -8.88
CA CYS A 197 29.25 -31.57 -7.91
C CYS A 197 28.78 -30.15 -8.12
N GLU A 198 28.27 -29.55 -7.05
CA GLU A 198 27.84 -28.17 -7.08
C GLU A 198 28.67 -27.54 -5.98
N VAL A 199 29.19 -26.36 -6.24
CA VAL A 199 29.97 -25.63 -5.23
C VAL A 199 29.28 -24.32 -4.92
N GLU A 200 29.09 -24.03 -3.65
CA GLU A 200 28.46 -22.82 -3.23
C GLU A 200 29.47 -21.67 -2.94
N VAL A 201 29.28 -20.52 -3.60
CA VAL A 201 30.14 -19.36 -3.44
C VAL A 201 29.32 -18.21 -2.96
N ASP A 202 29.88 -17.40 -2.08
CA ASP A 202 29.14 -16.26 -1.60
C ASP A 202 29.75 -14.90 -2.02
N SER A 203 30.72 -14.95 -2.94
CA SER A 203 31.36 -13.73 -3.43
C SER A 203 31.93 -13.93 -4.84
N LEU A 204 32.08 -12.83 -5.55
CA LEU A 204 32.62 -12.86 -6.89
C LEU A 204 34.07 -13.29 -6.84
N GLU A 205 34.71 -13.05 -5.70
CA GLU A 205 36.11 -13.41 -5.50
C GLU A 205 36.17 -14.93 -5.54
N GLN A 206 35.32 -15.56 -4.72
CA GLN A 206 35.27 -17.01 -4.68
C GLN A 206 34.88 -17.54 -6.02
N LEU A 207 33.94 -16.86 -6.67
CA LEU A 207 33.47 -17.26 -7.97
C LEU A 207 34.65 -17.32 -8.92
N ASP A 208 35.46 -16.27 -8.91
CA ASP A 208 36.62 -16.21 -9.80
C ASP A 208 37.55 -17.37 -9.54
N ALA A 209 37.72 -17.70 -8.27
CA ALA A 209 38.59 -18.77 -7.87
C ALA A 209 38.14 -20.18 -8.30
N VAL A 210 36.84 -20.45 -8.29
CA VAL A 210 36.40 -21.77 -8.68
C VAL A 210 36.02 -21.94 -10.13
N LEU A 211 35.76 -20.84 -10.83
CA LEU A 211 35.37 -20.92 -12.23
C LEU A 211 36.34 -21.76 -13.05
N PRO A 212 37.67 -21.51 -12.90
CA PRO A 212 38.70 -22.27 -13.64
C PRO A 212 38.68 -23.78 -13.38
N GLU A 213 38.29 -24.16 -12.15
CA GLU A 213 38.22 -25.55 -11.77
C GLU A 213 37.10 -26.24 -12.53
N LYS A 214 36.25 -25.46 -13.18
CA LYS A 214 35.14 -25.99 -13.95
C LYS A 214 34.18 -26.95 -13.22
N PRO A 215 33.53 -26.48 -12.16
CA PRO A 215 32.60 -27.38 -11.45
C PRO A 215 31.28 -27.52 -12.24
N GLU A 216 30.47 -28.53 -11.93
CA GLU A 216 29.21 -28.76 -12.65
C GLU A 216 28.24 -27.60 -12.52
N LEU A 217 28.11 -27.11 -11.29
CA LEU A 217 27.21 -26.03 -10.93
C LEU A 217 27.83 -25.17 -9.86
N ILE A 218 27.51 -23.88 -9.91
CA ILE A 218 27.98 -22.95 -8.88
C ILE A 218 26.70 -22.33 -8.33
N LEU A 219 26.57 -22.34 -7.02
CA LEU A 219 25.41 -21.80 -6.36
C LEU A 219 25.78 -20.41 -5.87
N LEU A 220 25.11 -19.41 -6.40
CA LEU A 220 25.38 -18.04 -6.04
C LEU A 220 24.59 -17.72 -4.77
N ASP A 221 25.27 -17.74 -3.63
CA ASP A 221 24.66 -17.51 -2.35
C ASP A 221 24.44 -16.06 -1.98
N ASN A 222 23.19 -15.63 -2.08
CA ASN A 222 22.79 -14.28 -1.75
C ASN A 222 23.41 -13.22 -2.60
N PHE A 223 23.46 -13.38 -3.90
CA PHE A 223 24.02 -12.33 -4.74
C PHE A 223 22.94 -11.31 -5.07
N ALA A 224 23.36 -10.05 -5.22
CA ALA A 224 22.48 -8.96 -5.60
C ALA A 224 22.26 -9.19 -7.07
N VAL A 225 21.25 -8.57 -7.66
CA VAL A 225 21.00 -8.79 -9.07
C VAL A 225 22.19 -8.39 -9.92
N TRP A 226 22.81 -7.26 -9.59
CA TRP A 226 23.95 -6.80 -10.38
C TRP A 226 25.12 -7.80 -10.29
N GLN A 227 25.31 -8.42 -9.13
CA GLN A 227 26.38 -9.40 -8.97
C GLN A 227 26.07 -10.66 -9.72
N THR A 228 24.77 -10.97 -9.86
CA THR A 228 24.34 -12.17 -10.60
C THR A 228 24.60 -11.95 -12.10
N GLN A 229 24.40 -10.74 -12.57
CA GLN A 229 24.63 -10.43 -13.96
C GLN A 229 26.12 -10.55 -14.25
N THR A 230 26.95 -9.97 -13.37
CA THR A 230 28.39 -10.06 -13.52
C THR A 230 28.79 -11.54 -13.55
N ALA A 231 28.34 -12.30 -12.56
CA ALA A 231 28.62 -13.74 -12.50
C ALA A 231 28.31 -14.44 -13.81
N VAL A 232 27.17 -14.12 -14.42
CA VAL A 232 26.76 -14.72 -15.69
C VAL A 232 27.68 -14.27 -16.81
N GLN A 233 28.10 -13.01 -16.78
CA GLN A 233 29.01 -12.51 -17.81
C GLN A 233 30.38 -13.20 -17.73
N ARG A 234 30.93 -13.33 -16.52
CA ARG A 234 32.22 -13.98 -16.36
C ARG A 234 32.11 -15.45 -16.72
N ARG A 235 31.05 -16.14 -16.28
CA ARG A 235 30.86 -17.55 -16.60
C ARG A 235 30.81 -17.74 -18.11
N ASP A 236 30.03 -16.92 -18.81
CA ASP A 236 29.89 -16.99 -20.28
C ASP A 236 31.23 -16.83 -20.99
N SER A 237 32.14 -16.07 -20.38
CA SER A 237 33.42 -15.81 -21.02
C SER A 237 34.55 -16.76 -20.59
N ARG A 238 34.49 -17.24 -19.37
CA ARG A 238 35.53 -18.10 -18.85
C ARG A 238 35.26 -19.59 -18.78
N ALA A 239 34.01 -19.97 -18.54
CA ALA A 239 33.66 -21.37 -18.41
C ALA A 239 32.21 -21.59 -18.80
N PRO A 240 31.93 -21.49 -20.10
CA PRO A 240 30.61 -21.65 -20.68
C PRO A 240 29.84 -22.89 -20.20
N THR A 241 30.57 -23.92 -19.82
CA THR A 241 29.94 -25.16 -19.40
C THR A 241 29.43 -25.18 -17.97
N VAL A 242 29.89 -24.24 -17.16
CA VAL A 242 29.47 -24.17 -15.77
C VAL A 242 28.06 -23.60 -15.73
N MET A 243 27.23 -24.22 -14.89
CA MET A 243 25.85 -23.81 -14.73
C MET A 243 25.74 -23.05 -13.45
N LEU A 244 24.92 -22.02 -13.50
CA LEU A 244 24.73 -21.14 -12.37
C LEU A 244 23.34 -21.27 -11.78
N GLU A 245 23.28 -21.21 -10.46
CA GLU A 245 22.04 -21.33 -9.69
C GLU A 245 21.96 -20.31 -8.57
N SER A 246 20.92 -19.48 -8.59
CA SER A 246 20.74 -18.48 -7.54
C SER A 246 20.03 -19.05 -6.31
N SER A 247 20.54 -18.77 -5.14
CA SER A 247 19.89 -19.23 -3.95
C SER A 247 20.19 -18.14 -2.93
N GLY A 248 19.21 -17.76 -2.13
CA GLY A 248 19.50 -16.73 -1.15
C GLY A 248 18.40 -15.72 -0.92
N GLY A 249 18.67 -14.46 -1.25
CA GLY A 249 17.68 -13.43 -1.04
C GLY A 249 16.72 -13.34 -2.19
N LEU A 250 16.00 -14.43 -2.45
CA LEU A 250 15.06 -14.50 -3.55
C LEU A 250 13.66 -14.29 -3.03
N SER A 251 12.88 -13.48 -3.74
CA SER A 251 11.50 -13.22 -3.39
C SER A 251 10.73 -13.31 -4.68
N LEU A 252 9.45 -13.65 -4.58
CA LEU A 252 8.64 -13.77 -5.76
C LEU A 252 8.62 -12.47 -6.53
N GLN A 253 8.71 -11.34 -5.82
CA GLN A 253 8.71 -10.02 -6.48
C GLN A 253 10.02 -9.75 -7.24
N THR A 254 11.12 -10.38 -6.82
CA THR A 254 12.42 -10.21 -7.49
C THR A 254 12.79 -11.31 -8.46
N ALA A 255 12.00 -12.38 -8.48
CA ALA A 255 12.28 -13.52 -9.33
C ALA A 255 12.62 -13.26 -10.80
N ALA A 256 11.82 -12.47 -11.49
CA ALA A 256 12.06 -12.27 -12.91
C ALA A 256 13.32 -11.50 -13.18
N THR A 257 13.66 -10.58 -12.29
CA THR A 257 14.86 -9.76 -12.43
C THR A 257 16.11 -10.65 -12.38
N TYR A 258 16.10 -11.61 -11.48
CA TYR A 258 17.21 -12.50 -11.39
C TYR A 258 17.24 -13.42 -12.58
N ALA A 259 16.08 -13.93 -12.97
CA ALA A 259 16.01 -14.83 -14.09
C ALA A 259 16.52 -14.16 -15.37
N GLU A 260 16.19 -12.90 -15.52
CA GLU A 260 16.61 -12.14 -16.68
C GLU A 260 18.14 -12.00 -16.80
N THR A 261 18.87 -12.11 -15.68
CA THR A 261 20.33 -12.01 -15.70
C THR A 261 20.87 -13.13 -16.54
N GLY A 262 20.12 -14.22 -16.60
CA GLY A 262 20.53 -15.34 -17.41
C GLY A 262 20.86 -16.62 -16.67
N VAL A 263 20.77 -16.63 -15.33
CA VAL A 263 21.07 -17.84 -14.57
C VAL A 263 20.25 -19.04 -15.06
N ASP A 264 20.76 -20.23 -14.78
CA ASP A 264 20.10 -21.43 -15.21
C ASP A 264 19.00 -21.89 -14.27
N TYR A 265 19.13 -21.58 -12.99
CA TYR A 265 18.16 -22.03 -12.04
C TYR A 265 18.01 -21.04 -10.92
N LEU A 266 16.91 -21.20 -10.18
CA LEU A 266 16.61 -20.40 -9.00
C LEU A 266 16.25 -21.49 -8.00
N ALA A 267 17.01 -21.59 -6.91
CA ALA A 267 16.80 -22.58 -5.86
C ALA A 267 15.94 -21.93 -4.77
N VAL A 268 14.69 -22.36 -4.61
CA VAL A 268 13.77 -21.73 -3.66
C VAL A 268 13.39 -22.58 -2.44
N GLY A 269 13.97 -22.24 -1.31
CA GLY A 269 13.69 -23.00 -0.11
C GLY A 269 12.28 -22.85 0.38
N ALA A 270 11.69 -21.69 0.16
CA ALA A 270 10.33 -21.38 0.61
C ALA A 270 9.29 -22.33 0.02
N LEU A 271 9.57 -22.84 -1.14
CA LEU A 271 8.66 -23.74 -1.76
C LEU A 271 8.27 -24.90 -0.79
N THR A 272 9.19 -25.33 0.07
CA THR A 272 8.93 -26.46 0.97
C THR A 272 8.96 -26.13 2.46
N HIS A 273 9.70 -25.10 2.86
CA HIS A 273 9.64 -24.67 4.26
C HIS A 273 8.64 -23.53 4.12
N SER A 274 8.03 -23.01 5.14
CA SER A 274 7.11 -21.91 4.79
C SER A 274 6.03 -22.16 3.73
N VAL A 275 5.27 -23.24 3.81
CA VAL A 275 4.21 -23.41 2.81
C VAL A 275 2.83 -23.02 3.37
N ARG A 276 1.98 -22.44 2.52
CA ARG A 276 0.66 -22.00 2.90
C ARG A 276 -0.29 -22.98 2.29
N VAL A 277 -1.16 -23.53 3.11
CA VAL A 277 -2.11 -24.53 2.66
C VAL A 277 -3.13 -24.11 1.61
N LEU A 278 -3.42 -24.98 0.64
CA LEU A 278 -4.47 -24.67 -0.29
C LEU A 278 -5.71 -25.15 0.48
N ASP A 279 -6.63 -24.23 0.77
CA ASP A 279 -7.85 -24.55 1.49
C ASP A 279 -8.81 -25.38 0.66
N ILE A 280 -9.09 -26.57 1.16
CA ILE A 280 -9.93 -27.56 0.51
C ILE A 280 -10.83 -28.22 1.52
N GLY A 281 -12.10 -28.43 1.17
CA GLY A 281 -12.98 -29.08 2.12
C GLY A 281 -13.64 -30.32 1.53
N LEU A 282 -14.16 -31.18 2.41
CA LEU A 282 -14.88 -32.40 2.02
C LEU A 282 -16.33 -32.05 2.21
N ASP A 283 -17.06 -31.92 1.09
CA ASP A 283 -18.48 -31.55 1.13
C ASP A 283 -19.38 -32.72 0.88
N MET A 284 -20.27 -32.95 1.83
CA MET A 284 -21.25 -34.01 1.74
C MET A 284 -22.62 -33.36 1.63
N GLY B 1 8.72 -28.98 29.10
CA GLY B 1 9.67 -29.56 28.11
C GLY B 1 8.92 -30.57 27.26
N LEU B 2 9.65 -31.49 26.66
CA LEU B 2 9.02 -32.50 25.83
C LEU B 2 8.41 -33.55 26.76
N SER B 3 7.29 -34.12 26.33
CA SER B 3 6.61 -35.15 27.09
C SER B 3 7.16 -36.46 26.56
N ASP B 4 6.77 -37.55 27.21
CA ASP B 4 7.20 -38.89 26.86
C ASP B 4 6.85 -39.14 25.41
N TRP B 5 5.62 -38.76 25.10
CA TRP B 5 5.03 -38.92 23.79
C TRP B 5 5.68 -37.97 22.82
N GLU B 6 5.95 -36.74 23.27
CA GLU B 6 6.57 -35.72 22.43
C GLU B 6 8.00 -36.08 22.09
N LEU B 7 8.70 -36.66 23.06
CA LEU B 7 10.09 -37.11 22.92
C LEU B 7 10.14 -38.21 21.86
N ALA B 8 9.23 -39.19 21.97
CA ALA B 8 9.16 -40.30 21.02
C ALA B 8 8.78 -39.82 19.64
N ALA B 9 7.88 -38.86 19.58
CA ALA B 9 7.46 -38.28 18.33
C ALA B 9 8.70 -37.63 17.73
N ALA B 10 9.46 -36.95 18.59
CA ALA B 10 10.68 -36.27 18.16
C ALA B 10 11.72 -37.24 17.58
N ARG B 11 12.05 -38.30 18.31
CA ARG B 11 13.05 -39.25 17.81
C ARG B 11 12.60 -39.86 16.49
N ALA B 12 11.32 -40.12 16.38
CA ALA B 12 10.80 -40.72 15.15
C ALA B 12 10.98 -39.75 13.99
N ALA B 13 10.67 -38.47 14.22
CA ALA B 13 10.83 -37.43 13.20
C ALA B 13 12.32 -37.25 12.83
N ILE B 14 13.22 -37.16 13.82
CA ILE B 14 14.64 -37.00 13.50
C ILE B 14 15.11 -38.28 12.74
N ALA B 15 14.59 -39.44 13.12
CA ALA B 15 14.97 -40.68 12.45
C ALA B 15 14.54 -40.69 10.98
N ARG B 16 13.32 -40.22 10.70
CA ARG B 16 12.83 -40.15 9.33
C ARG B 16 13.62 -39.07 8.57
N GLY B 17 13.94 -37.97 9.25
CA GLY B 17 14.69 -36.92 8.60
C GLY B 17 16.05 -37.42 8.10
N LEU B 18 16.83 -38.01 9.01
CA LEU B 18 18.15 -38.53 8.72
C LEU B 18 18.10 -39.58 7.64
N ASP B 19 17.09 -40.43 7.70
CA ASP B 19 16.98 -41.47 6.69
C ASP B 19 16.73 -40.87 5.32
N GLU B 20 16.07 -39.73 5.24
CA GLU B 20 15.84 -39.11 3.92
C GLU B 20 17.17 -38.59 3.37
N ASP B 21 18.00 -38.08 4.27
CA ASP B 21 19.32 -37.56 3.91
C ASP B 21 20.37 -38.61 3.54
N LEU B 22 20.35 -39.74 4.24
CA LEU B 22 21.31 -40.81 4.03
C LEU B 22 20.90 -41.95 3.14
N ARG B 23 19.66 -41.96 2.72
CA ARG B 23 19.11 -43.00 1.86
C ARG B 23 19.88 -43.27 0.57
N TYR B 24 20.54 -42.25 0.01
CA TYR B 24 21.25 -42.46 -1.25
C TYR B 24 22.72 -42.73 -1.11
N GLY B 25 23.17 -42.88 0.12
CA GLY B 25 24.56 -43.12 0.37
C GLY B 25 25.00 -42.17 1.45
N PRO B 26 26.29 -42.20 1.80
CA PRO B 26 26.80 -41.33 2.85
C PRO B 26 27.00 -39.88 2.39
N ASP B 27 27.31 -39.04 3.35
CA ASP B 27 27.53 -37.66 3.09
C ASP B 27 28.90 -37.53 2.43
N VAL B 28 28.95 -37.86 1.15
CA VAL B 28 30.21 -37.84 0.43
C VAL B 28 31.01 -36.54 0.58
N THR B 29 30.33 -35.41 0.49
CA THR B 29 31.00 -34.14 0.55
C THR B 29 31.67 -33.81 1.89
N THR B 30 31.10 -34.21 3.02
CA THR B 30 31.79 -33.90 4.27
C THR B 30 32.84 -34.94 4.55
N LEU B 31 32.64 -36.14 4.02
CA LEU B 31 33.61 -37.22 4.16
C LEU B 31 34.89 -36.82 3.42
N ALA B 32 34.71 -36.23 2.24
CA ALA B 32 35.82 -35.80 1.39
C ALA B 32 36.49 -34.53 1.87
N THR B 33 35.80 -33.70 2.64
CA THR B 33 36.41 -32.43 3.06
C THR B 33 36.85 -32.29 4.49
N VAL B 34 36.23 -33.02 5.41
CA VAL B 34 36.60 -32.93 6.82
C VAL B 34 36.99 -34.28 7.41
N PRO B 35 38.10 -34.32 8.13
CA PRO B 35 38.60 -35.55 8.74
C PRO B 35 37.83 -35.99 9.96
N ALA B 36 37.81 -37.29 10.17
CA ALA B 36 37.11 -37.85 11.29
C ALA B 36 37.47 -37.23 12.61
N SER B 37 38.73 -36.82 12.77
CA SER B 37 39.18 -36.22 14.04
C SER B 37 38.80 -34.75 14.25
N ALA B 38 38.27 -34.08 13.23
CA ALA B 38 37.87 -32.68 13.35
C ALA B 38 36.85 -32.40 14.46
N THR B 39 36.91 -31.21 14.98
CA THR B 39 36.03 -30.78 16.03
C THR B 39 35.90 -29.28 15.92
N THR B 40 34.72 -28.73 16.23
CA THR B 40 34.49 -27.29 16.20
C THR B 40 33.54 -26.87 17.28
N THR B 41 33.34 -25.57 17.34
CA THR B 41 32.41 -24.92 18.21
C THR B 41 31.53 -24.34 17.12
N ALA B 42 30.23 -24.61 17.14
CA ALA B 42 29.31 -24.08 16.12
C ALA B 42 28.16 -23.44 16.86
N SER B 43 27.47 -22.52 16.20
CA SER B 43 26.34 -21.87 16.84
C SER B 43 25.10 -21.87 16.01
N LEU B 44 23.98 -22.15 16.66
CA LEU B 44 22.69 -22.09 16.00
C LEU B 44 22.36 -20.62 16.14
N VAL B 45 22.46 -19.83 15.07
CA VAL B 45 22.10 -18.43 15.22
C VAL B 45 20.96 -18.00 14.32
N THR B 46 20.03 -17.22 14.89
CA THR B 46 18.87 -16.76 14.11
C THR B 46 19.20 -15.67 13.13
N ARG B 47 18.64 -15.76 11.94
CA ARG B 47 18.87 -14.70 11.01
C ARG B 47 17.74 -13.67 11.17
N GLU B 48 16.77 -13.96 12.05
CA GLU B 48 15.66 -13.08 12.28
C GLU B 48 15.11 -13.21 13.67
N ALA B 49 14.21 -12.33 14.06
CA ALA B 49 13.63 -12.34 15.41
C ALA B 49 12.40 -13.22 15.50
N GLY B 50 12.16 -13.75 16.68
CA GLY B 50 11.01 -14.61 16.83
C GLY B 50 11.08 -15.24 18.19
N VAL B 51 10.29 -16.28 18.38
CA VAL B 51 10.27 -17.05 19.63
C VAL B 51 10.87 -18.42 19.27
N VAL B 52 11.76 -18.90 20.12
CA VAL B 52 12.44 -20.13 19.88
C VAL B 52 11.72 -21.33 20.45
N ALA B 53 11.67 -22.41 19.70
CA ALA B 53 11.05 -23.63 20.19
C ALA B 53 11.70 -24.81 19.52
N GLY B 54 11.80 -25.91 20.25
CA GLY B 54 12.37 -27.14 19.70
C GLY B 54 13.85 -27.31 19.81
N LEU B 55 14.46 -26.64 20.78
CA LEU B 55 15.90 -26.71 20.99
C LEU B 55 16.32 -28.09 21.48
N ASP B 56 15.47 -28.76 22.22
CA ASP B 56 15.81 -30.11 22.65
C ASP B 56 15.86 -31.01 21.44
N VAL B 57 15.00 -30.75 20.46
CA VAL B 57 15.00 -31.58 19.28
C VAL B 57 16.37 -31.46 18.57
N ALA B 58 17.08 -30.37 18.82
CA ALA B 58 18.40 -30.22 18.20
C ALA B 58 19.32 -31.19 18.88
N LEU B 59 19.33 -31.15 20.22
CA LEU B 59 20.15 -32.04 21.00
C LEU B 59 19.89 -33.54 20.65
N LEU B 60 18.61 -33.88 20.43
CA LEU B 60 18.24 -35.26 20.09
C LEU B 60 18.81 -35.66 18.77
N THR B 61 18.94 -34.69 17.85
CA THR B 61 19.50 -34.99 16.52
C THR B 61 20.99 -35.35 16.64
N LEU B 62 21.70 -34.63 17.50
CA LEU B 62 23.10 -34.85 17.75
C LEU B 62 23.26 -36.20 18.45
N ASN B 63 22.44 -36.48 19.45
CA ASN B 63 22.51 -37.78 20.11
C ASN B 63 22.43 -38.89 19.07
N GLU B 64 21.53 -38.70 18.13
CA GLU B 64 21.35 -39.71 17.12
C GLU B 64 22.52 -39.82 16.20
N VAL B 65 23.09 -38.69 15.82
CA VAL B 65 24.21 -38.70 14.90
C VAL B 65 25.58 -38.88 15.55
N LEU B 66 25.82 -38.16 16.64
CA LEU B 66 27.09 -38.20 17.39
C LEU B 66 27.10 -39.01 18.68
N GLY B 67 25.94 -39.37 19.21
CA GLY B 67 25.93 -40.08 20.48
C GLY B 67 26.00 -39.04 21.57
N THR B 68 25.37 -39.33 22.71
CA THR B 68 25.33 -38.40 23.83
C THR B 68 26.68 -37.81 24.22
N ASN B 69 27.71 -38.65 24.20
CA ASN B 69 29.04 -38.21 24.57
C ASN B 69 29.79 -37.69 23.34
N GLY B 70 29.06 -37.34 22.29
CA GLY B 70 29.71 -36.88 21.07
C GLY B 70 29.81 -35.39 20.95
N TYR B 71 29.17 -34.67 21.86
CA TYR B 71 29.19 -33.23 21.81
C TYR B 71 29.02 -32.66 23.18
N ARG B 72 29.25 -31.36 23.28
CA ARG B 72 29.15 -30.60 24.52
C ARG B 72 28.39 -29.31 24.21
N VAL B 73 27.45 -28.96 25.09
CA VAL B 73 26.67 -27.74 24.95
C VAL B 73 27.32 -26.70 25.85
N LEU B 74 27.98 -25.71 25.25
CA LEU B 74 28.64 -24.66 26.00
C LEU B 74 27.66 -23.61 26.46
N ASP B 75 26.59 -23.43 25.70
CA ASP B 75 25.59 -22.44 26.05
C ASP B 75 24.33 -22.66 25.23
N ARG B 76 23.21 -22.28 25.82
CA ARG B 76 21.95 -22.43 25.16
C ARG B 76 20.91 -21.54 25.79
N VAL B 77 19.90 -21.24 24.98
CA VAL B 77 18.80 -20.40 25.36
C VAL B 77 17.65 -21.35 25.70
N GLU B 78 16.66 -20.85 26.41
CA GLU B 78 15.52 -21.69 26.73
C GLU B 78 14.45 -21.57 25.65
N ASP B 79 13.73 -22.66 25.45
CA ASP B 79 12.63 -22.67 24.49
C ASP B 79 11.59 -21.67 25.02
N GLY B 80 10.99 -20.91 24.12
CA GLY B 80 9.98 -19.96 24.51
C GLY B 80 10.56 -18.57 24.59
N ALA B 81 11.88 -18.47 24.48
CA ALA B 81 12.58 -17.20 24.56
C ALA B 81 12.34 -16.36 23.34
N ARG B 82 12.04 -15.09 23.56
CA ARG B 82 11.81 -14.13 22.49
C ARG B 82 13.22 -13.73 22.13
N VAL B 83 13.53 -13.78 20.84
CA VAL B 83 14.89 -13.56 20.37
C VAL B 83 15.06 -12.59 19.20
N PRO B 84 16.13 -11.78 19.25
CA PRO B 84 16.44 -10.82 18.19
C PRO B 84 17.26 -11.53 17.11
N PRO B 85 17.47 -10.88 15.94
CA PRO B 85 18.23 -11.41 14.82
C PRO B 85 19.50 -12.22 15.05
N GLY B 86 20.66 -11.63 15.28
CA GLY B 86 21.86 -12.48 15.39
C GLY B 86 22.10 -13.18 16.70
N GLU B 87 21.03 -13.65 17.34
CA GLU B 87 21.11 -14.32 18.63
C GLU B 87 21.56 -15.77 18.53
N ALA B 88 22.47 -16.16 19.41
CA ALA B 88 23.01 -17.52 19.38
C ALA B 88 22.15 -18.37 20.30
N LEU B 89 21.32 -19.20 19.70
CA LEU B 89 20.39 -20.03 20.43
C LEU B 89 21.08 -21.09 21.25
N MET B 90 22.17 -21.62 20.70
CA MET B 90 22.90 -22.70 21.32
C MET B 90 24.34 -22.80 20.77
N THR B 91 25.31 -22.91 21.65
CA THR B 91 26.70 -23.02 21.24
C THR B 91 27.16 -24.40 21.70
N LEU B 92 27.76 -25.15 20.79
CA LEU B 92 28.23 -26.46 21.12
C LEU B 92 29.56 -26.81 20.50
N GLU B 93 30.18 -27.85 21.03
CA GLU B 93 31.45 -28.30 20.55
C GLU B 93 31.19 -29.73 20.16
N ALA B 94 31.52 -30.10 18.92
CA ALA B 94 31.28 -31.45 18.47
C ALA B 94 32.16 -31.84 17.32
N GLN B 95 32.19 -33.13 17.06
CA GLN B 95 32.97 -33.63 15.94
C GLN B 95 32.31 -32.98 14.75
N THR B 96 33.13 -32.32 13.94
CA THR B 96 32.65 -31.62 12.75
C THR B 96 31.82 -32.42 11.74
N ARG B 97 32.24 -33.62 11.36
CA ARG B 97 31.48 -34.42 10.40
C ARG B 97 30.04 -34.63 10.89
N GLY B 98 29.90 -35.01 12.16
CA GLY B 98 28.60 -35.27 12.73
C GLY B 98 27.71 -34.06 12.63
N LEU B 99 28.27 -32.87 12.89
CA LEU B 99 27.54 -31.64 12.82
C LEU B 99 27.02 -31.40 11.41
N LEU B 100 27.91 -31.45 10.43
CA LEU B 100 27.51 -31.19 9.04
C LEU B 100 26.50 -32.16 8.49
N THR B 101 26.47 -33.36 9.04
CA THR B 101 25.50 -34.35 8.57
C THR B 101 24.17 -34.10 9.23
N ALA B 102 24.19 -33.77 10.53
CA ALA B 102 22.96 -33.48 11.30
C ALA B 102 22.31 -32.12 11.00
N GLU B 103 23.13 -31.16 10.57
CA GLU B 103 22.72 -29.79 10.27
C GLU B 103 21.33 -29.54 9.65
N ARG B 104 21.11 -29.99 8.42
CA ARG B 104 19.87 -29.76 7.75
C ARG B 104 18.66 -30.29 8.48
N THR B 105 18.71 -31.53 8.97
CA THR B 105 17.59 -32.14 9.72
C THR B 105 17.27 -31.35 10.99
N MET B 106 18.31 -31.02 11.73
CA MET B 106 18.24 -30.27 12.97
C MET B 106 17.61 -28.87 12.71
N LEU B 107 18.20 -28.10 11.81
CA LEU B 107 17.70 -26.79 11.41
C LEU B 107 16.26 -26.80 10.90
N ASN B 108 15.93 -27.76 10.04
CA ASN B 108 14.56 -27.90 9.52
C ASN B 108 13.51 -28.08 10.64
N LEU B 109 13.81 -28.88 11.68
CA LEU B 109 12.88 -29.07 12.76
C LEU B 109 12.71 -27.83 13.65
N VAL B 110 13.82 -27.25 14.12
CA VAL B 110 13.68 -26.09 14.99
C VAL B 110 13.22 -24.84 14.24
N GLY B 111 13.55 -24.74 12.96
CA GLY B 111 13.07 -23.59 12.21
C GLY B 111 11.57 -23.72 12.05
N HIS B 112 11.08 -24.95 11.85
CA HIS B 112 9.65 -25.16 11.69
C HIS B 112 8.94 -24.86 12.99
N LEU B 113 9.40 -25.47 14.07
CA LEU B 113 8.76 -25.27 15.35
C LEU B 113 8.86 -23.86 15.86
N SER B 114 9.96 -23.18 15.62
CA SER B 114 10.09 -21.83 16.08
C SER B 114 9.14 -21.01 15.24
N GLY B 115 8.90 -21.44 14.01
CA GLY B 115 7.99 -20.72 13.13
C GLY B 115 6.60 -20.73 13.77
N ILE B 116 6.20 -21.88 14.27
CA ILE B 116 4.91 -22.06 14.90
C ILE B 116 4.77 -21.26 16.17
N ALA B 117 5.71 -21.38 17.06
CA ALA B 117 5.68 -20.63 18.32
C ALA B 117 5.72 -19.12 18.09
N THR B 118 6.46 -18.71 17.08
CA THR B 118 6.58 -17.28 16.75
C THR B 118 5.19 -16.74 16.30
N ALA B 119 4.53 -17.48 15.43
CA ALA B 119 3.22 -17.10 14.97
C ALA B 119 2.23 -17.07 16.09
N THR B 120 2.20 -18.13 16.91
CA THR B 120 1.23 -18.18 17.99
C THR B 120 1.43 -17.12 19.01
N ALA B 121 2.66 -16.69 19.22
CA ALA B 121 2.91 -15.61 20.18
C ALA B 121 2.38 -14.30 19.61
N ALA B 122 2.31 -14.21 18.30
CA ALA B 122 1.84 -12.99 17.68
C ALA B 122 0.34 -12.89 17.99
N TRP B 123 -0.37 -14.00 17.80
CA TRP B 123 -1.81 -14.06 18.03
C TRP B 123 -2.07 -13.80 19.48
N VAL B 124 -1.22 -14.36 20.33
CA VAL B 124 -1.38 -14.19 21.75
C VAL B 124 -1.25 -12.72 22.12
N ASP B 125 -0.33 -11.99 21.50
CA ASP B 125 -0.17 -10.56 21.81
C ASP B 125 -1.37 -9.80 21.31
N ALA B 126 -1.86 -10.20 20.13
CA ALA B 126 -3.02 -9.59 19.50
C ALA B 126 -4.26 -9.53 20.36
N VAL B 127 -4.55 -10.61 21.10
CA VAL B 127 -5.74 -10.65 21.93
C VAL B 127 -5.48 -10.34 23.40
N ARG B 128 -4.35 -9.69 23.66
CA ARG B 128 -3.96 -9.32 25.00
C ARG B 128 -5.00 -8.33 25.55
N GLY B 129 -5.32 -8.41 26.86
CA GLY B 129 -6.32 -7.53 27.47
C GLY B 129 -7.77 -7.93 27.22
N THR B 130 -7.89 -9.19 26.80
CA THR B 130 -9.12 -9.87 26.44
C THR B 130 -9.03 -11.17 27.24
N LYS B 131 -10.12 -11.93 27.34
CA LYS B 131 -10.08 -13.18 28.09
C LYS B 131 -9.82 -14.37 27.16
N ALA B 132 -9.80 -14.09 25.86
CA ALA B 132 -9.60 -15.11 24.86
C ALA B 132 -8.23 -15.78 24.84
N LYS B 133 -8.27 -17.09 24.64
CA LYS B 133 -7.09 -17.93 24.53
C LYS B 133 -7.04 -18.41 23.07
N ILE B 134 -5.82 -18.58 22.56
CA ILE B 134 -5.58 -19.01 21.17
C ILE B 134 -5.43 -20.52 21.21
N ARG B 135 -6.11 -21.20 20.32
CA ARG B 135 -6.06 -22.65 20.34
C ARG B 135 -5.72 -23.19 18.97
N ASP B 136 -5.21 -24.41 18.92
CA ASP B 136 -4.86 -25.01 17.65
C ASP B 136 -5.97 -25.90 17.13
N THR B 137 -5.72 -26.59 16.03
CA THR B 137 -6.67 -27.47 15.42
C THR B 137 -6.05 -28.85 15.11
N ARG B 138 -6.76 -29.65 14.34
CA ARG B 138 -6.23 -30.95 13.92
C ARG B 138 -5.69 -30.81 12.50
N LYS B 139 -5.49 -29.56 12.06
CA LYS B 139 -4.93 -29.29 10.71
C LYS B 139 -3.40 -29.23 10.86
N THR B 140 -2.82 -30.38 11.18
CA THR B 140 -1.41 -30.58 11.41
C THR B 140 -0.80 -31.42 10.31
N LEU B 141 0.52 -31.57 10.29
CA LEU B 141 1.13 -32.37 9.22
C LEU B 141 1.28 -33.79 9.74
N PRO B 142 0.94 -34.80 8.93
CA PRO B 142 1.04 -36.22 9.30
C PRO B 142 2.40 -36.61 9.83
N GLY B 143 2.44 -36.95 11.10
CA GLY B 143 3.71 -37.33 11.69
C GLY B 143 4.29 -36.25 12.56
N LEU B 144 3.75 -35.03 12.48
CA LEU B 144 4.30 -33.96 13.28
C LEU B 144 3.35 -33.34 14.29
N ARG B 145 2.17 -33.93 14.47
CA ARG B 145 1.23 -33.34 15.41
C ARG B 145 1.73 -33.07 16.80
N ALA B 146 2.44 -34.02 17.39
CA ALA B 146 2.93 -33.80 18.75
C ALA B 146 3.95 -32.66 18.83
N LEU B 147 4.75 -32.47 17.79
CA LEU B 147 5.73 -31.42 17.79
C LEU B 147 5.06 -30.06 17.52
N GLN B 148 4.15 -30.01 16.56
CA GLN B 148 3.41 -28.78 16.28
C GLN B 148 2.56 -28.30 17.46
N LYS B 149 1.94 -29.25 18.16
CA LYS B 149 1.10 -28.91 19.31
C LYS B 149 2.01 -28.35 20.41
N TYR B 150 3.21 -28.90 20.50
CA TYR B 150 4.15 -28.47 21.51
C TYR B 150 4.57 -27.04 21.24
N ALA B 151 4.81 -26.74 19.96
CA ALA B 151 5.27 -25.42 19.55
C ALA B 151 4.25 -24.34 19.82
N VAL B 152 2.94 -24.62 19.64
CA VAL B 152 1.94 -23.58 19.94
C VAL B 152 1.87 -23.34 21.44
N ARG B 153 2.04 -24.39 22.21
CA ARG B 153 2.03 -24.25 23.65
C ARG B 153 3.19 -23.36 24.06
N THR B 154 4.36 -23.58 23.43
CA THR B 154 5.59 -22.82 23.69
C THR B 154 5.44 -21.33 23.37
N GLY B 155 4.64 -21.06 22.35
CA GLY B 155 4.37 -19.69 21.97
C GLY B 155 3.26 -19.06 22.80
N GLY B 156 2.67 -19.82 23.72
CA GLY B 156 1.62 -19.28 24.59
C GLY B 156 0.17 -19.67 24.31
N GLY B 157 -0.06 -20.56 23.35
CA GLY B 157 -1.41 -20.98 23.03
C GLY B 157 -1.78 -22.19 23.86
N VAL B 158 -2.99 -22.69 23.66
CA VAL B 158 -3.42 -23.86 24.39
C VAL B 158 -3.93 -24.88 23.40
N ASN B 159 -3.55 -26.13 23.61
CA ASN B 159 -3.94 -27.21 22.74
C ASN B 159 -5.42 -27.53 22.77
N HIS B 160 -5.90 -27.96 21.62
CA HIS B 160 -7.30 -28.37 21.48
C HIS B 160 -7.14 -29.90 21.62
N ARG B 161 -8.07 -30.67 21.06
CA ARG B 161 -7.93 -32.10 21.16
C ARG B 161 -6.80 -32.60 20.28
N LEU B 162 -6.21 -33.70 20.70
CA LEU B 162 -5.09 -34.28 19.98
C LEU B 162 -5.52 -35.26 18.90
N GLY B 163 -6.77 -35.73 18.98
CA GLY B 163 -7.24 -36.67 17.99
C GLY B 163 -8.74 -36.74 18.01
N LEU B 164 -9.25 -37.74 17.33
CA LEU B 164 -10.67 -37.96 17.21
C LEU B 164 -11.36 -38.50 18.47
N GLY B 165 -10.71 -39.38 19.23
CA GLY B 165 -11.36 -39.94 20.40
C GLY B 165 -11.02 -39.20 21.66
N ASP B 166 -10.19 -38.19 21.49
CA ASP B 166 -9.68 -37.33 22.57
C ASP B 166 -10.83 -36.56 23.26
N ALA B 167 -11.77 -36.09 22.43
CA ALA B 167 -12.91 -35.28 22.83
C ALA B 167 -13.81 -35.29 21.65
N ALA B 168 -15.06 -34.94 21.88
CA ALA B 168 -16.03 -34.92 20.81
C ALA B 168 -16.16 -33.53 20.16
N LEU B 169 -16.44 -33.51 18.86
CA LEU B 169 -16.60 -32.26 18.17
C LEU B 169 -17.56 -32.51 17.04
N ILE B 170 -18.83 -32.20 17.28
CA ILE B 170 -19.84 -32.40 16.28
C ILE B 170 -19.66 -31.34 15.21
N LYS B 171 -19.35 -31.79 14.01
CA LYS B 171 -19.13 -30.95 12.84
C LYS B 171 -20.31 -30.99 11.91
N ASP B 172 -20.21 -30.22 10.83
CA ASP B 172 -21.26 -30.11 9.84
C ASP B 172 -21.67 -31.41 9.20
N ASN B 173 -20.70 -32.29 8.97
CA ASN B 173 -20.96 -33.57 8.36
C ASN B 173 -21.71 -34.56 9.30
N HIS B 174 -21.63 -34.34 10.61
CA HIS B 174 -22.32 -35.20 11.59
C HIS B 174 -23.72 -34.72 11.72
N VAL B 175 -23.85 -33.40 11.85
CA VAL B 175 -25.17 -32.77 11.98
C VAL B 175 -26.01 -33.25 10.79
N ALA B 176 -25.41 -33.25 9.60
CA ALA B 176 -26.05 -33.69 8.36
C ALA B 176 -26.49 -35.14 8.52
N ALA B 177 -25.53 -35.98 8.89
CA ALA B 177 -25.81 -37.39 9.10
C ALA B 177 -26.87 -37.61 10.20
N ALA B 178 -26.72 -36.92 11.31
CA ALA B 178 -27.65 -37.05 12.42
C ALA B 178 -28.96 -36.33 12.12
N GLY B 179 -28.95 -35.54 11.04
CA GLY B 179 -30.13 -34.80 10.64
C GLY B 179 -30.39 -33.51 11.43
N SER B 180 -29.82 -33.40 12.62
CA SER B 180 -30.04 -32.20 13.42
C SER B 180 -28.92 -32.00 14.41
N VAL B 181 -28.69 -30.74 14.76
CA VAL B 181 -27.65 -30.36 15.72
C VAL B 181 -27.99 -30.96 17.06
N VAL B 182 -29.23 -30.77 17.49
CA VAL B 182 -29.66 -31.30 18.77
C VAL B 182 -29.64 -32.84 18.78
N ASP B 183 -30.03 -33.43 17.65
CA ASP B 183 -30.05 -34.89 17.50
C ASP B 183 -28.65 -35.43 17.72
N ALA B 184 -27.72 -34.92 16.93
CA ALA B 184 -26.33 -35.27 17.00
C ALA B 184 -25.80 -35.10 18.43
N LEU B 185 -26.04 -33.92 19.00
CA LEU B 185 -25.59 -33.58 20.36
C LEU B 185 -26.09 -34.59 21.37
N ARG B 186 -27.39 -34.86 21.34
CA ARG B 186 -27.98 -35.82 22.25
C ARG B 186 -27.35 -37.20 22.08
N ALA B 187 -27.26 -37.63 20.83
CA ALA B 187 -26.67 -38.93 20.46
C ALA B 187 -25.29 -39.15 21.06
N VAL B 188 -24.43 -38.14 20.97
CA VAL B 188 -23.08 -38.21 21.50
C VAL B 188 -23.09 -38.17 23.02
N ARG B 189 -24.05 -37.47 23.60
CA ARG B 189 -24.16 -37.38 25.05
C ARG B 189 -24.50 -38.77 25.59
N ASN B 190 -25.41 -39.46 24.92
CA ASN B 190 -25.81 -40.79 25.33
C ASN B 190 -24.69 -41.82 25.16
N ALA B 191 -23.94 -41.70 24.05
CA ALA B 191 -22.84 -42.61 23.72
C ALA B 191 -21.54 -42.43 24.50
N ALA B 192 -21.13 -41.19 24.77
CA ALA B 192 -19.91 -40.90 25.49
C ALA B 192 -20.14 -39.73 26.41
N PRO B 193 -20.94 -39.92 27.47
CA PRO B 193 -21.32 -38.93 28.48
C PRO B 193 -20.18 -38.45 29.38
N ASP B 194 -19.08 -39.16 29.33
CA ASP B 194 -17.91 -38.84 30.13
C ASP B 194 -16.92 -37.97 29.33
N LEU B 195 -17.14 -37.92 28.01
CA LEU B 195 -16.28 -37.21 27.08
C LEU B 195 -16.65 -35.73 26.83
N PRO B 196 -15.64 -34.84 26.74
CA PRO B 196 -15.93 -33.43 26.49
C PRO B 196 -16.57 -33.33 25.11
N CYS B 197 -17.54 -32.43 25.00
CA CYS B 197 -18.29 -32.26 23.78
C CYS B 197 -18.27 -30.82 23.30
N GLU B 198 -17.97 -30.64 22.01
CA GLU B 198 -17.97 -29.32 21.37
C GLU B 198 -18.91 -29.50 20.21
N VAL B 199 -19.79 -28.52 19.97
CA VAL B 199 -20.68 -28.61 18.83
C VAL B 199 -20.43 -27.40 17.93
N GLU B 200 -20.29 -27.68 16.65
CA GLU B 200 -20.03 -26.65 15.69
C GLU B 200 -21.29 -26.12 15.03
N VAL B 201 -21.54 -24.83 15.18
CA VAL B 201 -22.69 -24.19 14.57
C VAL B 201 -22.26 -23.18 13.49
N ASP B 202 -23.02 -23.08 12.42
CA ASP B 202 -22.70 -22.10 11.40
C ASP B 202 -23.77 -21.02 11.25
N SER B 203 -24.67 -20.91 12.23
CA SER B 203 -25.71 -19.88 12.17
C SER B 203 -26.24 -19.56 13.55
N LEU B 204 -26.86 -18.40 13.67
CA LEU B 204 -27.44 -17.96 14.94
C LEU B 204 -28.63 -18.79 15.30
N GLU B 205 -29.28 -19.37 14.28
CA GLU B 205 -30.44 -20.23 14.48
C GLU B 205 -30.00 -21.49 15.21
N GLN B 206 -28.97 -22.15 14.66
CA GLN B 206 -28.43 -23.36 15.24
C GLN B 206 -27.95 -23.07 16.61
N LEU B 207 -27.33 -21.90 16.77
CA LEU B 207 -26.84 -21.48 18.06
C LEU B 207 -27.97 -21.48 19.08
N ASP B 208 -29.12 -20.88 18.73
CA ASP B 208 -30.27 -20.83 19.65
C ASP B 208 -30.73 -22.23 20.00
N ALA B 209 -30.74 -23.11 19.01
CA ALA B 209 -31.14 -24.51 19.18
C ALA B 209 -30.26 -25.34 20.10
N VAL B 210 -28.96 -25.07 20.14
CA VAL B 210 -28.08 -25.85 21.01
C VAL B 210 -27.77 -25.24 22.36
N LEU B 211 -27.96 -23.94 22.50
CA LEU B 211 -27.68 -23.26 23.77
C LEU B 211 -28.41 -23.90 24.95
N PRO B 212 -29.69 -24.25 24.78
CA PRO B 212 -30.44 -24.87 25.87
C PRO B 212 -29.88 -26.24 26.27
N GLU B 213 -29.33 -26.98 25.31
CA GLU B 213 -28.74 -28.28 25.59
C GLU B 213 -27.49 -28.17 26.47
N LYS B 214 -26.96 -26.95 26.59
CA LYS B 214 -25.78 -26.72 27.39
C LYS B 214 -24.54 -27.57 27.07
N PRO B 215 -24.06 -27.50 25.81
CA PRO B 215 -22.87 -28.28 25.47
C PRO B 215 -21.68 -27.60 26.14
N GLU B 216 -20.56 -28.30 26.24
CA GLU B 216 -19.38 -27.74 26.88
C GLU B 216 -18.87 -26.50 26.13
N LEU B 217 -18.80 -26.63 24.82
CA LEU B 217 -18.27 -25.61 23.93
C LEU B 217 -19.05 -25.58 22.62
N ILE B 218 -19.11 -24.40 22.04
CA ILE B 218 -19.78 -24.24 20.76
C ILE B 218 -18.72 -23.52 19.95
N LEU B 219 -18.47 -24.00 18.74
CA LEU B 219 -17.49 -23.42 17.85
C LEU B 219 -18.28 -22.64 16.81
N LEU B 220 -18.04 -21.33 16.76
CA LEU B 220 -18.75 -20.43 15.85
C LEU B 220 -18.01 -20.52 14.56
N ASP B 221 -18.59 -21.18 13.60
CA ASP B 221 -17.94 -21.40 12.32
C ASP B 221 -18.16 -20.31 11.29
N ASN B 222 -17.13 -19.46 11.12
CA ASN B 222 -17.16 -18.40 10.15
C ASN B 222 -18.22 -17.32 10.40
N PHE B 223 -18.35 -16.88 11.64
CA PHE B 223 -19.28 -15.83 11.99
C PHE B 223 -18.59 -14.47 11.74
N ALA B 224 -19.40 -13.48 11.37
CA ALA B 224 -18.90 -12.13 11.17
C ALA B 224 -18.75 -11.63 12.61
N VAL B 225 -18.03 -10.54 12.80
CA VAL B 225 -17.85 -10.03 14.16
C VAL B 225 -19.19 -9.66 14.80
N TRP B 226 -20.14 -9.14 14.01
CA TRP B 226 -21.45 -8.73 14.54
C TRP B 226 -22.28 -9.96 14.98
N GLN B 227 -22.05 -11.09 14.33
CA GLN B 227 -22.70 -12.33 14.69
C GLN B 227 -22.05 -12.93 15.93
N THR B 228 -20.74 -12.74 16.05
CA THR B 228 -20.02 -13.27 17.21
C THR B 228 -20.47 -12.52 18.46
N GLN B 229 -20.66 -11.21 18.30
CA GLN B 229 -21.12 -10.37 19.40
C GLN B 229 -22.52 -10.80 19.86
N THR B 230 -23.40 -11.09 18.91
CA THR B 230 -24.75 -11.51 19.24
C THR B 230 -24.68 -12.85 19.96
N ALA B 231 -23.83 -13.74 19.44
CA ALA B 231 -23.63 -15.06 20.02
C ALA B 231 -23.23 -14.97 21.48
N VAL B 232 -22.30 -14.06 21.76
CA VAL B 232 -21.82 -13.86 23.12
C VAL B 232 -22.96 -13.31 23.99
N GLN B 233 -23.77 -12.42 23.42
CA GLN B 233 -24.87 -11.84 24.17
C GLN B 233 -25.88 -12.91 24.49
N ARG B 234 -26.22 -13.75 23.52
CA ARG B 234 -27.18 -14.80 23.79
C ARG B 234 -26.68 -15.80 24.84
N ARG B 235 -25.42 -16.22 24.72
CA ARG B 235 -24.82 -17.15 25.66
C ARG B 235 -24.78 -16.58 27.07
N ASP B 236 -24.39 -15.32 27.21
CA ASP B 236 -24.30 -14.70 28.54
C ASP B 236 -25.64 -14.62 29.28
N SER B 237 -26.73 -14.53 28.52
CA SER B 237 -28.02 -14.43 29.14
C SER B 237 -28.72 -15.75 29.33
N ARG B 238 -28.47 -16.71 28.44
CA ARG B 238 -29.12 -18.01 28.49
C ARG B 238 -28.36 -19.21 29.07
N ALA B 239 -27.05 -19.26 28.85
CA ALA B 239 -26.28 -20.39 29.29
C ALA B 239 -24.87 -19.97 29.60
N PRO B 240 -24.70 -19.20 30.67
CA PRO B 240 -23.42 -18.68 31.13
C PRO B 240 -22.27 -19.69 31.16
N THR B 241 -22.58 -20.96 31.39
CA THR B 241 -21.54 -21.99 31.45
C THR B 241 -21.04 -22.52 30.12
N VAL B 242 -21.67 -22.15 29.01
CA VAL B 242 -21.23 -22.62 27.71
C VAL B 242 -20.10 -21.75 27.23
N MET B 243 -19.06 -22.35 26.68
CA MET B 243 -17.91 -21.62 26.18
C MET B 243 -17.96 -21.51 24.70
N LEU B 244 -17.62 -20.33 24.21
CA LEU B 244 -17.63 -20.00 22.79
C LEU B 244 -16.23 -19.90 22.19
N GLU B 245 -16.06 -20.49 21.01
CA GLU B 245 -14.80 -20.55 20.32
C GLU B 245 -14.97 -20.21 18.85
N SER B 246 -14.29 -19.16 18.40
CA SER B 246 -14.38 -18.75 17.01
C SER B 246 -13.41 -19.52 16.15
N SER B 247 -13.84 -19.93 14.97
CA SER B 247 -12.99 -20.66 14.06
C SER B 247 -13.53 -20.31 12.71
N GLY B 248 -12.63 -20.03 11.78
CA GLY B 248 -13.08 -19.68 10.46
C GLY B 248 -12.33 -18.56 9.80
N GLY B 249 -13.02 -17.44 9.61
CA GLY B 249 -12.37 -16.34 8.93
C GLY B 249 -11.58 -15.45 9.85
N LEU B 250 -10.60 -16.05 10.52
CA LEU B 250 -9.76 -15.31 11.46
C LEU B 250 -8.46 -14.91 10.84
N SER B 251 -8.08 -13.64 11.03
CA SER B 251 -6.81 -13.17 10.53
C SER B 251 -6.23 -12.43 11.70
N LEU B 252 -4.91 -12.33 11.70
CA LEU B 252 -4.18 -11.65 12.76
C LEU B 252 -4.60 -10.17 12.86
N GLN B 253 -5.04 -9.59 11.74
CA GLN B 253 -5.48 -8.21 11.74
C GLN B 253 -6.85 -8.07 12.41
N THR B 254 -7.70 -9.10 12.27
CA THR B 254 -9.03 -9.09 12.90
C THR B 254 -9.11 -9.78 14.25
N ALA B 255 -8.08 -10.51 14.62
CA ALA B 255 -8.08 -11.25 15.87
C ALA B 255 -8.53 -10.47 17.12
N ALA B 256 -8.07 -9.23 17.30
CA ALA B 256 -8.47 -8.46 18.48
C ALA B 256 -9.95 -8.09 18.46
N THR B 257 -10.47 -7.82 17.26
CA THR B 257 -11.86 -7.47 17.04
C THR B 257 -12.72 -8.62 17.52
N TYR B 258 -12.42 -9.82 17.07
CA TYR B 258 -13.17 -10.99 17.52
C TYR B 258 -12.99 -11.19 19.01
N ALA B 259 -11.75 -11.09 19.49
CA ALA B 259 -11.48 -11.31 20.89
C ALA B 259 -12.29 -10.40 21.74
N GLU B 260 -12.39 -9.15 21.31
CA GLU B 260 -13.16 -8.11 22.01
C GLU B 260 -14.67 -8.38 22.19
N THR B 261 -15.24 -9.26 21.35
CA THR B 261 -16.65 -9.59 21.41
C THR B 261 -16.90 -10.36 22.70
N GLY B 262 -15.81 -10.88 23.28
CA GLY B 262 -15.90 -11.64 24.52
C GLY B 262 -15.82 -13.15 24.41
N VAL B 263 -15.59 -13.70 23.20
CA VAL B 263 -15.45 -15.15 23.01
C VAL B 263 -14.35 -15.71 23.92
N ASP B 264 -14.44 -17.00 24.20
CA ASP B 264 -13.51 -17.66 25.10
C ASP B 264 -12.26 -18.12 24.42
N TYR B 265 -12.38 -18.48 23.16
CA TYR B 265 -11.22 -18.96 22.46
C TYR B 265 -11.26 -18.52 21.01
N LEU B 266 -10.10 -18.62 20.37
CA LEU B 266 -9.92 -18.35 18.94
C LEU B 266 -9.18 -19.60 18.49
N ALA B 267 -9.80 -20.38 17.63
CA ALA B 267 -9.19 -21.59 17.11
C ALA B 267 -8.57 -21.19 15.77
N VAL B 268 -7.23 -21.28 15.70
CA VAL B 268 -6.46 -20.89 14.51
C VAL B 268 -5.74 -22.04 13.78
N GLY B 269 -6.29 -22.42 12.63
CA GLY B 269 -5.69 -23.48 11.88
C GLY B 269 -4.33 -23.12 11.31
N ALA B 270 -4.19 -21.87 10.87
CA ALA B 270 -2.95 -21.39 10.27
C ALA B 270 -1.73 -21.55 11.17
N LEU B 271 -1.93 -21.62 12.46
CA LEU B 271 -0.83 -21.81 13.36
C LEU B 271 -0.04 -23.06 12.96
N THR B 272 -0.74 -24.09 12.47
CA THR B 272 -0.11 -25.37 12.09
C THR B 272 -0.05 -25.68 10.61
N HIS B 273 -1.09 -25.33 9.85
CA HIS B 273 -0.98 -25.48 8.38
C HIS B 273 -0.39 -24.09 7.98
N SER B 274 0.09 -23.85 6.78
CA SER B 274 0.60 -22.46 6.58
C SER B 274 1.64 -21.91 7.60
N VAL B 275 2.72 -22.63 7.93
CA VAL B 275 3.68 -22.03 8.84
C VAL B 275 4.92 -21.51 8.06
N ARG B 276 5.48 -20.40 8.53
CA ARG B 276 6.63 -19.78 7.91
C ARG B 276 7.81 -20.02 8.82
N VAL B 277 8.83 -20.62 8.28
CA VAL B 277 10.01 -20.96 9.03
C VAL B 277 10.75 -19.80 9.71
N LEU B 278 11.24 -19.99 10.93
CA LEU B 278 12.10 -18.98 11.54
C LEU B 278 13.47 -19.32 10.89
N ASP B 279 14.11 -18.34 10.25
CA ASP B 279 15.39 -18.57 9.60
C ASP B 279 16.51 -18.68 10.59
N ILE B 280 17.11 -19.85 10.66
CA ILE B 280 18.18 -20.11 11.61
C ILE B 280 19.37 -20.77 10.89
N GLY B 281 20.58 -20.42 11.27
CA GLY B 281 21.71 -21.04 10.59
C GLY B 281 22.65 -21.64 11.59
N LEU B 282 23.51 -22.54 11.11
CA LEU B 282 24.53 -23.17 11.96
C LEU B 282 25.81 -22.51 11.50
N ASP B 283 26.36 -21.69 12.38
CA ASP B 283 27.60 -20.98 12.15
C ASP B 283 28.82 -21.58 12.88
N MET B 284 29.84 -21.87 12.09
CA MET B 284 31.10 -22.42 12.54
C MET B 284 32.14 -21.39 12.23
N GLY C 1 28.10 13.57 -28.82
CA GLY C 1 28.77 13.62 -27.50
C GLY C 1 28.59 15.00 -26.88
N LEU C 2 29.53 15.37 -26.03
CA LEU C 2 29.46 16.66 -25.39
C LEU C 2 29.91 17.72 -26.38
N SER C 3 29.37 18.92 -26.23
CA SER C 3 29.73 20.01 -27.10
C SER C 3 30.83 20.74 -26.39
N ASP C 4 31.35 21.76 -27.05
CA ASP C 4 32.42 22.58 -26.51
C ASP C 4 32.06 23.20 -25.16
N TRP C 5 30.89 23.84 -25.09
CA TRP C 5 30.43 24.45 -23.84
C TRP C 5 30.27 23.40 -22.74
N GLU C 6 29.69 22.26 -23.11
CA GLU C 6 29.47 21.16 -22.17
C GLU C 6 30.82 20.52 -21.76
N LEU C 7 31.76 20.45 -22.70
CA LEU C 7 33.09 19.91 -22.45
C LEU C 7 33.82 20.77 -21.44
N ALA C 8 33.72 22.08 -21.64
CA ALA C 8 34.35 23.06 -20.76
C ALA C 8 33.70 23.09 -19.39
N ALA C 9 32.38 22.90 -19.37
CA ALA C 9 31.66 22.85 -18.11
C ALA C 9 32.11 21.56 -17.38
N ALA C 10 32.32 20.47 -18.14
CA ALA C 10 32.75 19.17 -17.58
C ALA C 10 34.12 19.30 -16.97
N ARG C 11 35.05 19.89 -17.71
CA ARG C 11 36.41 20.06 -17.23
C ARG C 11 36.44 20.87 -15.97
N ALA C 12 35.65 21.94 -15.95
CA ALA C 12 35.58 22.81 -14.78
C ALA C 12 35.13 22.05 -13.55
N ALA C 13 34.05 21.26 -13.69
CA ALA C 13 33.51 20.47 -12.58
C ALA C 13 34.50 19.38 -12.14
N ILE C 14 35.09 18.63 -13.09
CA ILE C 14 36.02 17.58 -12.66
C ILE C 14 37.18 18.23 -11.89
N ALA C 15 37.70 19.36 -12.38
CA ALA C 15 38.78 20.03 -11.69
C ALA C 15 38.38 20.38 -10.27
N ARG C 16 37.12 20.78 -10.08
CA ARG C 16 36.65 21.13 -8.74
C ARG C 16 36.52 19.90 -7.87
N GLY C 17 36.08 18.82 -8.50
CA GLY C 17 35.90 17.57 -7.78
C GLY C 17 37.22 17.05 -7.22
N LEU C 18 38.24 16.97 -8.09
CA LEU C 18 39.57 16.48 -7.70
C LEU C 18 40.16 17.35 -6.63
N ASP C 19 40.00 18.67 -6.77
CA ASP C 19 40.57 19.55 -5.76
C ASP C 19 39.91 19.29 -4.42
N GLU C 20 38.62 18.95 -4.39
CA GLU C 20 37.98 18.72 -3.10
C GLU C 20 38.59 17.51 -2.43
N ASP C 21 38.90 16.51 -3.24
CA ASP C 21 39.49 15.26 -2.76
C ASP C 21 40.94 15.37 -2.31
N LEU C 22 41.74 16.11 -3.07
CA LEU C 22 43.16 16.30 -2.79
C LEU C 22 43.58 17.44 -1.89
N ARG C 23 42.65 18.36 -1.60
CA ARG C 23 42.88 19.53 -0.75
C ARG C 23 43.57 19.30 0.60
N TYR C 24 43.35 18.16 1.23
CA TYR C 24 43.95 17.90 2.54
C TYR C 24 45.20 17.07 2.44
N GLY C 25 45.55 16.72 1.20
CA GLY C 25 46.74 15.93 0.98
C GLY C 25 46.48 14.90 -0.09
N PRO C 26 47.47 14.06 -0.39
CA PRO C 26 47.33 13.03 -1.41
C PRO C 26 46.56 11.86 -0.86
N ASP C 27 46.31 10.90 -1.72
CA ASP C 27 45.57 9.71 -1.35
C ASP C 27 46.48 8.75 -0.58
N VAL C 28 46.73 9.05 0.69
CA VAL C 28 47.61 8.25 1.53
C VAL C 28 47.39 6.74 1.54
N THR C 29 46.12 6.36 1.56
CA THR C 29 45.77 4.96 1.59
C THR C 29 46.09 4.18 0.33
N THR C 30 46.01 4.77 -0.86
CA THR C 30 46.37 3.99 -2.02
C THR C 30 47.84 4.08 -2.23
N LEU C 31 48.45 5.18 -1.82
CA LEU C 31 49.89 5.31 -1.96
C LEU C 31 50.55 4.26 -1.11
N ALA C 32 49.99 4.04 0.07
CA ALA C 32 50.56 3.04 0.97
C ALA C 32 50.28 1.59 0.62
N THR C 33 49.24 1.34 -0.18
CA THR C 33 48.87 -0.03 -0.49
C THR C 33 49.11 -0.50 -1.91
N VAL C 34 49.07 0.44 -2.86
CA VAL C 34 49.31 0.04 -4.25
C VAL C 34 50.54 0.69 -4.84
N PRO C 35 51.38 -0.11 -5.48
CA PRO C 35 52.60 0.44 -6.07
C PRO C 35 52.41 1.25 -7.35
N ALA C 36 53.22 2.28 -7.49
CA ALA C 36 53.17 3.14 -8.64
C ALA C 36 53.13 2.40 -9.95
N SER C 37 53.77 1.25 -10.01
CA SER C 37 53.80 0.46 -11.24
C SER C 37 52.55 -0.34 -11.51
N ALA C 38 51.68 -0.50 -10.53
CA ALA C 38 50.45 -1.28 -10.70
C ALA C 38 49.56 -0.78 -11.84
N THR C 39 48.87 -1.72 -12.48
CA THR C 39 47.98 -1.48 -13.59
C THR C 39 46.87 -2.52 -13.60
N THR C 40 45.63 -2.11 -13.84
CA THR C 40 44.51 -3.05 -13.89
C THR C 40 43.57 -2.75 -15.02
N THR C 41 42.60 -3.64 -15.13
CA THR C 41 41.53 -3.51 -16.07
C THR C 41 40.41 -3.28 -15.06
N ALA C 42 39.67 -2.19 -15.21
CA ALA C 42 38.57 -1.93 -14.30
C ALA C 42 37.33 -1.68 -15.13
N SER C 43 36.16 -1.86 -14.53
CA SER C 43 34.89 -1.63 -15.23
C SER C 43 33.94 -0.77 -14.42
N LEU C 44 33.22 0.12 -15.11
CA LEU C 44 32.21 1.00 -14.47
C LEU C 44 31.00 0.14 -14.65
N VAL C 45 30.44 -0.40 -13.58
CA VAL C 45 29.27 -1.25 -13.80
C VAL C 45 28.11 -0.75 -12.98
N THR C 46 26.90 -0.73 -13.56
CA THR C 46 25.74 -0.28 -12.78
C THR C 46 25.26 -1.31 -11.76
N ARG C 47 24.85 -0.82 -10.61
CA ARG C 47 24.31 -1.69 -9.62
C ARG C 47 22.81 -1.72 -9.88
N GLU C 48 22.33 -0.82 -10.74
CA GLU C 48 20.90 -0.79 -11.02
C GLU C 48 20.61 -0.45 -12.46
N ALA C 49 19.33 -0.55 -12.84
CA ALA C 49 18.89 -0.26 -14.20
C ALA C 49 18.56 1.22 -14.37
N GLY C 50 18.72 1.70 -15.59
CA GLY C 50 18.41 3.09 -15.85
C GLY C 50 19.00 3.43 -17.18
N VAL C 51 19.08 4.73 -17.47
CA VAL C 51 19.65 5.23 -18.71
C VAL C 51 20.98 5.87 -18.37
N VAL C 52 21.98 5.59 -19.20
CA VAL C 52 23.30 6.12 -18.96
C VAL C 52 23.56 7.47 -19.62
N ALA C 53 24.22 8.36 -18.91
CA ALA C 53 24.57 9.64 -19.50
C ALA C 53 25.85 10.11 -18.83
N GLY C 54 26.70 10.81 -19.58
CA GLY C 54 27.93 11.35 -19.03
C GLY C 54 29.18 10.49 -19.02
N LEU C 55 29.22 9.45 -19.87
CA LEU C 55 30.36 8.55 -19.94
C LEU C 55 31.63 9.29 -20.38
N ASP C 56 31.50 10.28 -21.24
CA ASP C 56 32.65 11.06 -21.66
C ASP C 56 33.20 11.81 -20.46
N VAL C 57 32.34 12.17 -19.52
CA VAL C 57 32.82 12.84 -18.34
C VAL C 57 33.79 11.92 -17.56
N ALA C 58 33.61 10.61 -17.69
CA ALA C 58 34.48 9.65 -17.01
C ALA C 58 35.86 9.70 -17.71
N LEU C 59 35.85 9.64 -19.03
CA LEU C 59 37.08 9.71 -19.76
C LEU C 59 37.83 10.99 -19.39
N LEU C 60 37.12 12.13 -19.32
CA LEU C 60 37.77 13.42 -18.98
C LEU C 60 38.39 13.40 -17.59
N THR C 61 37.83 12.60 -16.69
CA THR C 61 38.40 12.57 -15.34
C THR C 61 39.73 11.84 -15.37
N LEU C 62 39.80 10.80 -16.20
CA LEU C 62 41.04 10.05 -16.28
C LEU C 62 42.10 10.93 -16.95
N ASN C 63 41.76 11.57 -18.06
CA ASN C 63 42.70 12.46 -18.76
C ASN C 63 43.35 13.40 -17.75
N GLU C 64 42.52 13.97 -16.89
CA GLU C 64 42.99 14.90 -15.93
C GLU C 64 43.92 14.28 -14.94
N VAL C 65 43.72 13.01 -14.63
CA VAL C 65 44.57 12.38 -13.63
C VAL C 65 45.74 11.55 -14.18
N LEU C 66 45.48 10.83 -15.27
CA LEU C 66 46.43 9.96 -15.91
C LEU C 66 46.94 10.51 -17.22
N GLY C 67 46.29 11.51 -17.77
CA GLY C 67 46.75 12.01 -19.05
C GLY C 67 46.21 11.11 -20.15
N THR C 68 46.05 11.66 -21.35
CA THR C 68 45.49 10.91 -22.46
C THR C 68 46.10 9.55 -22.76
N ASN C 69 47.40 9.46 -22.65
CA ASN C 69 48.11 8.23 -22.93
C ASN C 69 48.33 7.45 -21.64
N GLY C 70 47.47 7.68 -20.65
CA GLY C 70 47.62 6.97 -19.40
C GLY C 70 46.66 5.81 -19.23
N TYR C 71 45.77 5.64 -20.20
CA TYR C 71 44.77 4.59 -20.11
C TYR C 71 44.25 4.19 -21.48
N ARG C 72 43.56 3.06 -21.49
CA ARG C 72 43.01 2.53 -22.71
C ARG C 72 41.61 2.03 -22.44
N VAL C 73 40.68 2.45 -23.29
CA VAL C 73 39.29 2.04 -23.22
C VAL C 73 39.09 0.80 -24.11
N LEU C 74 38.85 -0.33 -23.47
CA LEU C 74 38.65 -1.57 -24.16
C LEU C 74 37.24 -1.70 -24.72
N ASP C 75 36.27 -1.12 -24.03
CA ASP C 75 34.88 -1.20 -24.47
C ASP C 75 34.03 -0.17 -23.74
N ARG C 76 32.96 0.27 -24.40
CA ARG C 76 32.05 1.24 -23.82
C ARG C 76 30.71 1.17 -24.47
N VAL C 77 29.74 1.71 -23.77
CA VAL C 77 28.35 1.74 -24.16
C VAL C 77 28.10 3.18 -24.59
N GLU C 78 27.05 3.41 -25.36
CA GLU C 78 26.76 4.76 -25.77
C GLU C 78 25.86 5.48 -24.76
N ASP C 79 26.08 6.78 -24.60
CA ASP C 79 25.24 7.56 -23.72
C ASP C 79 23.82 7.44 -24.28
N GLY C 80 22.84 7.32 -23.39
CA GLY C 80 21.45 7.22 -23.82
C GLY C 80 20.97 5.80 -23.88
N ALA C 81 21.86 4.87 -23.62
CA ALA C 81 21.51 3.48 -23.66
C ALA C 81 20.75 3.05 -22.41
N ARG C 82 19.71 2.27 -22.62
CA ARG C 82 18.93 1.77 -21.51
C ARG C 82 19.73 0.58 -21.04
N VAL C 83 19.95 0.50 -19.76
CA VAL C 83 20.81 -0.51 -19.23
C VAL C 83 20.26 -1.31 -18.03
N PRO C 84 20.59 -2.61 -17.96
CA PRO C 84 20.14 -3.47 -16.85
C PRO C 84 21.20 -3.43 -15.76
N PRO C 85 20.86 -3.94 -14.57
CA PRO C 85 21.77 -3.96 -13.42
C PRO C 85 23.29 -4.28 -13.55
N GLY C 86 23.72 -5.50 -13.74
CA GLY C 86 25.17 -5.63 -13.75
C GLY C 86 25.86 -5.30 -15.05
N GLU C 87 25.36 -4.31 -15.77
CA GLU C 87 25.95 -3.95 -17.06
C GLU C 87 27.27 -3.19 -16.94
N ALA C 88 28.23 -3.55 -17.80
CA ALA C 88 29.51 -2.89 -17.79
C ALA C 88 29.43 -1.74 -18.77
N LEU C 89 29.37 -0.52 -18.24
CA LEU C 89 29.28 0.72 -19.02
C LEU C 89 30.54 1.01 -19.77
N MET C 90 31.67 0.69 -19.18
CA MET C 90 32.94 0.94 -19.80
C MET C 90 33.99 0.08 -19.11
N THR C 91 34.86 -0.49 -19.91
CA THR C 91 35.95 -1.29 -19.41
C THR C 91 37.26 -0.67 -19.91
N LEU C 92 38.16 -0.38 -18.98
CA LEU C 92 39.42 0.21 -19.38
C LEU C 92 40.63 -0.41 -18.69
N GLU C 93 41.79 -0.04 -19.18
CA GLU C 93 43.07 -0.49 -18.66
C GLU C 93 43.85 0.78 -18.31
N ALA C 94 44.27 0.90 -17.05
CA ALA C 94 44.98 2.10 -16.61
C ALA C 94 45.83 1.83 -15.38
N GLN C 95 46.69 2.78 -15.01
CA GLN C 95 47.50 2.59 -13.84
C GLN C 95 46.53 2.56 -12.70
N THR C 96 46.71 1.61 -11.81
CA THR C 96 45.83 1.45 -10.66
C THR C 96 45.74 2.64 -9.71
N ARG C 97 46.86 3.27 -9.38
CA ARG C 97 46.78 4.39 -8.46
C ARG C 97 45.88 5.52 -8.97
N GLY C 98 46.02 5.83 -10.25
CA GLY C 98 45.24 6.89 -10.86
C GLY C 98 43.77 6.56 -10.82
N LEU C 99 43.41 5.33 -11.14
CA LEU C 99 42.03 4.93 -11.11
C LEU C 99 41.41 5.15 -9.74
N LEU C 100 42.11 4.73 -8.70
CA LEU C 100 41.60 4.82 -7.35
C LEU C 100 41.43 6.22 -6.85
N THR C 101 42.19 7.13 -7.41
CA THR C 101 42.10 8.51 -6.98
C THR C 101 41.01 9.20 -7.78
N ALA C 102 40.90 8.83 -9.04
CA ALA C 102 39.91 9.39 -9.91
C ALA C 102 38.51 8.89 -9.61
N GLU C 103 38.40 7.63 -9.17
CA GLU C 103 37.10 6.96 -8.88
C GLU C 103 35.87 7.74 -8.37
N ARG C 104 35.96 8.27 -7.17
CA ARG C 104 34.82 8.95 -6.59
C ARG C 104 34.30 10.09 -7.42
N THR C 105 35.18 10.94 -7.93
CA THR C 105 34.78 12.07 -8.77
C THR C 105 34.05 11.61 -10.04
N MET C 106 34.62 10.61 -10.68
CA MET C 106 34.09 10.07 -11.91
C MET C 106 32.72 9.47 -11.66
N LEU C 107 32.62 8.61 -10.66
CA LEU C 107 31.37 7.95 -10.30
C LEU C 107 30.28 8.91 -9.88
N ASN C 108 30.65 9.96 -9.14
CA ASN C 108 29.72 11.01 -8.68
C ASN C 108 29.09 11.78 -9.84
N LEU C 109 29.86 12.10 -10.87
CA LEU C 109 29.34 12.82 -12.03
C LEU C 109 28.43 11.96 -12.90
N VAL C 110 28.89 10.77 -13.31
CA VAL C 110 28.06 9.94 -14.17
C VAL C 110 26.86 9.35 -13.45
N GLY C 111 26.99 9.21 -12.15
CA GLY C 111 25.89 8.67 -11.38
C GLY C 111 24.79 9.71 -11.37
N HIS C 112 25.17 10.98 -11.16
CA HIS C 112 24.24 12.11 -11.09
C HIS C 112 23.63 12.32 -12.45
N LEU C 113 24.44 12.38 -13.49
CA LEU C 113 23.93 12.60 -14.82
C LEU C 113 23.07 11.46 -15.32
N SER C 114 23.40 10.26 -14.89
CA SER C 114 22.64 9.08 -15.28
C SER C 114 21.31 9.08 -14.56
N GLY C 115 21.33 9.48 -13.29
CA GLY C 115 20.10 9.59 -12.51
C GLY C 115 19.11 10.49 -13.26
N ILE C 116 19.57 11.66 -13.72
CA ILE C 116 18.76 12.63 -14.46
C ILE C 116 18.19 12.04 -15.75
N ALA C 117 19.03 11.46 -16.60
CA ALA C 117 18.53 10.87 -17.84
C ALA C 117 17.54 9.75 -17.58
N THR C 118 17.75 8.99 -16.50
CA THR C 118 16.91 7.88 -16.12
C THR C 118 15.51 8.36 -15.79
N ALA C 119 15.40 9.38 -14.94
CA ALA C 119 14.11 9.94 -14.59
C ALA C 119 13.43 10.63 -15.76
N THR C 120 14.18 11.37 -16.59
CA THR C 120 13.53 12.04 -17.70
C THR C 120 13.01 11.04 -18.72
N ALA C 121 13.59 9.86 -18.74
CA ALA C 121 13.14 8.82 -19.67
C ALA C 121 11.80 8.26 -19.18
N ALA C 122 11.62 8.22 -17.86
CA ALA C 122 10.41 7.71 -17.27
C ALA C 122 9.23 8.63 -17.63
N TRP C 123 9.43 9.94 -17.44
CA TRP C 123 8.43 10.95 -17.78
C TRP C 123 8.14 10.87 -19.27
N VAL C 124 9.20 10.73 -20.05
CA VAL C 124 9.05 10.61 -21.50
C VAL C 124 8.16 9.44 -21.88
N ASP C 125 8.35 8.29 -21.23
CA ASP C 125 7.56 7.08 -21.50
C ASP C 125 6.12 7.29 -21.08
N ALA C 126 5.95 8.06 -20.02
CA ALA C 126 4.65 8.38 -19.46
C ALA C 126 3.72 9.13 -20.41
N VAL C 127 4.27 10.10 -21.15
CA VAL C 127 3.49 10.90 -22.07
C VAL C 127 3.57 10.40 -23.50
N ARG C 128 3.97 9.17 -23.66
CA ARG C 128 4.10 8.55 -24.98
C ARG C 128 2.70 8.41 -25.61
N GLY C 129 2.61 8.66 -26.93
CA GLY C 129 1.34 8.61 -27.66
C GLY C 129 0.56 9.92 -27.56
N THR C 130 1.26 10.94 -27.10
CA THR C 130 0.75 12.29 -26.84
C THR C 130 1.74 13.18 -27.60
N LYS C 131 1.40 14.44 -27.86
CA LYS C 131 2.35 15.28 -28.57
C LYS C 131 3.29 16.00 -27.59
N ALA C 132 2.97 15.96 -26.30
CA ALA C 132 3.76 16.63 -25.30
C ALA C 132 5.23 16.27 -25.18
N LYS C 133 6.03 17.29 -24.87
CA LYS C 133 7.45 17.08 -24.64
C LYS C 133 7.75 17.44 -23.18
N ILE C 134 8.76 16.80 -22.61
CA ILE C 134 9.15 17.01 -21.23
C ILE C 134 10.30 17.99 -21.28
N ARG C 135 10.17 19.11 -20.59
CA ARG C 135 11.19 20.13 -20.64
C ARG C 135 11.72 20.37 -19.26
N ASP C 136 12.92 20.96 -19.21
CA ASP C 136 13.55 21.26 -17.94
C ASP C 136 13.30 22.71 -17.51
N THR C 137 13.93 23.10 -16.40
CA THR C 137 13.77 24.41 -15.85
C THR C 137 15.17 24.98 -15.54
N ARG C 138 15.22 26.14 -14.87
CA ARG C 138 16.50 26.72 -14.44
C ARG C 138 16.74 26.30 -12.97
N LYS C 139 16.04 25.24 -12.53
CA LYS C 139 16.26 24.72 -11.17
C LYS C 139 17.41 23.69 -11.25
N THR C 140 18.60 24.23 -11.52
CA THR C 140 19.78 23.46 -11.66
C THR C 140 20.75 23.77 -10.54
N LEU C 141 21.81 22.97 -10.39
CA LEU C 141 22.78 23.19 -9.34
C LEU C 141 23.87 24.05 -9.94
N PRO C 142 24.30 25.08 -9.19
CA PRO C 142 25.34 26.03 -9.61
C PRO C 142 26.60 25.35 -10.09
N GLY C 143 26.92 25.56 -11.36
CA GLY C 143 28.12 24.99 -11.94
C GLY C 143 27.85 23.74 -12.73
N LEU C 144 26.63 23.20 -12.65
CA LEU C 144 26.31 21.97 -13.37
C LEU C 144 25.21 22.08 -14.43
N ARG C 145 24.66 23.28 -14.63
CA ARG C 145 23.55 23.45 -15.58
C ARG C 145 23.77 22.85 -16.94
N ALA C 146 24.90 23.13 -17.54
CA ALA C 146 25.14 22.62 -18.87
C ALA C 146 25.10 21.11 -18.89
N LEU C 147 25.66 20.49 -17.85
CA LEU C 147 25.70 19.03 -17.75
C LEU C 147 24.29 18.47 -17.50
N GLN C 148 23.59 19.04 -16.51
CA GLN C 148 22.21 18.62 -16.19
C GLN C 148 21.28 18.75 -17.39
N LYS C 149 21.41 19.87 -18.12
CA LYS C 149 20.63 20.14 -19.33
C LYS C 149 20.98 19.08 -20.40
N TYR C 150 22.24 18.72 -20.47
CA TYR C 150 22.67 17.68 -21.40
C TYR C 150 22.03 16.31 -21.04
N ALA C 151 21.98 16.00 -19.76
CA ALA C 151 21.45 14.75 -19.32
C ALA C 151 19.96 14.59 -19.60
N VAL C 152 19.18 15.67 -19.45
CA VAL C 152 17.74 15.56 -19.71
C VAL C 152 17.52 15.32 -21.18
N ARG C 153 18.37 15.92 -22.00
CA ARG C 153 18.25 15.75 -23.42
C ARG C 153 18.61 14.29 -23.77
N THR C 154 19.54 13.71 -23.03
CA THR C 154 19.98 12.33 -23.26
C THR C 154 18.89 11.31 -22.89
N GLY C 155 18.06 11.66 -21.89
CA GLY C 155 16.97 10.80 -21.49
C GLY C 155 15.69 10.98 -22.32
N GLY C 156 15.72 11.88 -23.29
CA GLY C 156 14.56 12.10 -24.16
C GLY C 156 13.83 13.44 -24.05
N GLY C 157 14.18 14.25 -23.05
CA GLY C 157 13.54 15.53 -22.85
C GLY C 157 14.09 16.61 -23.78
N VAL C 158 13.52 17.81 -23.69
CA VAL C 158 13.98 18.92 -24.51
C VAL C 158 14.25 20.11 -23.58
N ASN C 159 15.39 20.73 -23.79
CA ASN C 159 15.80 21.84 -22.96
C ASN C 159 14.92 23.06 -23.06
N HIS C 160 14.75 23.72 -21.94
CA HIS C 160 14.02 24.97 -21.91
C HIS C 160 15.16 26.01 -22.09
N ARG C 161 14.99 27.23 -21.62
CA ARG C 161 16.04 28.22 -21.79
C ARG C 161 17.25 27.84 -20.92
N LEU C 162 18.43 28.32 -21.29
CA LEU C 162 19.64 28.02 -20.51
C LEU C 162 20.03 29.07 -19.48
N GLY C 163 19.47 30.28 -19.66
CA GLY C 163 19.77 31.37 -18.77
C GLY C 163 18.64 32.36 -18.83
N LEU C 164 18.91 33.57 -18.38
CA LEU C 164 17.94 34.64 -18.30
C LEU C 164 17.84 35.49 -19.57
N GLY C 165 18.92 35.62 -20.32
CA GLY C 165 18.84 36.44 -21.50
C GLY C 165 18.49 35.63 -22.72
N ASP C 166 18.41 34.34 -22.50
CA ASP C 166 18.13 33.34 -23.51
C ASP C 166 16.75 33.55 -24.18
N ALA C 167 15.76 33.84 -23.34
CA ALA C 167 14.41 34.03 -23.78
C ALA C 167 13.78 34.68 -22.59
N ALA C 168 12.64 35.33 -22.82
CA ALA C 168 11.92 36.03 -21.76
C ALA C 168 10.88 35.11 -21.11
N LEU C 169 10.63 35.29 -19.82
CA LEU C 169 9.65 34.50 -19.11
C LEU C 169 9.14 35.36 -18.02
N ILE C 170 7.95 35.90 -18.22
CA ILE C 170 7.31 36.77 -17.24
C ILE C 170 6.73 35.93 -16.13
N LYS C 171 7.28 36.09 -14.94
CA LYS C 171 6.86 35.34 -13.77
C LYS C 171 5.99 36.18 -12.86
N ASP C 172 5.51 35.57 -11.78
CA ASP C 172 4.68 36.26 -10.79
C ASP C 172 5.29 37.54 -10.22
N ASN C 173 6.57 37.49 -9.87
CA ASN C 173 7.26 38.64 -9.31
C ASN C 173 7.41 39.83 -10.26
N HIS C 174 7.37 39.59 -11.57
CA HIS C 174 7.48 40.68 -12.56
C HIS C 174 6.12 41.28 -12.70
N VAL C 175 5.14 40.40 -12.72
CA VAL C 175 3.75 40.78 -12.85
C VAL C 175 3.47 41.78 -11.72
N ALA C 176 3.97 41.47 -10.54
CA ALA C 176 3.78 42.30 -9.38
C ALA C 176 4.38 43.67 -9.64
N ALA C 177 5.64 43.69 -10.05
CA ALA C 177 6.33 44.93 -10.34
C ALA C 177 5.64 45.74 -11.46
N ALA C 178 5.26 45.07 -12.55
CA ALA C 178 4.63 45.73 -13.67
C ALA C 178 3.18 46.06 -13.36
N GLY C 179 2.67 45.47 -12.28
CA GLY C 179 1.28 45.69 -11.87
C GLY C 179 0.25 44.76 -12.52
N SER C 180 0.52 44.30 -13.74
CA SER C 180 -0.41 43.44 -14.44
C SER C 180 0.33 42.52 -15.40
N VAL C 181 -0.31 41.40 -15.71
CA VAL C 181 0.25 40.40 -16.61
C VAL C 181 0.37 40.98 -17.98
N VAL C 182 -0.72 41.57 -18.45
CA VAL C 182 -0.74 42.15 -19.77
C VAL C 182 0.24 43.30 -19.84
N ASP C 183 0.35 44.05 -18.74
CA ASP C 183 1.26 45.20 -18.65
C ASP C 183 2.69 44.76 -18.91
N ALA C 184 3.11 43.76 -18.12
CA ALA C 184 4.43 43.15 -18.19
C ALA C 184 4.78 42.66 -19.59
N LEU C 185 3.82 42.01 -20.25
CA LEU C 185 3.98 41.45 -21.59
C LEU C 185 4.29 42.46 -22.67
N ARG C 186 3.57 43.58 -22.65
CA ARG C 186 3.80 44.66 -23.61
C ARG C 186 5.22 45.23 -23.45
N ALA C 187 5.62 45.47 -22.20
CA ALA C 187 6.94 46.00 -21.85
C ALA C 187 8.08 45.17 -22.42
N VAL C 188 7.98 43.85 -22.32
CA VAL C 188 9.01 42.98 -22.84
C VAL C 188 8.96 42.99 -24.36
N ARG C 189 7.76 43.01 -24.92
CA ARG C 189 7.59 43.04 -26.37
C ARG C 189 8.32 44.25 -26.97
N ASN C 190 8.22 45.38 -26.26
CA ASN C 190 8.86 46.65 -26.65
C ASN C 190 10.38 46.55 -26.51
N ALA C 191 10.83 46.03 -25.39
CA ALA C 191 12.25 45.89 -25.11
C ALA C 191 13.01 44.83 -25.91
N ALA C 192 12.44 43.65 -26.08
CA ALA C 192 13.10 42.59 -26.86
C ALA C 192 12.09 41.94 -27.77
N PRO C 193 11.65 42.65 -28.81
CA PRO C 193 10.67 42.20 -29.79
C PRO C 193 11.07 40.99 -30.65
N ASP C 194 12.37 40.72 -30.67
CA ASP C 194 12.96 39.61 -31.42
C ASP C 194 13.06 38.32 -30.57
N LEU C 195 12.96 38.48 -29.26
CA LEU C 195 13.12 37.40 -28.30
C LEU C 195 11.85 36.63 -28.01
N PRO C 196 11.98 35.31 -27.78
CA PRO C 196 10.84 34.43 -27.47
C PRO C 196 10.29 34.85 -26.11
N CYS C 197 8.96 34.86 -26.01
CA CYS C 197 8.31 35.26 -24.79
C CYS C 197 7.32 34.20 -24.26
N GLU C 198 7.44 33.91 -22.98
CA GLU C 198 6.57 32.96 -22.33
C GLU C 198 6.04 33.76 -21.15
N VAL C 199 4.75 33.64 -20.88
CA VAL C 199 4.16 34.34 -19.76
C VAL C 199 3.53 33.30 -18.86
N GLU C 200 3.83 33.42 -17.58
CA GLU C 200 3.32 32.53 -16.59
C GLU C 200 2.01 33.05 -15.97
N VAL C 201 0.98 32.20 -16.00
CA VAL C 201 -0.31 32.55 -15.44
C VAL C 201 -0.69 31.53 -14.36
N ASP C 202 -1.28 31.99 -13.28
CA ASP C 202 -1.67 31.05 -12.25
C ASP C 202 -3.19 30.94 -12.08
N SER C 203 -3.97 31.47 -13.03
CA SER C 203 -5.43 31.38 -12.94
C SER C 203 -6.02 31.51 -14.33
N LEU C 204 -7.22 30.95 -14.51
CA LEU C 204 -7.89 31.02 -15.80
C LEU C 204 -8.20 32.47 -16.17
N GLU C 205 -8.26 33.33 -15.18
CA GLU C 205 -8.54 34.73 -15.39
C GLU C 205 -7.37 35.37 -16.11
N GLN C 206 -6.17 35.24 -15.55
CA GLN C 206 -4.99 35.79 -16.18
C GLN C 206 -4.88 35.18 -17.55
N LEU C 207 -5.15 33.88 -17.64
CA LEU C 207 -5.04 33.23 -18.94
C LEU C 207 -5.88 33.94 -19.99
N ASP C 208 -7.13 34.25 -19.65
CA ASP C 208 -8.03 34.93 -20.59
C ASP C 208 -7.49 36.28 -21.04
N ALA C 209 -6.90 37.00 -20.09
CA ALA C 209 -6.31 38.31 -20.30
C ALA C 209 -5.08 38.33 -21.22
N VAL C 210 -4.24 37.30 -21.17
CA VAL C 210 -3.05 37.28 -22.03
C VAL C 210 -3.23 36.53 -23.34
N LEU C 211 -4.20 35.62 -23.40
CA LEU C 211 -4.43 34.90 -24.63
C LEU C 211 -4.53 35.81 -25.85
N PRO C 212 -5.32 36.90 -25.77
CA PRO C 212 -5.45 37.83 -26.91
C PRO C 212 -4.14 38.55 -27.32
N GLU C 213 -3.20 38.70 -26.38
CA GLU C 213 -1.93 39.35 -26.66
C GLU C 213 -1.04 38.45 -27.49
N LYS C 214 -1.44 37.19 -27.63
CA LYS C 214 -0.71 36.19 -28.39
C LYS C 214 0.74 35.99 -28.06
N PRO C 215 1.06 35.67 -26.78
CA PRO C 215 2.46 35.44 -26.41
C PRO C 215 2.93 34.09 -27.02
N GLU C 216 4.24 33.87 -27.12
CA GLU C 216 4.74 32.60 -27.69
C GLU C 216 4.29 31.37 -26.88
N LEU C 217 4.40 31.46 -25.56
CA LEU C 217 4.05 30.38 -24.67
C LEU C 217 3.43 30.95 -23.41
N ILE C 218 2.57 30.15 -22.80
CA ILE C 218 1.92 30.50 -21.53
C ILE C 218 2.27 29.31 -20.62
N LEU C 219 2.74 29.60 -19.41
CA LEU C 219 3.08 28.55 -18.48
C LEU C 219 1.96 28.48 -17.44
N LEU C 220 1.24 27.36 -17.44
CA LEU C 220 0.12 27.11 -16.55
C LEU C 220 0.68 26.69 -15.20
N ASP C 221 0.74 27.65 -14.30
CA ASP C 221 1.31 27.42 -13.00
C ASP C 221 0.36 26.80 -12.03
N ASN C 222 0.58 25.52 -11.77
CA ASN C 222 -0.22 24.78 -10.81
C ASN C 222 -1.69 24.67 -11.13
N PHE C 223 -2.01 24.34 -12.37
CA PHE C 223 -3.41 24.19 -12.74
C PHE C 223 -3.82 22.73 -12.49
N ALA C 224 -5.07 22.56 -12.05
CA ALA C 224 -5.65 21.27 -11.82
C ALA C 224 -5.83 20.76 -13.23
N VAL C 225 -5.90 19.43 -13.40
CA VAL C 225 -6.06 18.87 -14.74
C VAL C 225 -7.28 19.47 -15.41
N TRP C 226 -8.36 19.71 -14.65
CA TRP C 226 -9.58 20.27 -15.25
C TRP C 226 -9.37 21.68 -15.74
N GLN C 227 -8.53 22.43 -15.04
CA GLN C 227 -8.22 23.80 -15.46
C GLN C 227 -7.29 23.79 -16.67
N THR C 228 -6.44 22.79 -16.75
CA THR C 228 -5.53 22.70 -17.88
C THR C 228 -6.36 22.39 -19.14
N GLN C 229 -7.37 21.54 -19.00
CA GLN C 229 -8.25 21.17 -20.11
C GLN C 229 -9.00 22.39 -20.61
N THR C 230 -9.49 23.21 -19.68
CA THR C 230 -10.20 24.45 -20.03
C THR C 230 -9.23 25.36 -20.82
N ALA C 231 -8.05 25.62 -20.24
CA ALA C 231 -7.00 26.43 -20.85
C ALA C 231 -6.74 25.98 -22.28
N VAL C 232 -6.57 24.67 -22.50
CA VAL C 232 -6.32 24.16 -23.85
C VAL C 232 -7.51 24.44 -24.78
N GLN C 233 -8.73 24.30 -24.26
CA GLN C 233 -9.93 24.57 -25.05
C GLN C 233 -9.99 26.05 -25.39
N ARG C 234 -9.70 26.93 -24.42
CA ARG C 234 -9.73 28.35 -24.71
C ARG C 234 -8.63 28.75 -25.68
N ARG C 235 -7.43 28.17 -25.51
CA ARG C 235 -6.30 28.46 -26.40
C ARG C 235 -6.67 28.04 -27.79
N ASP C 236 -7.19 26.83 -27.92
CA ASP C 236 -7.58 26.30 -29.22
C ASP C 236 -8.64 27.13 -29.96
N SER C 237 -9.50 27.82 -29.24
CA SER C 237 -10.52 28.60 -29.90
C SER C 237 -10.13 30.03 -30.09
N ARG C 238 -9.30 30.57 -29.18
CA ARG C 238 -8.90 31.98 -29.27
C ARG C 238 -7.54 32.29 -29.84
N ALA C 239 -6.53 31.48 -29.58
CA ALA C 239 -5.18 31.81 -30.04
C ALA C 239 -4.44 30.55 -30.34
N PRO C 240 -4.81 29.90 -31.43
CA PRO C 240 -4.23 28.66 -31.90
C PRO C 240 -2.71 28.58 -31.87
N THR C 241 -2.07 29.71 -32.06
CA THR C 241 -0.62 29.74 -32.12
C THR C 241 0.14 29.76 -30.78
N VAL C 242 -0.56 30.00 -29.69
CA VAL C 242 0.09 30.03 -28.40
C VAL C 242 0.32 28.60 -27.92
N MET C 243 1.49 28.34 -27.36
CA MET C 243 1.80 27.03 -26.84
C MET C 243 1.66 27.03 -25.34
N LEU C 244 1.13 25.92 -24.83
CA LEU C 244 0.87 25.77 -23.43
C LEU C 244 1.85 24.83 -22.73
N GLU C 245 2.27 25.22 -21.55
CA GLU C 245 3.22 24.43 -20.81
C GLU C 245 2.78 24.32 -19.37
N SER C 246 2.65 23.09 -18.89
CA SER C 246 2.22 22.86 -17.52
C SER C 246 3.43 22.86 -16.59
N SER C 247 3.35 23.56 -15.50
CA SER C 247 4.43 23.60 -14.52
C SER C 247 3.69 23.75 -13.21
N GLY C 248 4.10 23.01 -12.19
CA GLY C 248 3.41 23.09 -10.93
C GLY C 248 3.27 21.77 -10.21
N GLY C 249 2.03 21.34 -9.97
CA GLY C 249 1.80 20.12 -9.23
C GLY C 249 1.89 18.85 -10.06
N LEU C 250 3.02 18.67 -10.75
CA LEU C 250 3.20 17.52 -11.62
C LEU C 250 3.93 16.41 -10.90
N SER C 251 3.47 15.19 -11.15
CA SER C 251 4.08 14.02 -10.57
C SER C 251 4.09 13.06 -11.70
N LEU C 252 4.98 12.09 -11.60
CA LEU C 252 5.12 11.07 -12.61
C LEU C 252 3.85 10.21 -12.71
N GLN C 253 3.08 10.13 -11.62
CA GLN C 253 1.84 9.35 -11.63
C GLN C 253 0.73 10.11 -12.36
N THR C 254 0.82 11.44 -12.35
CA THR C 254 -0.16 12.30 -13.01
C THR C 254 0.24 12.80 -14.38
N ALA C 255 1.50 12.64 -14.74
CA ALA C 255 1.99 13.11 -16.04
C ALA C 255 1.13 12.81 -17.28
N ALA C 256 0.73 11.56 -17.50
CA ALA C 256 -0.05 11.29 -18.68
C ALA C 256 -1.40 12.00 -18.67
N THR C 257 -1.97 12.18 -17.48
CA THR C 257 -3.27 12.81 -17.40
C THR C 257 -3.22 14.21 -17.88
N TYR C 258 -2.14 14.92 -17.54
CA TYR C 258 -1.95 16.30 -17.97
C TYR C 258 -1.65 16.32 -19.44
N ALA C 259 -0.80 15.39 -19.86
CA ALA C 259 -0.40 15.29 -21.25
C ALA C 259 -1.60 15.08 -22.15
N GLU C 260 -2.52 14.24 -21.71
CA GLU C 260 -3.72 13.97 -22.48
C GLU C 260 -4.60 15.19 -22.71
N THR C 261 -4.54 16.20 -21.85
CA THR C 261 -5.36 17.39 -22.02
C THR C 261 -5.04 18.03 -23.35
N GLY C 262 -3.82 17.80 -23.82
CA GLY C 262 -3.35 18.37 -25.07
C GLY C 262 -2.28 19.46 -24.92
N VAL C 263 -1.78 19.74 -23.71
CA VAL C 263 -0.73 20.74 -23.56
C VAL C 263 0.48 20.36 -24.40
N ASP C 264 1.28 21.35 -24.74
CA ASP C 264 2.45 21.14 -25.59
C ASP C 264 3.69 20.67 -24.86
N TYR C 265 3.81 21.03 -23.60
CA TYR C 265 4.96 20.69 -22.78
C TYR C 265 4.60 20.50 -21.31
N LEU C 266 5.51 19.85 -20.60
CA LEU C 266 5.40 19.66 -19.17
C LEU C 266 6.77 20.08 -18.73
N ALA C 267 6.88 21.14 -17.96
CA ALA C 267 8.17 21.64 -17.44
C ALA C 267 8.33 21.00 -16.08
N VAL C 268 9.34 20.13 -15.94
CA VAL C 268 9.54 19.41 -14.67
C VAL C 268 10.81 19.81 -13.93
N GLY C 269 10.63 20.52 -12.84
CA GLY C 269 11.76 20.98 -12.09
C GLY C 269 12.47 19.86 -11.41
N ALA C 270 11.73 18.84 -11.03
CA ALA C 270 12.32 17.73 -10.31
C ALA C 270 13.39 17.01 -11.12
N LEU C 271 13.34 17.14 -12.43
CA LEU C 271 14.33 16.46 -13.25
C LEU C 271 15.78 16.80 -12.88
N THR C 272 15.98 18.03 -12.39
CA THR C 272 17.30 18.55 -12.03
C THR C 272 17.52 18.85 -10.54
N HIS C 273 16.48 19.32 -9.85
CA HIS C 273 16.60 19.47 -8.36
C HIS C 273 16.06 18.14 -7.90
N SER C 274 16.18 17.72 -6.67
CA SER C 274 15.63 16.37 -6.40
C SER C 274 16.08 15.19 -7.31
N VAL C 275 17.37 14.99 -7.59
CA VAL C 275 17.76 13.84 -8.45
C VAL C 275 18.32 12.62 -7.66
N ARG C 276 18.00 11.43 -8.12
CA ARG C 276 18.42 10.21 -7.46
C ARG C 276 19.52 9.63 -8.29
N VAL C 277 20.64 9.39 -7.66
CA VAL C 277 21.81 8.88 -8.35
C VAL C 277 21.63 7.47 -8.94
N LEU C 278 22.16 7.25 -10.14
CA LEU C 278 22.19 5.92 -10.69
C LEU C 278 23.43 5.30 -10.00
N ASP C 279 23.22 4.27 -9.20
CA ASP C 279 24.30 3.59 -8.51
C ASP C 279 25.22 2.83 -9.48
N ILE C 280 26.46 3.29 -9.58
CA ILE C 280 27.47 2.71 -10.47
C ILE C 280 28.77 2.52 -9.70
N GLY C 281 29.43 1.37 -9.86
CA GLY C 281 30.68 1.16 -9.14
C GLY C 281 31.82 0.89 -10.11
N LEU C 282 33.05 1.06 -9.62
CA LEU C 282 34.25 0.78 -10.43
C LEU C 282 34.76 -0.55 -9.89
N ASP C 283 34.64 -1.59 -10.70
CA ASP C 283 35.07 -2.93 -10.33
C ASP C 283 36.38 -3.33 -10.97
N MET C 284 37.32 -3.75 -10.12
CA MET C 284 38.65 -4.17 -10.51
C MET C 284 38.75 -5.64 -10.16
N GLY D 1 28.11 30.42 11.82
CA GLY D 1 27.85 30.78 10.41
C GLY D 1 28.77 29.95 9.53
N LEU D 2 29.08 30.46 8.35
CA LEU D 2 29.96 29.74 7.46
C LEU D 2 31.40 29.98 7.87
N SER D 3 32.25 28.99 7.68
CA SER D 3 33.64 29.13 8.02
C SER D 3 34.34 29.72 6.82
N ASP D 4 35.64 29.88 6.92
CA ASP D 4 36.47 30.44 5.86
C ASP D 4 36.44 29.65 4.56
N TRP D 5 36.59 28.35 4.65
CA TRP D 5 36.58 27.45 3.50
C TRP D 5 35.14 27.33 2.91
N GLU D 6 34.14 27.23 3.77
CA GLU D 6 32.75 27.12 3.34
C GLU D 6 32.29 28.40 2.63
N LEU D 7 32.71 29.52 3.20
CA LEU D 7 32.41 30.82 2.69
C LEU D 7 32.98 30.97 1.29
N ALA D 8 34.20 30.50 1.10
CA ALA D 8 34.86 30.59 -0.20
C ALA D 8 34.19 29.64 -1.18
N ALA D 9 33.80 28.46 -0.69
CA ALA D 9 33.10 27.48 -1.51
C ALA D 9 31.79 28.13 -1.96
N ALA D 10 31.13 28.79 -1.03
CA ALA D 10 29.88 29.49 -1.31
C ALA D 10 30.06 30.56 -2.39
N ARG D 11 30.95 31.51 -2.20
CA ARG D 11 31.15 32.56 -3.19
C ARG D 11 31.42 32.00 -4.55
N ALA D 12 32.23 30.95 -4.60
CA ALA D 12 32.59 30.33 -5.85
C ALA D 12 31.35 29.77 -6.53
N ALA D 13 30.54 29.09 -5.76
CA ALA D 13 29.32 28.50 -6.30
C ALA D 13 28.37 29.59 -6.80
N ILE D 14 28.11 30.62 -5.98
CA ILE D 14 27.15 31.64 -6.40
C ILE D 14 27.66 32.28 -7.67
N ALA D 15 28.96 32.46 -7.77
CA ALA D 15 29.54 33.07 -8.95
C ALA D 15 29.31 32.20 -10.21
N ARG D 16 29.36 30.88 -10.06
CA ARG D 16 29.15 29.99 -11.20
C ARG D 16 27.67 30.00 -11.55
N GLY D 17 26.83 30.06 -10.52
CA GLY D 17 25.41 30.11 -10.73
C GLY D 17 24.98 31.33 -11.56
N LEU D 18 25.37 32.51 -11.08
CA LEU D 18 25.04 33.73 -11.76
C LEU D 18 25.54 33.74 -13.18
N ASP D 19 26.75 33.23 -13.39
CA ASP D 19 27.28 33.22 -14.75
C ASP D 19 26.44 32.38 -15.67
N GLU D 20 25.93 31.27 -15.16
CA GLU D 20 25.08 30.40 -15.97
C GLU D 20 23.83 31.16 -16.43
N ASP D 21 23.28 31.96 -15.52
CA ASP D 21 22.09 32.76 -15.81
C ASP D 21 22.33 33.95 -16.75
N LEU D 22 23.47 34.63 -16.57
CA LEU D 22 23.78 35.83 -17.36
C LEU D 22 24.63 35.64 -18.59
N ARG D 23 25.10 34.43 -18.81
CA ARG D 23 25.94 34.09 -19.96
C ARG D 23 25.40 34.48 -21.33
N TYR D 24 24.08 34.39 -21.51
CA TYR D 24 23.44 34.70 -22.79
C TYR D 24 22.93 36.14 -22.96
N GLY D 25 23.16 36.97 -21.96
CA GLY D 25 22.70 38.31 -22.05
C GLY D 25 22.11 38.63 -20.71
N PRO D 26 21.66 39.89 -20.50
CA PRO D 26 21.07 40.31 -19.24
C PRO D 26 19.66 39.79 -19.07
N ASP D 27 19.16 39.98 -17.87
CA ASP D 27 17.81 39.56 -17.53
C ASP D 27 16.86 40.55 -18.22
N VAL D 28 16.66 40.32 -19.52
CA VAL D 28 15.80 41.17 -20.33
C VAL D 28 14.41 41.40 -19.76
N THR D 29 13.83 40.34 -19.19
CA THR D 29 12.48 40.44 -18.65
C THR D 29 12.33 41.34 -17.43
N THR D 30 13.25 41.32 -16.48
CA THR D 30 13.11 42.22 -15.35
C THR D 30 13.56 43.64 -15.74
N LEU D 31 14.44 43.77 -16.73
CA LEU D 31 14.87 45.09 -17.16
C LEU D 31 13.70 45.79 -17.77
N ALA D 32 12.95 45.04 -18.57
CA ALA D 32 11.79 45.59 -19.24
C ALA D 32 10.60 45.82 -18.34
N THR D 33 10.48 45.09 -17.24
CA THR D 33 9.31 45.24 -16.42
C THR D 33 9.46 46.00 -15.13
N VAL D 34 10.65 45.94 -14.52
CA VAL D 34 10.84 46.65 -13.27
C VAL D 34 11.78 47.83 -13.39
N PRO D 35 11.27 49.01 -13.02
CA PRO D 35 12.14 50.17 -13.14
C PRO D 35 13.32 50.05 -12.20
N ALA D 36 14.41 50.69 -12.57
CA ALA D 36 15.62 50.65 -11.78
C ALA D 36 15.46 51.11 -10.35
N SER D 37 14.56 52.05 -10.16
CA SER D 37 14.36 52.61 -8.84
C SER D 37 13.53 51.76 -7.90
N ALA D 38 12.87 50.76 -8.46
CA ALA D 38 12.00 49.94 -7.64
C ALA D 38 12.72 49.29 -6.47
N THR D 39 11.95 49.07 -5.42
CA THR D 39 12.42 48.48 -4.17
C THR D 39 11.24 47.72 -3.50
N THR D 40 11.53 46.58 -2.86
CA THR D 40 10.48 45.82 -2.17
C THR D 40 11.01 45.16 -0.96
N THR D 41 10.07 44.56 -0.24
CA THR D 41 10.34 43.78 0.93
C THR D 41 9.92 42.44 0.34
N ALA D 42 10.80 41.45 0.46
CA ALA D 42 10.55 40.12 -0.07
C ALA D 42 10.86 39.13 1.04
N SER D 43 10.24 37.95 0.98
CA SER D 43 10.50 36.95 1.98
C SER D 43 10.77 35.62 1.33
N LEU D 44 11.69 34.88 1.93
CA LEU D 44 12.02 33.54 1.46
C LEU D 44 11.07 32.73 2.33
N VAL D 45 10.07 32.09 1.75
CA VAL D 45 9.14 31.31 2.55
C VAL D 45 9.03 29.85 2.12
N THR D 46 8.97 28.93 3.08
CA THR D 46 8.87 27.53 2.71
C THR D 46 7.48 27.14 2.27
N ARG D 47 7.43 26.21 1.32
CA ARG D 47 6.16 25.74 0.86
C ARG D 47 5.95 24.42 1.58
N GLU D 48 6.95 24.01 2.35
CA GLU D 48 6.85 22.75 3.07
C GLU D 48 7.66 22.77 4.34
N ALA D 49 7.47 21.76 5.17
CA ALA D 49 8.19 21.67 6.46
C ALA D 49 9.54 20.97 6.31
N GLY D 50 10.47 21.33 7.19
CA GLY D 50 11.77 20.72 7.16
C GLY D 50 12.71 21.48 8.03
N VAL D 51 14.01 21.32 7.81
CA VAL D 51 15.06 22.00 8.59
C VAL D 51 15.74 22.94 7.65
N VAL D 52 15.99 24.16 8.10
CA VAL D 52 16.62 25.13 7.23
C VAL D 52 18.14 25.17 7.31
N ALA D 53 18.79 25.20 6.15
CA ALA D 53 20.23 25.30 6.08
C ALA D 53 20.67 26.14 4.88
N GLY D 54 21.72 26.94 5.04
CA GLY D 54 22.26 27.72 3.95
C GLY D 54 21.77 29.12 3.78
N LEU D 55 21.26 29.72 4.86
CA LEU D 55 20.73 31.07 4.81
C LEU D 55 21.81 32.13 4.51
N ASP D 56 23.04 31.89 4.97
CA ASP D 56 24.11 32.84 4.70
C ASP D 56 24.44 32.84 3.22
N VAL D 57 24.20 31.71 2.56
CA VAL D 57 24.49 31.59 1.14
C VAL D 57 23.51 32.47 0.39
N ALA D 58 22.36 32.73 1.01
CA ALA D 58 21.36 33.59 0.42
C ALA D 58 21.97 34.99 0.47
N LEU D 59 22.43 35.40 1.66
CA LEU D 59 23.06 36.72 1.82
C LEU D 59 24.24 36.93 0.86
N LEU D 60 25.13 35.95 0.75
CA LEU D 60 26.26 36.06 -0.17
C LEU D 60 25.85 36.25 -1.65
N THR D 61 24.65 35.79 -2.02
CA THR D 61 24.14 35.92 -3.40
C THR D 61 23.69 37.38 -3.67
N LEU D 62 23.12 38.02 -2.67
CA LEU D 62 22.70 39.37 -2.83
C LEU D 62 23.95 40.21 -2.88
N ASN D 63 24.93 39.94 -2.00
CA ASN D 63 26.24 40.66 -1.97
C ASN D 63 26.87 40.71 -3.34
N GLU D 64 26.81 39.57 -4.01
CA GLU D 64 27.37 39.46 -5.33
C GLU D 64 26.54 40.25 -6.33
N VAL D 65 25.22 40.23 -6.17
CA VAL D 65 24.32 40.93 -7.10
C VAL D 65 24.05 42.40 -6.77
N LEU D 66 23.71 42.67 -5.51
CA LEU D 66 23.42 44.01 -5.03
C LEU D 66 24.54 44.73 -4.29
N GLY D 67 25.51 43.98 -3.78
CA GLY D 67 26.57 44.59 -2.99
C GLY D 67 26.10 44.58 -1.55
N THR D 68 27.04 44.63 -0.61
CA THR D 68 26.66 44.60 0.79
C THR D 68 25.66 45.67 1.22
N ASN D 69 25.82 46.87 0.68
CA ASN D 69 24.95 47.98 1.02
C ASN D 69 23.81 48.09 0.03
N GLY D 70 23.43 46.96 -0.55
CA GLY D 70 22.36 46.97 -1.52
C GLY D 70 21.07 46.43 -0.97
N TYR D 71 21.08 45.95 0.26
CA TYR D 71 19.88 45.39 0.83
C TYR D 71 19.96 45.41 2.34
N ARG D 72 18.82 45.15 2.98
CA ARG D 72 18.71 45.16 4.44
C ARG D 72 17.89 43.94 4.87
N VAL D 73 18.37 43.24 5.87
CA VAL D 73 17.68 42.06 6.36
C VAL D 73 16.85 42.51 7.55
N LEU D 74 15.54 42.41 7.42
CA LEU D 74 14.66 42.82 8.49
C LEU D 74 14.47 41.70 9.49
N ASP D 75 14.40 40.46 9.03
CA ASP D 75 14.21 39.33 9.92
C ASP D 75 14.71 38.04 9.28
N ARG D 76 15.16 37.11 10.10
CA ARG D 76 15.68 35.83 9.62
C ARG D 76 15.64 34.79 10.71
N VAL D 77 15.62 33.55 10.28
CA VAL D 77 15.55 32.41 11.17
C VAL D 77 16.97 31.88 11.21
N GLU D 78 17.26 31.06 12.20
CA GLU D 78 18.61 30.49 12.27
C GLU D 78 18.72 29.18 11.47
N ASP D 79 19.92 28.89 10.97
CA ASP D 79 20.14 27.66 10.24
C ASP D 79 19.96 26.53 11.25
N GLY D 80 19.30 25.46 10.85
CA GLY D 80 19.12 24.35 11.75
C GLY D 80 17.76 24.37 12.40
N ALA D 81 16.97 25.40 12.10
CA ALA D 81 15.63 25.52 12.66
C ALA D 81 14.66 24.60 11.95
N ARG D 82 13.85 23.90 12.74
CA ARG D 82 12.82 22.99 12.23
C ARG D 82 11.67 23.93 11.89
N VAL D 83 11.22 23.83 10.67
CA VAL D 83 10.24 24.78 10.18
C VAL D 83 8.99 24.17 9.53
N PRO D 84 7.83 24.82 9.74
CA PRO D 84 6.54 24.40 9.19
C PRO D 84 6.32 25.06 7.85
N PRO D 85 5.32 24.58 7.09
CA PRO D 85 4.99 25.12 5.77
C PRO D 85 5.06 26.61 5.47
N GLY D 86 4.07 27.42 5.80
CA GLY D 86 4.20 28.82 5.41
C GLY D 86 5.15 29.69 6.21
N GLU D 87 6.23 29.10 6.71
CA GLU D 87 7.17 29.87 7.50
C GLU D 87 8.08 30.77 6.68
N ALA D 88 8.24 32.01 7.15
CA ALA D 88 9.10 32.99 6.49
C ALA D 88 10.52 32.88 7.08
N LEU D 89 11.41 32.31 6.30
CA LEU D 89 12.78 32.06 6.68
C LEU D 89 13.59 33.31 6.82
N MET D 90 13.27 34.30 5.99
CA MET D 90 14.00 35.56 6.00
C MET D 90 13.18 36.62 5.29
N THR D 91 13.14 37.81 5.87
CA THR D 91 12.42 38.91 5.25
C THR D 91 13.44 39.99 5.00
N LEU D 92 13.47 40.53 3.80
CA LEU D 92 14.42 41.58 3.47
C LEU D 92 13.87 42.66 2.59
N GLU D 93 14.65 43.72 2.46
CA GLU D 93 14.27 44.86 1.67
C GLU D 93 15.43 45.12 0.72
N ALA D 94 15.17 45.15 -0.59
CA ALA D 94 16.24 45.35 -1.56
C ALA D 94 15.74 45.89 -2.86
N GLN D 95 16.67 46.39 -3.68
CA GLN D 95 16.32 46.92 -4.99
C GLN D 95 15.72 45.72 -5.67
N THR D 96 14.56 45.94 -6.26
CA THR D 96 13.81 44.89 -6.91
C THR D 96 14.51 44.18 -8.08
N ARG D 97 15.14 44.94 -8.96
CA ARG D 97 15.82 44.31 -10.07
C ARG D 97 16.84 43.30 -9.59
N GLY D 98 17.59 43.70 -8.58
CA GLY D 98 18.64 42.83 -8.06
C GLY D 98 18.14 41.55 -7.47
N LEU D 99 16.99 41.64 -6.77
CA LEU D 99 16.35 40.50 -6.14
C LEU D 99 15.91 39.48 -7.17
N LEU D 100 15.19 39.94 -8.19
CA LEU D 100 14.69 39.06 -9.25
C LEU D 100 15.79 38.34 -10.04
N THR D 101 16.91 38.99 -10.23
CA THR D 101 18.01 38.38 -10.92
C THR D 101 18.70 37.34 -10.04
N ALA D 102 18.86 37.64 -8.76
CA ALA D 102 19.53 36.76 -7.83
C ALA D 102 18.67 35.58 -7.39
N GLU D 103 17.36 35.78 -7.41
CA GLU D 103 16.38 34.80 -6.99
C GLU D 103 16.63 33.31 -7.21
N ARG D 104 16.65 32.88 -8.46
CA ARG D 104 16.83 31.47 -8.77
C ARG D 104 18.14 30.87 -8.24
N THR D 105 19.24 31.60 -8.37
CA THR D 105 20.52 31.12 -7.86
C THR D 105 20.46 30.97 -6.35
N MET D 106 19.83 31.94 -5.72
CA MET D 106 19.69 31.96 -4.28
C MET D 106 18.78 30.82 -3.80
N LEU D 107 17.60 30.68 -4.39
CA LEU D 107 16.63 29.62 -4.05
C LEU D 107 17.15 28.21 -4.32
N ASN D 108 17.89 28.06 -5.42
CA ASN D 108 18.48 26.78 -5.80
C ASN D 108 19.46 26.28 -4.73
N LEU D 109 20.33 27.15 -4.20
CA LEU D 109 21.29 26.80 -3.15
C LEU D 109 20.62 26.45 -1.84
N VAL D 110 19.81 27.37 -1.30
CA VAL D 110 19.19 27.07 0.00
C VAL D 110 18.19 25.91 -0.10
N GLY D 111 17.51 25.80 -1.23
CA GLY D 111 16.58 24.73 -1.42
C GLY D 111 17.38 23.42 -1.27
N HIS D 112 18.49 23.35 -2.00
CA HIS D 112 19.33 22.16 -1.97
C HIS D 112 19.92 21.87 -0.59
N LEU D 113 20.52 22.86 0.01
CA LEU D 113 21.10 22.65 1.30
C LEU D 113 20.05 22.35 2.33
N SER D 114 18.85 22.90 2.19
CA SER D 114 17.82 22.63 3.19
C SER D 114 17.31 21.24 2.99
N GLY D 115 17.31 20.78 1.74
CA GLY D 115 16.89 19.42 1.46
C GLY D 115 17.79 18.44 2.19
N ILE D 116 19.10 18.68 2.13
CA ILE D 116 20.10 17.81 2.79
C ILE D 116 19.88 17.77 4.30
N ALA D 117 19.79 18.94 4.94
CA ALA D 117 19.59 19.03 6.39
C ALA D 117 18.28 18.34 6.80
N THR D 118 17.24 18.52 5.98
CA THR D 118 15.93 17.94 6.24
C THR D 118 16.05 16.42 6.27
N ALA D 119 16.66 15.83 5.24
CA ALA D 119 16.83 14.39 5.20
C ALA D 119 17.70 13.88 6.34
N THR D 120 18.82 14.55 6.59
CA THR D 120 19.64 14.08 7.66
C THR D 120 18.92 14.17 8.97
N ALA D 121 18.01 15.13 9.10
CA ALA D 121 17.26 15.24 10.35
C ALA D 121 16.28 14.06 10.53
N ALA D 122 15.79 13.53 9.42
CA ALA D 122 14.87 12.41 9.46
C ALA D 122 15.61 11.16 9.97
N TRP D 123 16.83 10.93 9.49
CA TRP D 123 17.65 9.77 9.89
C TRP D 123 17.98 9.88 11.35
N VAL D 124 18.34 11.07 11.77
CA VAL D 124 18.66 11.38 13.18
C VAL D 124 17.47 11.07 14.08
N ASP D 125 16.26 11.52 13.72
CA ASP D 125 15.11 11.20 14.55
C ASP D 125 14.88 9.71 14.54
N ALA D 126 15.18 9.07 13.41
CA ALA D 126 15.01 7.62 13.28
C ALA D 126 15.85 6.77 14.25
N VAL D 127 17.09 7.17 14.47
CA VAL D 127 17.97 6.39 15.34
C VAL D 127 17.99 6.92 16.74
N ARG D 128 17.01 7.74 17.07
CA ARG D 128 16.89 8.31 18.39
C ARG D 128 16.70 7.17 19.40
N GLY D 129 17.36 7.29 20.56
CA GLY D 129 17.27 6.25 21.59
C GLY D 129 18.21 5.09 21.32
N THR D 130 19.25 5.39 20.56
CA THR D 130 20.25 4.44 20.13
C THR D 130 21.51 5.26 20.29
N LYS D 131 22.69 4.64 20.28
CA LYS D 131 23.89 5.45 20.43
C LYS D 131 24.45 5.95 19.10
N ALA D 132 23.91 5.42 18.01
CA ALA D 132 24.36 5.72 16.66
C ALA D 132 24.25 7.14 16.20
N LYS D 133 25.23 7.55 15.40
CA LYS D 133 25.29 8.88 14.82
C LYS D 133 25.22 8.69 13.31
N ILE D 134 24.65 9.68 12.64
CA ILE D 134 24.46 9.67 11.21
C ILE D 134 25.66 10.38 10.61
N ARG D 135 26.29 9.77 9.61
CA ARG D 135 27.47 10.35 8.94
C ARG D 135 27.31 10.35 7.43
N ASP D 136 28.03 11.25 6.78
CA ASP D 136 27.97 11.34 5.34
C ASP D 136 29.13 10.57 4.70
N THR D 137 29.34 10.79 3.42
CA THR D 137 30.34 10.07 2.68
C THR D 137 30.96 11.06 1.69
N ARG D 138 31.74 10.55 0.74
CA ARG D 138 32.35 11.38 -0.30
C ARG D 138 31.49 11.35 -1.59
N LYS D 139 30.24 10.95 -1.47
CA LYS D 139 29.36 10.91 -2.61
C LYS D 139 28.62 12.22 -2.59
N THR D 140 29.37 13.28 -2.89
CA THR D 140 28.93 14.65 -2.93
C THR D 140 29.00 15.15 -4.38
N LEU D 141 28.50 16.35 -4.67
CA LEU D 141 28.56 16.83 -6.06
C LEU D 141 29.78 17.70 -6.16
N PRO D 142 30.46 17.67 -7.32
CA PRO D 142 31.67 18.47 -7.56
C PRO D 142 31.47 19.97 -7.41
N GLY D 143 32.21 20.56 -6.47
CA GLY D 143 32.07 21.98 -6.27
C GLY D 143 31.15 22.28 -5.09
N LEU D 144 30.43 21.28 -4.60
CA LEU D 144 29.52 21.51 -3.47
C LEU D 144 29.80 20.73 -2.18
N ARG D 145 30.87 19.93 -2.15
CA ARG D 145 31.20 19.14 -0.95
C ARG D 145 31.19 19.94 0.35
N ALA D 146 31.87 21.07 0.40
CA ALA D 146 31.90 21.87 1.64
C ALA D 146 30.49 22.31 2.08
N LEU D 147 29.65 22.68 1.12
CA LEU D 147 28.30 23.11 1.43
C LEU D 147 27.43 21.92 1.84
N GLN D 148 27.49 20.82 1.10
CA GLN D 148 26.69 19.66 1.46
C GLN D 148 27.09 19.10 2.82
N LYS D 149 28.38 19.11 3.11
CA LYS D 149 28.94 18.63 4.38
C LYS D 149 28.43 19.52 5.53
N TYR D 150 28.36 20.81 5.28
CA TYR D 150 27.88 21.80 6.22
C TYR D 150 26.40 21.54 6.52
N ALA D 151 25.62 21.31 5.48
CA ALA D 151 24.19 21.04 5.64
C ALA D 151 23.89 19.76 6.44
N VAL D 152 24.69 18.70 6.28
CA VAL D 152 24.37 17.50 7.06
C VAL D 152 24.66 17.81 8.52
N ARG D 153 25.70 18.58 8.76
CA ARG D 153 26.02 18.96 10.14
C ARG D 153 24.85 19.74 10.72
N THR D 154 24.32 20.67 9.92
CA THR D 154 23.18 21.52 10.30
C THR D 154 21.92 20.71 10.67
N GLY D 155 21.71 19.58 10.01
CA GLY D 155 20.55 18.75 10.31
C GLY D 155 20.74 17.77 11.46
N GLY D 156 21.97 17.69 11.97
CA GLY D 156 22.25 16.81 13.11
C GLY D 156 23.22 15.67 12.91
N GLY D 157 23.72 15.49 11.69
CA GLY D 157 24.67 14.44 11.44
C GLY D 157 26.10 14.89 11.74
N VAL D 158 27.05 13.96 11.62
CA VAL D 158 28.46 14.26 11.81
C VAL D 158 29.24 13.92 10.54
N ASN D 159 30.09 14.83 10.13
CA ASN D 159 30.86 14.64 8.92
C ASN D 159 31.85 13.48 9.03
N HIS D 160 32.11 12.85 7.90
CA HIS D 160 33.10 11.78 7.79
C HIS D 160 34.32 12.55 7.25
N ARG D 161 35.26 11.89 6.58
CA ARG D 161 36.42 12.63 6.09
C ARG D 161 36.01 13.55 4.95
N LEU D 162 36.77 14.61 4.74
CA LEU D 162 36.46 15.59 3.68
C LEU D 162 37.14 15.30 2.36
N GLY D 163 38.11 14.40 2.39
CA GLY D 163 38.82 14.08 1.19
C GLY D 163 39.60 12.82 1.37
N LEU D 164 40.52 12.60 0.43
CA LEU D 164 41.37 11.43 0.41
C LEU D 164 42.52 11.43 1.44
N GLY D 165 43.09 12.62 1.71
CA GLY D 165 44.21 12.71 2.64
C GLY D 165 43.79 12.99 4.05
N ASP D 166 42.55 13.36 4.18
CA ASP D 166 41.89 13.68 5.45
C ASP D 166 42.10 12.57 6.51
N ALA D 167 41.85 11.33 6.09
CA ALA D 167 41.95 10.14 6.93
C ALA D 167 42.06 8.99 5.97
N ALA D 168 42.45 7.84 6.48
CA ALA D 168 42.61 6.65 5.65
C ALA D 168 41.35 5.80 5.69
N LEU D 169 40.99 5.23 4.55
CA LEU D 169 39.84 4.33 4.49
C LEU D 169 40.24 3.23 3.54
N ILE D 170 40.54 2.05 4.10
CA ILE D 170 40.94 0.93 3.30
C ILE D 170 39.69 0.29 2.74
N LYS D 171 39.53 0.42 1.43
CA LYS D 171 38.41 -0.13 0.68
C LYS D 171 38.72 -1.45 0.03
N ASP D 172 37.76 -2.01 -0.68
CA ASP D 172 37.93 -3.30 -1.33
C ASP D 172 39.02 -3.31 -2.40
N ASN D 173 39.14 -2.21 -3.13
CA ASN D 173 40.14 -2.11 -4.18
C ASN D 173 41.56 -2.01 -3.64
N HIS D 174 41.71 -1.68 -2.36
CA HIS D 174 43.02 -1.61 -1.72
C HIS D 174 43.45 -2.98 -1.20
N VAL D 175 42.60 -3.61 -0.40
CA VAL D 175 42.90 -4.93 0.17
C VAL D 175 43.47 -5.87 -0.92
N ALA D 176 42.89 -5.79 -2.12
CA ALA D 176 43.29 -6.61 -3.28
C ALA D 176 44.75 -6.35 -3.59
N ALA D 177 45.09 -5.08 -3.73
CA ALA D 177 46.45 -4.66 -4.02
C ALA D 177 47.40 -5.05 -2.86
N ALA D 178 46.98 -4.85 -1.62
CA ALA D 178 47.80 -5.19 -0.48
C ALA D 178 47.80 -6.69 -0.24
N GLY D 179 46.94 -7.41 -0.95
CA GLY D 179 46.87 -8.85 -0.79
C GLY D 179 46.11 -9.35 0.43
N SER D 180 46.01 -8.51 1.46
CA SER D 180 45.30 -8.90 2.66
C SER D 180 44.79 -7.66 3.40
N VAL D 181 43.70 -7.85 4.15
CA VAL D 181 43.08 -6.80 4.95
C VAL D 181 44.07 -6.37 6.00
N VAL D 182 44.63 -7.34 6.72
CA VAL D 182 45.62 -7.05 7.77
C VAL D 182 46.89 -6.43 7.19
N ASP D 183 47.28 -6.88 6.00
CA ASP D 183 48.46 -6.35 5.33
C ASP D 183 48.24 -4.88 5.05
N ALA D 184 47.15 -4.56 4.34
CA ALA D 184 46.77 -3.19 4.00
C ALA D 184 46.71 -2.32 5.25
N LEU D 185 46.11 -2.86 6.28
CA LEU D 185 45.99 -2.16 7.55
C LEU D 185 47.41 -1.88 8.07
N ARG D 186 48.23 -2.90 8.15
CA ARG D 186 49.59 -2.73 8.63
C ARG D 186 50.34 -1.69 7.80
N ALA D 187 50.20 -1.81 6.49
CA ALA D 187 50.86 -0.94 5.53
C ALA D 187 50.52 0.52 5.76
N VAL D 188 49.24 0.79 5.95
CA VAL D 188 48.79 2.14 6.18
C VAL D 188 49.27 2.62 7.53
N ARG D 189 49.30 1.72 8.51
CA ARG D 189 49.73 2.05 9.86
C ARG D 189 51.16 2.56 9.82
N ASN D 190 51.96 1.88 9.01
CA ASN D 190 53.37 2.23 8.88
C ASN D 190 53.55 3.54 8.15
N ALA D 191 52.71 3.75 7.14
CA ALA D 191 52.78 4.93 6.32
C ALA D 191 52.20 6.23 6.92
N ALA D 192 51.08 6.13 7.60
CA ALA D 192 50.46 7.31 8.18
C ALA D 192 49.92 6.90 9.53
N PRO D 193 50.82 6.67 10.48
CA PRO D 193 50.52 6.25 11.85
C PRO D 193 49.80 7.30 12.67
N ASP D 194 49.85 8.54 12.22
CA ASP D 194 49.22 9.66 12.92
C ASP D 194 47.78 9.86 12.44
N LEU D 195 47.52 9.32 11.26
CA LEU D 195 46.23 9.45 10.58
C LEU D 195 45.14 8.47 11.04
N PRO D 196 43.88 8.93 11.09
CA PRO D 196 42.78 8.08 11.49
C PRO D 196 42.60 7.01 10.42
N CYS D 197 42.29 5.80 10.88
CA CYS D 197 42.16 4.67 10.01
C CYS D 197 40.80 3.94 10.15
N GLU D 198 40.11 3.75 9.03
CA GLU D 198 38.86 3.02 9.02
C GLU D 198 39.16 1.87 8.05
N VAL D 199 38.74 0.66 8.39
CA VAL D 199 38.93 -0.45 7.46
C VAL D 199 37.55 -1.02 7.09
N GLU D 200 37.35 -1.23 5.82
CA GLU D 200 36.12 -1.71 5.31
C GLU D 200 36.14 -3.24 5.16
N VAL D 201 35.19 -3.90 5.80
CA VAL D 201 35.08 -5.35 5.69
C VAL D 201 33.72 -5.68 5.09
N ASP D 202 33.67 -6.73 4.29
CA ASP D 202 32.42 -7.17 3.70
C ASP D 202 31.98 -8.57 4.18
N SER D 203 32.63 -9.10 5.22
CA SER D 203 32.27 -10.39 5.74
C SER D 203 32.66 -10.49 7.20
N LEU D 204 32.01 -11.38 7.93
CA LEU D 204 32.32 -11.58 9.34
C LEU D 204 33.72 -12.20 9.49
N GLU D 205 34.16 -12.86 8.42
CA GLU D 205 35.49 -13.46 8.36
C GLU D 205 36.53 -12.33 8.42
N GLN D 206 36.41 -11.36 7.50
CA GLN D 206 37.32 -10.21 7.48
C GLN D 206 37.25 -9.50 8.81
N LEU D 207 36.05 -9.40 9.35
CA LEU D 207 35.87 -8.75 10.64
C LEU D 207 36.72 -9.43 11.72
N ASP D 208 36.69 -10.75 11.77
CA ASP D 208 37.48 -11.50 12.75
C ASP D 208 38.98 -11.25 12.54
N ALA D 209 39.39 -11.19 11.27
CA ALA D 209 40.78 -10.96 10.90
C ALA D 209 41.38 -9.61 11.31
N VAL D 210 40.58 -8.54 11.24
CA VAL D 210 41.07 -7.22 11.58
C VAL D 210 40.78 -6.75 12.99
N LEU D 211 39.83 -7.39 13.67
CA LEU D 211 39.50 -7.00 15.05
C LEU D 211 40.75 -7.04 15.98
N PRO D 212 41.61 -8.07 15.83
CA PRO D 212 42.82 -8.16 16.66
C PRO D 212 43.81 -7.04 16.38
N GLU D 213 43.80 -6.51 15.17
CA GLU D 213 44.70 -5.42 14.80
C GLU D 213 44.26 -4.12 15.47
N LYS D 214 43.06 -4.13 16.05
CA LYS D 214 42.52 -2.97 16.71
C LYS D 214 42.54 -1.65 15.92
N PRO D 215 41.86 -1.59 14.75
CA PRO D 215 41.82 -0.35 13.95
C PRO D 215 40.83 0.59 14.63
N GLU D 216 40.92 1.89 14.34
CA GLU D 216 40.06 2.92 14.93
C GLU D 216 38.58 2.61 14.71
N LEU D 217 38.24 2.34 13.45
CA LEU D 217 36.88 2.05 13.05
C LEU D 217 36.88 0.98 11.99
N ILE D 218 35.76 0.26 11.93
CA ILE D 218 35.58 -0.75 10.92
C ILE D 218 34.24 -0.35 10.29
N LEU D 219 34.17 -0.40 8.97
CA LEU D 219 32.98 -0.07 8.22
C LEU D 219 32.40 -1.42 7.74
N LEU D 220 31.20 -1.75 8.21
CA LEU D 220 30.51 -2.98 7.87
C LEU D 220 29.78 -2.69 6.57
N ASP D 221 30.30 -3.22 5.48
CA ASP D 221 29.77 -3.03 4.17
C ASP D 221 28.69 -4.00 3.79
N ASN D 222 27.46 -3.50 3.73
CA ASN D 222 26.29 -4.30 3.35
C ASN D 222 26.05 -5.55 4.22
N PHE D 223 26.07 -5.40 5.52
CA PHE D 223 25.84 -6.53 6.38
C PHE D 223 24.36 -6.57 6.64
N ALA D 224 23.82 -7.78 6.75
CA ALA D 224 22.42 -7.97 7.09
C ALA D 224 22.32 -7.60 8.57
N VAL D 225 21.11 -7.43 9.06
CA VAL D 225 20.98 -7.05 10.46
C VAL D 225 21.55 -8.10 11.39
N TRP D 226 21.33 -9.38 11.09
CA TRP D 226 21.85 -10.44 11.96
C TRP D 226 23.38 -10.47 11.94
N GLN D 227 23.98 -10.10 10.82
CA GLN D 227 25.43 -10.06 10.76
C GLN D 227 25.97 -8.84 11.46
N THR D 228 25.19 -7.75 11.47
CA THR D 228 25.63 -6.54 12.16
C THR D 228 25.64 -6.80 13.67
N GLN D 229 24.61 -7.46 14.16
CA GLN D 229 24.49 -7.80 15.57
C GLN D 229 25.66 -8.72 16.01
N THR D 230 25.99 -9.71 15.18
CA THR D 230 27.11 -10.60 15.50
C THR D 230 28.36 -9.73 15.62
N ALA D 231 28.57 -8.87 14.61
CA ALA D 231 29.71 -7.95 14.52
C ALA D 231 29.89 -7.14 15.78
N VAL D 232 28.78 -6.60 16.25
CA VAL D 232 28.78 -5.81 17.48
C VAL D 232 29.09 -6.71 18.66
N GLN D 233 28.61 -7.95 18.68
CA GLN D 233 28.89 -8.87 19.79
C GLN D 233 30.37 -9.26 19.82
N ARG D 234 30.92 -9.55 18.66
CA ARG D 234 32.34 -9.89 18.57
C ARG D 234 33.21 -8.71 18.96
N ARG D 235 32.81 -7.50 18.61
CA ARG D 235 33.56 -6.31 18.96
C ARG D 235 33.53 -6.05 20.47
N ASP D 236 32.35 -6.09 21.07
CA ASP D 236 32.19 -5.84 22.49
C ASP D 236 32.98 -6.80 23.34
N SER D 237 33.16 -8.02 22.86
CA SER D 237 33.90 -8.99 23.64
C SER D 237 35.41 -8.99 23.37
N ARG D 238 35.78 -8.80 22.10
CA ARG D 238 37.17 -8.84 21.65
C ARG D 238 37.94 -7.55 21.52
N ALA D 239 37.30 -6.50 21.05
CA ALA D 239 37.98 -5.23 20.86
C ALA D 239 37.05 -4.05 21.15
N PRO D 240 36.68 -3.84 22.43
CA PRO D 240 35.78 -2.78 22.89
C PRO D 240 36.07 -1.42 22.32
N THR D 241 37.33 -1.16 22.01
CA THR D 241 37.73 0.15 21.49
C THR D 241 37.49 0.41 20.02
N VAL D 242 37.23 -0.66 19.25
CA VAL D 242 36.97 -0.51 17.83
C VAL D 242 35.55 -0.02 17.66
N MET D 243 35.38 0.98 16.83
CA MET D 243 34.06 1.50 16.54
C MET D 243 33.56 0.86 15.23
N LEU D 244 32.26 0.60 15.21
CA LEU D 244 31.60 0.00 14.07
C LEU D 244 30.73 1.03 13.35
N GLU D 245 30.75 0.96 12.03
CA GLU D 245 29.97 1.88 11.21
C GLU D 245 29.34 1.12 10.08
N SER D 246 28.01 1.17 9.98
CA SER D 246 27.34 0.45 8.93
C SER D 246 27.22 1.29 7.68
N SER D 247 27.43 0.69 6.53
CA SER D 247 27.28 1.41 5.30
C SER D 247 26.82 0.33 4.36
N GLY D 248 25.91 0.64 3.45
CA GLY D 248 25.47 -0.39 2.55
C GLY D 248 24.00 -0.35 2.23
N GLY D 249 23.30 -1.43 2.54
CA GLY D 249 21.87 -1.49 2.25
C GLY D 249 21.03 -0.83 3.32
N LEU D 250 21.30 0.45 3.54
CA LEU D 250 20.62 1.24 4.55
C LEU D 250 19.48 2.05 3.96
N SER D 251 18.31 1.96 4.59
CA SER D 251 17.16 2.71 4.15
C SER D 251 16.60 3.34 5.41
N LEU D 252 15.95 4.48 5.24
CA LEU D 252 15.35 5.18 6.35
C LEU D 252 14.37 4.25 7.10
N GLN D 253 13.75 3.30 6.39
CA GLN D 253 12.81 2.37 7.03
C GLN D 253 13.54 1.33 7.90
N THR D 254 14.78 1.02 7.56
CA THR D 254 15.55 0.07 8.33
C THR D 254 16.53 0.71 9.32
N ALA D 255 16.79 2.00 9.17
CA ALA D 255 17.76 2.71 10.01
C ALA D 255 17.76 2.37 11.49
N ALA D 256 16.60 2.39 12.12
CA ALA D 256 16.53 2.07 13.55
C ALA D 256 16.88 0.62 13.85
N THR D 257 16.56 -0.29 12.96
CA THR D 257 16.88 -1.68 13.19
C THR D 257 18.40 -1.88 13.23
N TYR D 258 19.12 -1.20 12.37
CA TYR D 258 20.56 -1.31 12.39
C TYR D 258 21.07 -0.59 13.62
N ALA D 259 20.54 0.60 13.86
CA ALA D 259 20.96 1.39 14.99
C ALA D 259 20.87 0.64 16.28
N GLU D 260 19.77 -0.07 16.46
CA GLU D 260 19.52 -0.85 17.66
C GLU D 260 20.52 -1.97 17.91
N THR D 261 21.19 -2.46 16.86
CA THR D 261 22.17 -3.54 17.00
C THR D 261 23.25 -3.05 17.93
N GLY D 262 23.46 -1.73 17.93
CA GLY D 262 24.47 -1.14 18.80
C GLY D 262 25.65 -0.50 18.08
N VAL D 263 25.63 -0.45 16.75
CA VAL D 263 26.72 0.18 15.98
C VAL D 263 26.91 1.64 16.38
N ASP D 264 28.09 2.17 16.11
CA ASP D 264 28.35 3.54 16.50
C ASP D 264 27.92 4.55 15.43
N TYR D 265 27.91 4.17 14.15
CA TYR D 265 27.54 5.13 13.11
C TYR D 265 26.81 4.48 11.99
N LEU D 266 26.12 5.31 11.22
CA LEU D 266 25.39 4.87 10.06
C LEU D 266 25.92 5.85 9.05
N ALA D 267 26.59 5.35 8.00
CA ALA D 267 27.13 6.20 6.94
C ALA D 267 26.13 6.16 5.78
N VAL D 268 25.46 7.30 5.55
CA VAL D 268 24.43 7.43 4.51
C VAL D 268 24.79 8.27 3.27
N GLY D 269 25.09 7.60 2.17
CA GLY D 269 25.40 8.30 0.94
C GLY D 269 24.22 9.13 0.40
N ALA D 270 22.99 8.64 0.53
CA ALA D 270 21.79 9.35 0.02
C ALA D 270 21.62 10.75 0.54
N LEU D 271 22.14 11.01 1.72
CA LEU D 271 22.05 12.33 2.29
C LEU D 271 22.58 13.38 1.28
N THR D 272 23.58 13.02 0.49
CA THR D 272 24.23 13.96 -0.44
C THR D 272 24.03 13.69 -1.95
N HIS D 273 23.97 12.43 -2.34
CA HIS D 273 23.64 12.09 -3.73
C HIS D 273 22.15 11.89 -3.55
N SER D 274 21.33 11.83 -4.56
CA SER D 274 19.88 11.67 -4.22
C SER D 274 19.23 12.70 -3.23
N VAL D 275 19.44 14.00 -3.40
CA VAL D 275 18.79 14.90 -2.45
C VAL D 275 17.49 15.48 -3.00
N ARG D 276 16.53 15.72 -2.11
CA ARG D 276 15.23 16.29 -2.47
C ARG D 276 15.17 17.70 -1.92
N VAL D 277 14.97 18.65 -2.82
CA VAL D 277 14.93 20.07 -2.49
C VAL D 277 13.85 20.46 -1.51
N LEU D 278 14.16 21.36 -0.59
CA LEU D 278 13.13 21.85 0.29
C LEU D 278 12.53 22.97 -0.60
N ASP D 279 11.23 22.89 -0.83
CA ASP D 279 10.55 23.87 -1.67
C ASP D 279 10.40 25.20 -0.96
N ILE D 280 11.06 26.22 -1.50
CA ILE D 280 11.08 27.56 -0.93
C ILE D 280 10.83 28.57 -2.00
N GLY D 281 10.11 29.64 -1.67
CA GLY D 281 9.83 30.66 -2.66
C GLY D 281 10.20 32.05 -2.18
N LEU D 282 10.30 33.00 -3.12
CA LEU D 282 10.60 34.38 -2.79
C LEU D 282 9.30 35.09 -3.04
N ASP D 283 8.67 35.51 -1.97
CA ASP D 283 7.39 36.16 -2.07
C ASP D 283 7.47 37.68 -1.86
N MET D 284 6.98 38.42 -2.86
CA MET D 284 6.95 39.87 -2.84
C MET D 284 5.51 40.33 -2.77
N GLY E 1 -34.41 10.54 -22.45
CA GLY E 1 -34.36 11.52 -21.33
C GLY E 1 -35.18 10.95 -20.19
N LEU E 2 -35.65 11.80 -19.29
CA LEU E 2 -36.45 11.32 -18.19
C LEU E 2 -37.85 11.02 -18.72
N SER E 3 -38.52 10.08 -18.08
CA SER E 3 -39.87 9.70 -18.44
C SER E 3 -40.78 10.51 -17.54
N ASP E 4 -42.07 10.33 -17.73
CA ASP E 4 -43.09 11.05 -16.98
C ASP E 4 -43.00 10.88 -15.46
N TRP E 5 -42.72 9.68 -14.99
CA TRP E 5 -42.60 9.44 -13.54
C TRP E 5 -41.29 10.02 -12.99
N GLU E 6 -40.22 9.88 -13.77
CA GLU E 6 -38.90 10.39 -13.40
C GLU E 6 -38.93 11.92 -13.40
N LEU E 7 -39.61 12.48 -14.40
CA LEU E 7 -39.78 13.91 -14.58
C LEU E 7 -40.45 14.52 -13.36
N ALA E 8 -41.55 13.91 -12.93
CA ALA E 8 -42.31 14.37 -11.79
C ALA E 8 -41.49 14.21 -10.51
N ALA E 9 -40.71 13.16 -10.46
CA ALA E 9 -39.86 12.90 -9.31
C ALA E 9 -38.84 14.03 -9.27
N ALA E 10 -38.29 14.32 -10.44
CA ALA E 10 -37.32 15.41 -10.61
C ALA E 10 -37.88 16.74 -10.13
N ARG E 11 -39.05 17.13 -10.63
CA ARG E 11 -39.69 18.39 -10.20
C ARG E 11 -39.96 18.46 -8.69
N ALA E 12 -40.41 17.36 -8.11
CA ALA E 12 -40.66 17.33 -6.68
C ALA E 12 -39.40 17.56 -5.90
N ALA E 13 -38.31 16.89 -6.30
CA ALA E 13 -37.03 17.02 -5.61
C ALA E 13 -36.46 18.44 -5.77
N ILE E 14 -36.50 19.00 -6.98
CA ILE E 14 -35.95 20.35 -7.14
C ILE E 14 -36.75 21.36 -6.29
N ALA E 15 -38.05 21.10 -6.13
CA ALA E 15 -38.92 21.99 -5.35
C ALA E 15 -38.56 21.94 -3.90
N ARG E 16 -38.22 20.75 -3.41
CA ARG E 16 -37.83 20.59 -2.02
C ARG E 16 -36.45 21.21 -1.82
N GLY E 17 -35.57 21.03 -2.81
CA GLY E 17 -34.24 21.61 -2.70
C GLY E 17 -34.28 23.13 -2.57
N LEU E 18 -35.01 23.80 -3.46
CA LEU E 18 -35.14 25.28 -3.44
C LEU E 18 -35.82 25.76 -2.19
N ASP E 19 -36.79 25.01 -1.69
CA ASP E 19 -37.43 25.47 -0.48
C ASP E 19 -36.45 25.46 0.69
N GLU E 20 -35.55 24.48 0.72
CA GLU E 20 -34.56 24.41 1.79
C GLU E 20 -33.62 25.62 1.73
N ASP E 21 -33.31 26.06 0.52
CA ASP E 21 -32.45 27.24 0.32
C ASP E 21 -33.13 28.58 0.63
N LEU E 22 -34.38 28.73 0.17
CA LEU E 22 -35.18 29.96 0.34
C LEU E 22 -36.05 30.08 1.60
N ARG E 23 -36.10 29.03 2.38
CA ARG E 23 -36.88 29.01 3.61
C ARG E 23 -36.58 30.14 4.61
N TYR E 24 -35.33 30.53 4.75
CA TYR E 24 -34.99 31.57 5.73
C TYR E 24 -35.03 33.00 5.19
N GLY E 25 -35.43 33.15 3.93
CA GLY E 25 -35.48 34.47 3.35
C GLY E 25 -34.91 34.35 1.96
N PRO E 26 -34.81 35.46 1.22
CA PRO E 26 -34.27 35.45 -0.14
C PRO E 26 -32.72 35.40 -0.14
N ASP E 27 -32.17 35.24 -1.33
CA ASP E 27 -30.74 35.19 -1.48
C ASP E 27 -30.14 36.58 -1.25
N VAL E 28 -30.02 36.96 0.01
CA VAL E 28 -29.51 38.26 0.36
C VAL E 28 -28.19 38.64 -0.26
N THR E 29 -27.24 37.72 -0.23
CA THR E 29 -25.94 38.00 -0.80
C THR E 29 -25.92 38.27 -2.32
N THR E 30 -26.76 37.61 -3.13
CA THR E 30 -26.69 37.94 -4.56
C THR E 30 -27.53 39.15 -4.88
N LEU E 31 -28.51 39.40 -4.03
CA LEU E 31 -29.37 40.54 -4.22
C LEU E 31 -28.55 41.77 -3.97
N ALA E 32 -27.65 41.66 -3.00
CA ALA E 32 -26.82 42.78 -2.64
C ALA E 32 -25.59 42.97 -3.54
N THR E 33 -25.23 41.94 -4.29
CA THR E 33 -24.04 42.07 -5.12
C THR E 33 -24.30 42.12 -6.58
N VAL E 34 -25.32 41.39 -7.05
CA VAL E 34 -25.59 41.39 -8.47
C VAL E 34 -26.90 42.04 -8.84
N PRO E 35 -26.85 42.94 -9.83
CA PRO E 35 -28.05 43.63 -10.23
C PRO E 35 -29.03 42.74 -10.95
N ALA E 36 -30.30 43.03 -10.73
CA ALA E 36 -31.38 42.28 -11.35
C ALA E 36 -31.23 42.18 -12.86
N SER E 37 -30.57 43.17 -13.45
CA SER E 37 -30.41 43.19 -14.90
C SER E 37 -29.27 42.34 -15.45
N ALA E 38 -28.42 41.89 -14.54
CA ALA E 38 -27.27 41.08 -14.90
C ALA E 38 -27.63 39.77 -15.64
N THR E 39 -26.83 39.45 -16.64
CA THR E 39 -26.99 38.26 -17.46
C THR E 39 -25.59 37.71 -17.78
N THR E 40 -25.45 36.38 -17.79
CA THR E 40 -24.18 35.75 -18.14
C THR E 40 -24.35 34.48 -18.93
N THR E 41 -23.19 33.96 -19.30
CA THR E 41 -23.08 32.69 -19.99
C THR E 41 -22.35 31.92 -18.90
N ALA E 42 -22.93 30.81 -18.47
CA ALA E 42 -22.31 29.99 -17.45
C ALA E 42 -22.21 28.59 -17.97
N SER E 43 -21.24 27.83 -17.45
CA SER E 43 -21.04 26.45 -17.87
C SER E 43 -20.97 25.50 -16.68
N LEU E 44 -21.59 24.34 -16.86
CA LEU E 44 -21.56 23.27 -15.87
C LEU E 44 -20.33 22.51 -16.33
N VAL E 45 -19.24 22.55 -15.55
CA VAL E 45 -18.05 21.82 -15.98
C VAL E 45 -17.58 20.86 -14.90
N THR E 46 -17.20 19.66 -15.31
CA THR E 46 -16.71 18.67 -14.36
C THR E 46 -15.30 18.95 -13.89
N ARG E 47 -15.06 18.71 -12.62
CA ARG E 47 -13.73 18.88 -12.09
C ARG E 47 -13.06 17.49 -12.17
N GLU E 48 -13.84 16.46 -12.49
CA GLU E 48 -13.31 15.11 -12.59
C GLU E 48 -13.98 14.30 -13.66
N ALA E 49 -13.40 13.15 -14.00
CA ALA E 49 -13.94 12.32 -15.06
C ALA E 49 -15.02 11.45 -14.52
N GLY E 50 -15.92 11.02 -15.40
CA GLY E 50 -17.01 10.19 -14.96
C GLY E 50 -18.03 10.09 -16.06
N VAL E 51 -19.21 9.60 -15.71
CA VAL E 51 -20.31 9.44 -16.65
C VAL E 51 -21.35 10.47 -16.22
N VAL E 52 -21.91 11.19 -17.17
CA VAL E 52 -22.86 12.22 -16.82
C VAL E 52 -24.29 11.70 -16.81
N ALA E 53 -25.09 12.10 -15.82
CA ALA E 53 -26.48 11.70 -15.74
C ALA E 53 -27.25 12.78 -15.04
N GLY E 54 -28.48 13.00 -15.48
CA GLY E 54 -29.36 13.99 -14.86
C GLY E 54 -29.30 15.41 -15.33
N LEU E 55 -28.71 15.64 -16.49
CA LEU E 55 -28.59 16.98 -17.06
C LEU E 55 -29.98 17.63 -17.23
N ASP E 56 -31.02 16.83 -17.46
CA ASP E 56 -32.38 17.37 -17.59
C ASP E 56 -32.84 17.96 -16.27
N VAL E 57 -32.35 17.40 -15.18
CA VAL E 57 -32.68 17.91 -13.86
C VAL E 57 -32.09 19.32 -13.67
N ALA E 58 -31.07 19.65 -14.46
CA ALA E 58 -30.46 20.98 -14.40
C ALA E 58 -31.45 21.93 -15.08
N LEU E 59 -31.81 21.61 -16.33
CA LEU E 59 -32.76 22.42 -17.06
C LEU E 59 -34.02 22.63 -16.22
N LEU E 60 -34.54 21.57 -15.58
CA LEU E 60 -35.75 21.68 -14.76
C LEU E 60 -35.61 22.65 -13.61
N THR E 61 -34.40 22.84 -13.12
CA THR E 61 -34.15 23.73 -11.98
C THR E 61 -34.22 25.19 -12.45
N LEU E 62 -33.73 25.40 -13.68
CA LEU E 62 -33.75 26.72 -14.29
C LEU E 62 -35.20 27.05 -14.59
N ASN E 63 -35.93 26.14 -15.21
CA ASN E 63 -37.35 26.38 -15.47
C ASN E 63 -38.04 26.84 -14.19
N GLU E 64 -37.71 26.19 -13.09
CA GLU E 64 -38.36 26.54 -11.85
C GLU E 64 -37.95 27.89 -11.34
N VAL E 65 -36.69 28.25 -11.53
CA VAL E 65 -36.22 29.52 -11.02
C VAL E 65 -36.38 30.68 -11.99
N LEU E 66 -36.00 30.46 -13.23
CA LEU E 66 -36.07 31.49 -14.27
C LEU E 66 -37.24 31.35 -15.25
N GLY E 67 -37.87 30.19 -15.30
CA GLY E 67 -38.96 29.98 -16.22
C GLY E 67 -38.35 29.54 -17.54
N THR E 68 -39.12 28.79 -18.32
CA THR E 68 -38.64 28.27 -19.58
C THR E 68 -37.97 29.30 -20.48
N ASN E 69 -38.59 30.46 -20.56
CA ASN E 69 -38.09 31.53 -21.43
C ASN E 69 -37.12 32.43 -20.66
N GLY E 70 -36.53 31.87 -19.60
CA GLY E 70 -35.62 32.65 -18.78
C GLY E 70 -34.16 32.41 -19.12
N TYR E 71 -33.90 31.41 -19.97
CA TYR E 71 -32.53 31.08 -20.31
C TYR E 71 -32.43 30.40 -21.65
N ARG E 72 -31.21 30.35 -22.16
CA ARG E 72 -30.93 29.74 -23.45
C ARG E 72 -29.75 28.77 -23.31
N VAL E 73 -29.91 27.55 -23.79
CA VAL E 73 -28.87 26.53 -23.71
C VAL E 73 -28.12 26.61 -25.02
N LEU E 74 -26.88 27.06 -24.96
CA LEU E 74 -26.05 27.18 -26.15
C LEU E 74 -25.46 25.82 -26.49
N ASP E 75 -25.40 24.94 -25.50
CA ASP E 75 -24.81 23.61 -25.71
C ASP E 75 -24.96 22.69 -24.51
N ARG E 76 -25.03 21.40 -24.78
CA ARG E 76 -25.16 20.40 -23.72
C ARG E 76 -24.70 19.05 -24.24
N VAL E 77 -24.32 18.21 -23.29
CA VAL E 77 -23.82 16.90 -23.59
C VAL E 77 -25.00 15.95 -23.34
N GLU E 78 -24.94 14.72 -23.85
CA GLU E 78 -26.01 13.78 -23.59
C GLU E 78 -25.76 13.00 -22.31
N ASP E 79 -26.84 12.62 -21.64
CA ASP E 79 -26.73 11.80 -20.44
C ASP E 79 -26.11 10.47 -20.90
N GLY E 80 -25.27 9.89 -20.05
CA GLY E 80 -24.61 8.65 -20.40
C GLY E 80 -23.25 8.85 -21.04
N ALA E 81 -22.86 10.08 -21.30
CA ALA E 81 -21.59 10.35 -21.92
C ALA E 81 -20.47 10.19 -20.92
N ARG E 82 -19.41 9.52 -21.38
CA ARG E 82 -18.19 9.31 -20.58
C ARG E 82 -17.47 10.63 -20.76
N VAL E 83 -17.06 11.23 -19.66
CA VAL E 83 -16.50 12.55 -19.72
C VAL E 83 -15.18 12.74 -18.97
N PRO E 84 -14.26 13.51 -19.58
CA PRO E 84 -12.95 13.79 -18.97
C PRO E 84 -13.04 15.02 -18.10
N PRO E 85 -12.03 15.24 -17.27
CA PRO E 85 -12.01 16.39 -16.39
C PRO E 85 -12.58 17.75 -16.78
N GLY E 86 -11.88 18.59 -17.52
CA GLY E 86 -12.48 19.91 -17.75
C GLY E 86 -13.55 20.01 -18.80
N GLU E 87 -14.38 18.99 -18.93
CA GLU E 87 -15.42 18.97 -19.94
C GLU E 87 -16.61 19.85 -19.57
N ALA E 88 -17.12 20.60 -20.56
CA ALA E 88 -18.29 21.48 -20.35
C ALA E 88 -19.54 20.69 -20.65
N LEU E 89 -20.27 20.31 -19.61
CA LEU E 89 -21.47 19.49 -19.74
C LEU E 89 -22.63 20.21 -20.40
N MET E 90 -22.72 21.50 -20.12
CA MET E 90 -23.76 22.34 -20.65
C MET E 90 -23.37 23.81 -20.50
N THR E 91 -23.55 24.56 -21.58
CA THR E 91 -23.29 26.01 -21.58
C THR E 91 -24.63 26.71 -21.82
N LEU E 92 -24.92 27.70 -21.00
CA LEU E 92 -26.16 28.42 -21.13
C LEU E 92 -25.99 29.90 -20.88
N GLU E 93 -27.06 30.64 -21.19
CA GLU E 93 -27.11 32.06 -21.02
C GLU E 93 -28.34 32.35 -20.18
N ALA E 94 -28.18 33.10 -19.09
CA ALA E 94 -29.30 33.41 -18.22
C ALA E 94 -29.08 34.61 -17.32
N GLN E 95 -30.18 35.09 -16.73
CA GLN E 95 -30.12 36.19 -15.77
C GLN E 95 -29.22 35.65 -14.65
N THR E 96 -28.21 36.43 -14.30
CA THR E 96 -27.26 36.02 -13.28
C THR E 96 -27.86 35.68 -11.91
N ARG E 97 -28.75 36.51 -11.41
CA ARG E 97 -29.33 36.24 -10.10
C ARG E 97 -29.99 34.86 -10.04
N GLY E 98 -30.70 34.53 -11.11
CA GLY E 98 -31.41 33.28 -11.18
C GLY E 98 -30.47 32.12 -11.09
N LEU E 99 -29.37 32.22 -11.84
CA LEU E 99 -28.33 31.19 -11.89
C LEU E 99 -27.72 30.95 -10.53
N LEU E 100 -27.32 32.02 -9.84
CA LEU E 100 -26.70 31.86 -8.52
C LEU E 100 -27.60 31.24 -7.43
N THR E 101 -28.90 31.45 -7.55
CA THR E 101 -29.83 30.92 -6.58
C THR E 101 -30.15 29.48 -6.92
N ALA E 102 -30.15 29.17 -8.21
CA ALA E 102 -30.45 27.83 -8.67
C ALA E 102 -29.26 26.88 -8.54
N GLU E 103 -28.06 27.43 -8.67
CA GLU E 103 -26.79 26.68 -8.63
C GLU E 103 -26.60 25.46 -7.70
N ARG E 104 -26.67 25.67 -6.40
CA ARG E 104 -26.47 24.57 -5.46
C ARG E 104 -27.49 23.45 -5.61
N THR E 105 -28.75 23.78 -5.78
CA THR E 105 -29.75 22.73 -5.97
C THR E 105 -29.49 21.93 -7.25
N MET E 106 -29.08 22.63 -8.29
CA MET E 106 -28.81 22.00 -9.58
C MET E 106 -27.56 21.08 -9.53
N LEU E 107 -26.47 21.60 -8.97
CA LEU E 107 -25.22 20.89 -8.82
C LEU E 107 -25.38 19.67 -7.92
N ASN E 108 -26.06 19.85 -6.78
CA ASN E 108 -26.31 18.74 -5.86
C ASN E 108 -27.01 17.54 -6.53
N LEU E 109 -28.00 17.81 -7.38
CA LEU E 109 -28.70 16.74 -8.07
C LEU E 109 -27.84 16.07 -9.14
N VAL E 110 -27.29 16.85 -10.09
CA VAL E 110 -26.52 16.20 -11.15
C VAL E 110 -25.22 15.58 -10.67
N GLY E 111 -24.70 16.10 -9.56
CA GLY E 111 -23.46 15.55 -9.04
C GLY E 111 -23.75 14.21 -8.45
N HIS E 112 -24.87 14.11 -7.72
CA HIS E 112 -25.31 12.87 -7.08
C HIS E 112 -25.64 11.87 -8.14
N LEU E 113 -26.49 12.23 -9.09
CA LEU E 113 -26.82 11.28 -10.14
C LEU E 113 -25.64 10.88 -11.02
N SER E 114 -24.69 11.77 -11.24
CA SER E 114 -23.54 11.44 -12.06
C SER E 114 -22.61 10.53 -11.24
N GLY E 115 -22.52 10.79 -9.95
CA GLY E 115 -21.70 9.94 -9.13
C GLY E 115 -22.24 8.53 -9.28
N ILE E 116 -23.56 8.36 -9.24
CA ILE E 116 -24.18 7.04 -9.34
C ILE E 116 -23.90 6.35 -10.67
N ALA E 117 -24.10 7.06 -11.77
CA ALA E 117 -23.84 6.50 -13.10
C ALA E 117 -22.37 6.17 -13.27
N THR E 118 -21.50 6.96 -12.67
CA THR E 118 -20.06 6.77 -12.75
C THR E 118 -19.66 5.45 -12.08
N ALA E 119 -20.11 5.27 -10.84
CA ALA E 119 -19.86 4.05 -10.10
C ALA E 119 -20.50 2.81 -10.76
N THR E 120 -21.73 2.92 -11.28
CA THR E 120 -22.29 1.75 -11.91
C THR E 120 -21.52 1.36 -13.16
N ALA E 121 -20.98 2.34 -13.87
CA ALA E 121 -20.21 2.04 -15.06
C ALA E 121 -18.91 1.30 -14.70
N ALA E 122 -18.41 1.53 -13.50
CA ALA E 122 -17.20 0.86 -13.05
C ALA E 122 -17.50 -0.61 -12.81
N TRP E 123 -18.64 -0.88 -12.17
CA TRP E 123 -19.02 -2.24 -11.89
C TRP E 123 -19.24 -2.92 -13.20
N VAL E 124 -19.90 -2.23 -14.10
CA VAL E 124 -20.17 -2.79 -15.42
C VAL E 124 -18.88 -3.18 -16.15
N ASP E 125 -17.86 -2.34 -16.12
CA ASP E 125 -16.60 -2.72 -16.78
C ASP E 125 -15.96 -3.89 -16.09
N ALA E 126 -16.06 -3.91 -14.76
CA ALA E 126 -15.44 -4.96 -13.98
C ALA E 126 -15.90 -6.38 -14.35
N VAL E 127 -17.18 -6.54 -14.73
CA VAL E 127 -17.69 -7.87 -15.04
C VAL E 127 -17.83 -8.09 -16.50
N ARG E 128 -17.19 -7.24 -17.27
CA ARG E 128 -17.19 -7.33 -18.73
C ARG E 128 -16.54 -8.70 -19.08
N GLY E 129 -17.02 -9.34 -20.14
CA GLY E 129 -16.47 -10.64 -20.53
C GLY E 129 -17.06 -11.81 -19.74
N THR E 130 -18.11 -11.47 -19.02
CA THR E 130 -18.87 -12.34 -18.15
C THR E 130 -20.32 -12.11 -18.60
N LYS E 131 -21.23 -13.00 -18.26
CA LYS E 131 -22.63 -12.79 -18.67
C LYS E 131 -23.41 -12.01 -17.58
N ALA E 132 -22.76 -11.72 -16.46
CA ALA E 132 -23.41 -11.05 -15.35
C ALA E 132 -23.80 -9.63 -15.62
N LYS E 133 -24.92 -9.24 -15.02
CA LYS E 133 -25.47 -7.89 -15.12
C LYS E 133 -25.49 -7.30 -13.72
N ILE E 134 -25.27 -6.00 -13.63
CA ILE E 134 -25.25 -5.28 -12.37
C ILE E 134 -26.64 -4.76 -12.12
N ARG E 135 -27.18 -5.04 -10.94
CA ARG E 135 -28.51 -4.60 -10.59
C ARG E 135 -28.50 -3.80 -9.32
N ASP E 136 -29.49 -2.95 -9.15
CA ASP E 136 -29.60 -2.14 -7.93
C ASP E 136 -30.49 -2.86 -6.88
N THR E 137 -30.84 -2.16 -5.82
CA THR E 137 -31.63 -2.70 -4.74
C THR E 137 -32.67 -1.65 -4.32
N ARG E 138 -33.29 -1.87 -3.18
CA ARG E 138 -34.26 -0.92 -2.70
C ARG E 138 -33.61 -0.06 -1.64
N LYS E 139 -32.27 -0.06 -1.62
CA LYS E 139 -31.53 0.74 -0.66
C LYS E 139 -31.26 2.08 -1.29
N THR E 140 -32.32 2.83 -1.49
CA THR E 140 -32.29 4.14 -2.12
C THR E 140 -32.64 5.18 -1.09
N LEU E 141 -32.52 6.46 -1.43
CA LEU E 141 -32.84 7.52 -0.48
C LEU E 141 -34.29 7.92 -0.69
N PRO E 142 -35.02 8.17 0.40
CA PRO E 142 -36.42 8.56 0.33
C PRO E 142 -36.69 9.77 -0.52
N GLY E 143 -37.43 9.54 -1.60
CA GLY E 143 -37.73 10.65 -2.46
C GLY E 143 -36.88 10.71 -3.71
N LEU E 144 -35.83 9.90 -3.75
CA LEU E 144 -34.93 9.88 -4.91
C LEU E 144 -34.82 8.55 -5.63
N ARG E 145 -35.56 7.54 -5.19
CA ARG E 145 -35.50 6.22 -5.80
C ARG E 145 -35.57 6.27 -7.30
N ALA E 146 -36.57 6.97 -7.84
CA ALA E 146 -36.73 7.03 -9.30
C ALA E 146 -35.52 7.66 -10.01
N LEU E 147 -34.95 8.69 -9.39
CA LEU E 147 -33.79 9.34 -9.98
C LEU E 147 -32.58 8.44 -9.88
N GLN E 148 -32.38 7.82 -8.70
CA GLN E 148 -31.28 6.89 -8.43
C GLN E 148 -31.33 5.70 -9.34
N LYS E 149 -32.51 5.11 -9.54
CA LYS E 149 -32.76 3.95 -10.40
C LYS E 149 -32.51 4.33 -11.90
N TYR E 150 -32.79 5.58 -12.23
CA TYR E 150 -32.55 6.11 -13.57
C TYR E 150 -31.04 6.19 -13.81
N ALA E 151 -30.31 6.69 -12.82
CA ALA E 151 -28.86 6.84 -12.94
C ALA E 151 -28.09 5.52 -13.10
N VAL E 152 -28.52 4.46 -12.40
CA VAL E 152 -27.84 3.18 -12.56
C VAL E 152 -28.05 2.67 -13.95
N ARG E 153 -29.25 2.84 -14.46
CA ARG E 153 -29.55 2.39 -15.81
C ARG E 153 -28.65 3.15 -16.81
N THR E 154 -28.46 4.44 -16.55
CA THR E 154 -27.65 5.30 -17.41
C THR E 154 -26.18 4.83 -17.40
N GLY E 155 -25.72 4.36 -16.26
CA GLY E 155 -24.36 3.88 -16.19
C GLY E 155 -24.17 2.48 -16.76
N GLY E 156 -25.25 1.83 -17.20
CA GLY E 156 -25.14 0.48 -17.77
C GLY E 156 -25.70 -0.68 -16.95
N GLY E 157 -26.30 -0.38 -15.79
CA GLY E 157 -26.86 -1.43 -14.96
C GLY E 157 -28.33 -1.67 -15.27
N VAL E 158 -28.93 -2.60 -14.55
CA VAL E 158 -30.32 -2.89 -14.80
C VAL E 158 -31.08 -2.83 -13.48
N ASN E 159 -32.23 -2.19 -13.52
CA ASN E 159 -33.02 -2.02 -12.33
C ASN E 159 -33.61 -3.31 -11.83
N HIS E 160 -33.69 -3.42 -10.52
CA HIS E 160 -34.30 -4.56 -9.87
C HIS E 160 -35.75 -4.06 -9.68
N ARG E 161 -36.45 -4.54 -8.66
CA ARG E 161 -37.82 -4.09 -8.47
C ARG E 161 -37.83 -2.63 -7.96
N LEU E 162 -38.89 -1.89 -8.27
CA LEU E 162 -39.02 -0.51 -7.84
C LEU E 162 -39.69 -0.35 -6.48
N GLY E 163 -40.42 -1.38 -6.07
CA GLY E 163 -41.07 -1.31 -4.77
C GLY E 163 -41.38 -2.69 -4.25
N LEU E 164 -42.29 -2.75 -3.27
CA LEU E 164 -42.72 -3.97 -2.61
C LEU E 164 -43.77 -4.83 -3.36
N GLY E 165 -44.65 -4.17 -4.15
CA GLY E 165 -45.71 -4.84 -4.93
C GLY E 165 -45.31 -5.18 -6.38
N ASP E 166 -44.20 -4.58 -6.75
CA ASP E 166 -43.55 -4.71 -8.03
C ASP E 166 -43.26 -6.18 -8.40
N ALA E 167 -42.68 -6.92 -7.45
CA ALA E 167 -42.25 -8.32 -7.60
C ALA E 167 -42.09 -8.81 -6.20
N ALA E 168 -42.09 -10.13 -6.00
CA ALA E 168 -41.95 -10.69 -4.66
C ALA E 168 -40.50 -10.98 -4.42
N LEU E 169 -40.07 -10.88 -3.17
CA LEU E 169 -38.71 -11.20 -2.79
C LEU E 169 -38.78 -11.71 -1.39
N ILE E 170 -38.67 -13.01 -1.24
CA ILE E 170 -38.71 -13.62 0.08
C ILE E 170 -37.36 -13.42 0.78
N LYS E 171 -37.40 -12.67 1.86
CA LYS E 171 -36.26 -12.31 2.69
C LYS E 171 -36.17 -13.14 3.96
N ASP E 172 -35.11 -12.94 4.72
CA ASP E 172 -34.91 -13.66 5.95
C ASP E 172 -36.02 -13.53 6.96
N ASN E 173 -36.56 -12.32 7.09
CA ASN E 173 -37.61 -12.07 8.06
C ASN E 173 -38.93 -12.77 7.70
N HIS E 174 -39.16 -13.08 6.42
CA HIS E 174 -40.38 -13.78 5.99
C HIS E 174 -40.17 -15.22 6.26
N VAL E 175 -38.98 -15.70 5.93
CA VAL E 175 -38.64 -17.09 6.17
C VAL E 175 -38.88 -17.33 7.67
N ALA E 176 -38.43 -16.39 8.51
CA ALA E 176 -38.57 -16.46 9.96
C ALA E 176 -40.02 -16.57 10.31
N ALA E 177 -40.80 -15.62 9.79
CA ALA E 177 -42.23 -15.58 10.02
C ALA E 177 -42.94 -16.84 9.49
N ALA E 178 -42.59 -17.25 8.28
CA ALA E 178 -43.19 -18.43 7.64
C ALA E 178 -42.69 -19.71 8.28
N GLY E 179 -41.61 -19.59 9.05
CA GLY E 179 -41.03 -20.74 9.70
C GLY E 179 -40.07 -21.54 8.83
N SER E 180 -40.17 -21.44 7.51
CA SER E 180 -39.30 -22.19 6.61
C SER E 180 -39.22 -21.52 5.25
N VAL E 181 -38.11 -21.75 4.54
CA VAL E 181 -37.88 -21.18 3.21
C VAL E 181 -38.90 -21.73 2.23
N VAL E 182 -39.06 -23.06 2.25
CA VAL E 182 -40.01 -23.74 1.38
C VAL E 182 -41.47 -23.36 1.73
N ASP E 183 -41.74 -23.18 3.03
CA ASP E 183 -43.07 -22.76 3.48
C ASP E 183 -43.39 -21.41 2.85
N ALA E 184 -42.51 -20.43 3.11
CA ALA E 184 -42.62 -19.08 2.56
C ALA E 184 -42.79 -19.09 1.02
N LEU E 185 -41.94 -19.85 0.33
CA LEU E 185 -42.00 -19.94 -1.12
C LEU E 185 -43.39 -20.38 -1.56
N ARG E 186 -43.85 -21.47 -0.97
CA ARG E 186 -45.16 -21.99 -1.31
C ARG E 186 -46.23 -20.92 -1.09
N ALA E 187 -46.19 -20.29 0.10
CA ALA E 187 -47.15 -19.26 0.49
C ALA E 187 -47.27 -18.16 -0.53
N VAL E 188 -46.14 -17.70 -1.06
CA VAL E 188 -46.14 -16.63 -2.03
C VAL E 188 -46.65 -17.18 -3.37
N ARG E 189 -46.34 -18.43 -3.67
CA ARG E 189 -46.81 -19.02 -4.91
C ARG E 189 -48.33 -19.05 -4.90
N ASN E 190 -48.92 -19.39 -3.75
CA ASN E 190 -50.37 -19.45 -3.62
C ASN E 190 -51.03 -18.08 -3.64
N ALA E 191 -50.36 -17.09 -3.05
CA ALA E 191 -50.90 -15.75 -2.99
C ALA E 191 -50.75 -14.91 -4.26
N ALA E 192 -49.62 -15.00 -4.94
CA ALA E 192 -49.42 -14.20 -6.14
C ALA E 192 -48.70 -15.06 -7.15
N PRO E 193 -49.41 -16.07 -7.66
CA PRO E 193 -48.92 -17.04 -8.65
C PRO E 193 -48.52 -16.45 -9.98
N ASP E 194 -48.94 -15.22 -10.21
CA ASP E 194 -48.65 -14.53 -11.46
C ASP E 194 -47.41 -13.64 -11.40
N LEU E 195 -47.09 -13.21 -10.18
CA LEU E 195 -46.00 -12.30 -9.88
C LEU E 195 -44.62 -12.96 -9.86
N PRO E 196 -43.57 -12.21 -10.27
CA PRO E 196 -42.19 -12.70 -10.29
C PRO E 196 -41.77 -12.93 -8.85
N CYS E 197 -41.07 -14.03 -8.62
CA CYS E 197 -40.67 -14.43 -7.29
C CYS E 197 -39.15 -14.64 -7.17
N GLU E 198 -38.55 -14.08 -6.14
CA GLU E 198 -37.14 -14.26 -5.91
C GLU E 198 -37.14 -14.73 -4.46
N VAL E 199 -36.31 -15.71 -4.17
CA VAL E 199 -36.20 -16.18 -2.82
C VAL E 199 -34.76 -15.98 -2.39
N GLU E 200 -34.60 -15.43 -1.21
CA GLU E 200 -33.30 -15.20 -0.65
C GLU E 200 -32.80 -16.41 0.23
N VAL E 201 -31.62 -16.94 -0.06
CA VAL E 201 -31.05 -18.04 0.72
C VAL E 201 -29.68 -17.60 1.25
N ASP E 202 -29.33 -18.01 2.45
CA ASP E 202 -28.07 -17.66 3.04
C ASP E 202 -27.19 -18.88 3.33
N SER E 203 -27.53 -20.02 2.75
CA SER E 203 -26.71 -21.20 2.93
C SER E 203 -26.95 -22.17 1.76
N LEU E 204 -26.02 -23.08 1.58
CA LEU E 204 -26.16 -24.05 0.51
C LEU E 204 -27.29 -25.00 0.84
N GLU E 205 -27.60 -25.08 2.12
CA GLU E 205 -28.66 -25.96 2.61
C GLU E 205 -30.00 -25.45 2.12
N GLN E 206 -30.29 -24.16 2.36
CA GLN E 206 -31.53 -23.55 1.90
C GLN E 206 -31.58 -23.62 0.39
N LEU E 207 -30.44 -23.38 -0.25
CA LEU E 207 -30.39 -23.44 -1.70
C LEU E 207 -30.88 -24.78 -2.17
N ASP E 208 -30.35 -25.85 -1.61
CA ASP E 208 -30.79 -27.18 -2.02
C ASP E 208 -32.32 -27.37 -1.82
N ALA E 209 -32.84 -26.85 -0.72
CA ALA E 209 -34.25 -26.95 -0.40
C ALA E 209 -35.17 -26.21 -1.36
N VAL E 210 -34.74 -25.05 -1.86
CA VAL E 210 -35.63 -24.34 -2.75
C VAL E 210 -35.45 -24.68 -4.22
N LEU E 211 -34.25 -25.11 -4.61
CA LEU E 211 -33.97 -25.43 -6.01
C LEU E 211 -35.05 -26.27 -6.66
N PRO E 212 -35.50 -27.34 -5.99
CA PRO E 212 -36.55 -28.20 -6.56
C PRO E 212 -37.90 -27.49 -6.73
N GLU E 213 -38.13 -26.43 -5.96
CA GLU E 213 -39.37 -25.68 -6.07
C GLU E 213 -39.39 -24.85 -7.33
N LYS E 214 -38.23 -24.71 -7.94
CA LYS E 214 -38.08 -23.95 -9.16
C LYS E 214 -38.50 -22.45 -9.16
N PRO E 215 -37.84 -21.62 -8.31
CA PRO E 215 -38.21 -20.20 -8.29
C PRO E 215 -37.57 -19.44 -9.48
N GLU E 216 -38.11 -18.26 -9.80
CA GLU E 216 -37.59 -17.45 -10.92
C GLU E 216 -36.12 -17.12 -10.66
N LEU E 217 -35.85 -16.59 -9.49
CA LEU E 217 -34.54 -16.16 -9.09
C LEU E 217 -34.25 -16.52 -7.65
N ILE E 218 -32.97 -16.80 -7.36
CA ILE E 218 -32.51 -17.08 -6.00
C ILE E 218 -31.43 -16.02 -5.74
N LEU E 219 -31.48 -15.41 -4.57
CA LEU E 219 -30.54 -14.41 -4.16
C LEU E 219 -29.65 -15.04 -3.11
N LEU E 220 -28.38 -15.17 -3.47
CA LEU E 220 -27.36 -15.76 -2.65
C LEU E 220 -26.88 -14.70 -1.75
N ASP E 221 -27.35 -14.72 -0.52
CA ASP E 221 -27.03 -13.72 0.47
C ASP E 221 -25.72 -13.97 1.19
N ASN E 222 -24.73 -13.14 0.90
CA ASN E 222 -23.43 -13.25 1.53
C ASN E 222 -22.71 -14.58 1.38
N PHE E 223 -22.64 -15.09 0.16
CA PHE E 223 -21.94 -16.34 -0.11
C PHE E 223 -20.46 -16.03 -0.42
N ALA E 224 -19.56 -16.90 0.03
CA ALA E 224 -18.15 -16.77 -0.28
C ALA E 224 -18.08 -17.11 -1.77
N VAL E 225 -16.98 -16.78 -2.47
CA VAL E 225 -16.90 -17.09 -3.91
C VAL E 225 -17.01 -18.58 -4.18
N TRP E 226 -16.41 -19.41 -3.32
CA TRP E 226 -16.46 -20.87 -3.49
C TRP E 226 -17.88 -21.43 -3.36
N GLN E 227 -18.69 -20.80 -2.50
CA GLN E 227 -20.05 -21.22 -2.31
C GLN E 227 -20.89 -20.77 -3.45
N THR E 228 -20.53 -19.64 -4.05
CA THR E 228 -21.27 -19.14 -5.20
C THR E 228 -21.04 -20.09 -6.38
N GLN E 229 -19.80 -20.56 -6.53
CA GLN E 229 -19.46 -21.50 -7.60
C GLN E 229 -20.25 -22.81 -7.46
N THR E 230 -20.33 -23.34 -6.23
CA THR E 230 -21.07 -24.55 -5.97
C THR E 230 -22.53 -24.28 -6.37
N ALA E 231 -23.10 -23.20 -5.83
CA ALA E 231 -24.50 -22.81 -6.14
C ALA E 231 -24.73 -22.82 -7.64
N VAL E 232 -23.79 -22.26 -8.40
CA VAL E 232 -23.95 -22.25 -9.85
C VAL E 232 -23.89 -23.66 -10.43
N GLN E 233 -23.03 -24.51 -9.86
CA GLN E 233 -22.92 -25.88 -10.36
C GLN E 233 -24.18 -26.67 -10.05
N ARG E 234 -24.72 -26.51 -8.85
CA ARG E 234 -25.94 -27.22 -8.48
C ARG E 234 -27.12 -26.73 -9.28
N ARG E 235 -27.22 -25.42 -9.52
CA ARG E 235 -28.33 -24.89 -10.31
C ARG E 235 -28.27 -25.42 -11.75
N ASP E 236 -27.07 -25.42 -12.31
CA ASP E 236 -26.85 -25.90 -13.67
C ASP E 236 -27.23 -27.37 -13.86
N SER E 237 -27.06 -28.17 -12.81
CA SER E 237 -27.38 -29.58 -12.91
C SER E 237 -28.79 -29.96 -12.48
N ARG E 238 -29.38 -29.20 -11.57
CA ARG E 238 -30.71 -29.52 -11.08
C ARG E 238 -31.86 -28.63 -11.54
N ALA E 239 -31.58 -27.37 -11.83
CA ALA E 239 -32.65 -26.45 -12.24
C ALA E 239 -32.09 -25.33 -13.12
N PRO E 240 -31.70 -25.69 -14.35
CA PRO E 240 -31.14 -24.77 -15.34
C PRO E 240 -31.94 -23.50 -15.52
N THR E 241 -33.22 -23.54 -15.21
CA THR E 241 -34.09 -22.38 -15.42
C THR E 241 -34.06 -21.33 -14.33
N VAL E 242 -33.54 -21.70 -13.16
CA VAL E 242 -33.47 -20.77 -12.04
C VAL E 242 -32.28 -19.82 -12.23
N MET E 243 -32.54 -18.53 -12.03
CA MET E 243 -31.49 -17.55 -12.13
C MET E 243 -30.92 -17.28 -10.76
N LEU E 244 -29.62 -17.01 -10.72
CA LEU E 244 -28.92 -16.78 -9.49
C LEU E 244 -28.46 -15.34 -9.43
N GLU E 245 -28.47 -14.73 -8.25
CA GLU E 245 -28.07 -13.33 -8.09
C GLU E 245 -27.33 -13.18 -6.82
N SER E 246 -26.11 -12.67 -6.88
CA SER E 246 -25.29 -12.46 -5.69
C SER E 246 -25.57 -11.12 -5.03
N SER E 247 -25.68 -11.14 -3.71
CA SER E 247 -25.91 -9.93 -2.98
C SER E 247 -25.20 -10.17 -1.68
N GLY E 248 -24.56 -9.14 -1.13
CA GLY E 248 -23.87 -9.33 0.13
C GLY E 248 -22.49 -8.73 0.23
N GLY E 249 -21.49 -9.58 0.41
CA GLY E 249 -20.13 -9.08 0.56
C GLY E 249 -19.46 -8.77 -0.75
N LEU E 250 -20.09 -7.88 -1.52
CA LEU E 250 -19.58 -7.49 -2.82
C LEU E 250 -18.79 -6.19 -2.80
N SER E 251 -17.61 -6.21 -3.40
CA SER E 251 -16.78 -5.02 -3.49
C SER E 251 -16.34 -5.00 -4.94
N LEU E 252 -16.07 -3.80 -5.42
CA LEU E 252 -15.65 -3.59 -6.78
C LEU E 252 -14.38 -4.39 -7.11
N GLN E 253 -13.54 -4.63 -6.12
CA GLN E 253 -12.31 -5.42 -6.32
C GLN E 253 -12.61 -6.92 -6.49
N THR E 254 -13.71 -7.39 -5.91
CA THR E 254 -14.09 -8.79 -5.99
C THR E 254 -15.18 -9.05 -7.00
N ALA E 255 -15.78 -8.01 -7.55
CA ALA E 255 -16.85 -8.18 -8.51
C ALA E 255 -16.60 -9.20 -9.62
N ALA E 256 -15.46 -9.13 -10.28
CA ALA E 256 -15.21 -10.05 -11.38
C ALA E 256 -15.07 -11.49 -10.94
N THR E 257 -14.57 -11.71 -9.73
CA THR E 257 -14.39 -13.06 -9.19
C THR E 257 -15.74 -13.72 -9.05
N TYR E 258 -16.70 -12.94 -8.55
CA TYR E 258 -18.04 -13.46 -8.39
C TYR E 258 -18.66 -13.66 -9.75
N ALA E 259 -18.58 -12.65 -10.61
CA ALA E 259 -19.16 -12.79 -11.94
C ALA E 259 -18.66 -14.02 -12.65
N GLU E 260 -17.37 -14.32 -12.47
CA GLU E 260 -16.75 -15.47 -13.11
C GLU E 260 -17.33 -16.81 -12.71
N THR E 261 -17.93 -16.88 -11.53
CA THR E 261 -18.54 -18.12 -11.10
C THR E 261 -19.69 -18.49 -12.07
N GLY E 262 -20.23 -17.49 -12.73
CA GLY E 262 -21.32 -17.78 -13.64
C GLY E 262 -22.69 -17.24 -13.24
N VAL E 263 -22.80 -16.56 -12.09
CA VAL E 263 -24.07 -15.98 -11.66
C VAL E 263 -24.64 -15.06 -12.72
N ASP E 264 -25.95 -14.87 -12.69
CA ASP E 264 -26.62 -14.03 -13.65
C ASP E 264 -26.65 -12.57 -13.33
N TYR E 265 -26.63 -12.24 -12.05
CA TYR E 265 -26.69 -10.85 -11.67
C TYR E 265 -25.87 -10.66 -10.45
N LEU E 266 -25.53 -9.40 -10.19
CA LEU E 266 -24.83 -8.97 -8.98
C LEU E 266 -25.69 -7.81 -8.52
N ALA E 267 -26.30 -7.95 -7.34
CA ALA E 267 -27.13 -6.89 -6.75
C ALA E 267 -26.24 -6.04 -5.87
N VAL E 268 -26.04 -4.78 -6.25
CA VAL E 268 -25.16 -3.88 -5.51
C VAL E 268 -25.86 -2.72 -4.83
N GLY E 269 -26.02 -2.84 -3.53
CA GLY E 269 -26.64 -1.77 -2.81
C GLY E 269 -25.82 -0.49 -2.80
N ALA E 270 -24.50 -0.61 -2.74
CA ALA E 270 -23.62 0.57 -2.67
C ALA E 270 -23.81 1.54 -3.81
N LEU E 271 -24.35 1.05 -4.91
CA LEU E 271 -24.62 1.90 -6.05
C LEU E 271 -25.54 3.12 -5.65
N THR E 272 -26.47 2.90 -4.73
CA THR E 272 -27.41 3.94 -4.32
C THR E 272 -27.23 4.46 -2.89
N HIS E 273 -26.81 3.58 -1.97
CA HIS E 273 -26.50 4.06 -0.60
C HIS E 273 -24.99 4.25 -0.73
N SER E 274 -24.29 4.98 0.12
CA SER E 274 -22.84 5.08 -0.19
C SER E 274 -22.43 5.64 -1.58
N VAL E 275 -22.96 6.80 -1.98
CA VAL E 275 -22.54 7.31 -3.28
C VAL E 275 -21.57 8.47 -3.11
N ARG E 276 -20.60 8.54 -4.00
CA ARG E 276 -19.58 9.57 -3.99
C ARG E 276 -19.93 10.49 -5.17
N VAL E 277 -20.16 11.75 -4.84
CA VAL E 277 -20.53 12.75 -5.81
C VAL E 277 -19.54 12.97 -6.96
N LEU E 278 -20.03 13.25 -8.16
CA LEU E 278 -19.17 13.61 -9.27
C LEU E 278 -18.99 15.12 -9.06
N ASP E 279 -17.75 15.56 -8.93
CA ASP E 279 -17.48 16.96 -8.67
C ASP E 279 -17.68 17.79 -9.91
N ILE E 280 -18.68 18.67 -9.85
CA ILE E 280 -19.04 19.53 -10.98
C ILE E 280 -19.23 20.96 -10.50
N GLY E 281 -18.76 21.93 -11.28
CA GLY E 281 -18.90 23.32 -10.88
C GLY E 281 -19.61 24.15 -11.93
N LEU E 282 -20.12 25.31 -11.49
CA LEU E 282 -20.84 26.23 -12.39
C LEU E 282 -19.84 27.35 -12.57
N ASP E 283 -19.32 27.46 -13.79
CA ASP E 283 -18.33 28.46 -14.14
C ASP E 283 -18.91 29.55 -15.01
N MET E 284 -18.70 30.78 -14.53
CA MET E 284 -19.14 32.00 -15.19
C MET E 284 -17.89 32.81 -15.54
N GLY F 1 -33.18 15.53 20.63
CA GLY F 1 -33.78 14.75 19.53
C GLY F 1 -34.01 15.67 18.33
N LEU F 2 -34.96 15.29 17.49
CA LEU F 2 -35.27 16.12 16.33
C LEU F 2 -36.11 17.30 16.81
N SER F 3 -35.98 18.43 16.11
CA SER F 3 -36.71 19.63 16.44
C SER F 3 -37.98 19.59 15.62
N ASP F 4 -38.83 20.60 15.75
CA ASP F 4 -40.09 20.68 15.02
C ASP F 4 -39.85 20.70 13.52
N TRP F 5 -38.74 21.34 13.13
CA TRP F 5 -38.34 21.44 11.72
C TRP F 5 -37.76 20.08 11.25
N GLU F 6 -36.85 19.52 12.02
CA GLU F 6 -36.26 18.24 11.66
C GLU F 6 -37.32 17.12 11.66
N LEU F 7 -38.19 17.16 12.65
CA LEU F 7 -39.27 16.21 12.78
C LEU F 7 -40.13 16.27 11.54
N ALA F 8 -40.53 17.48 11.17
CA ALA F 8 -41.37 17.65 10.00
C ALA F 8 -40.65 17.20 8.70
N ALA F 9 -39.36 17.46 8.64
CA ALA F 9 -38.57 17.09 7.48
C ALA F 9 -38.56 15.55 7.44
N ALA F 10 -38.44 14.95 8.63
CA ALA F 10 -38.42 13.49 8.76
C ALA F 10 -39.73 12.90 8.27
N ARG F 11 -40.85 13.42 8.77
CA ARG F 11 -42.14 12.89 8.35
C ARG F 11 -42.35 12.99 6.86
N ALA F 12 -41.92 14.10 6.28
CA ALA F 12 -42.05 14.31 4.84
C ALA F 12 -41.21 13.31 4.05
N ALA F 13 -39.99 13.11 4.49
CA ALA F 13 -39.12 12.13 3.82
C ALA F 13 -39.69 10.69 3.97
N ILE F 14 -40.05 10.26 5.20
CA ILE F 14 -40.57 8.90 5.37
C ILE F 14 -41.83 8.74 4.50
N ALA F 15 -42.69 9.75 4.50
CA ALA F 15 -43.90 9.67 3.68
C ALA F 15 -43.52 9.42 2.22
N ARG F 16 -42.47 10.07 1.74
CA ARG F 16 -42.01 9.85 0.37
C ARG F 16 -41.41 8.45 0.24
N GLY F 17 -40.69 8.01 1.27
CA GLY F 17 -40.07 6.70 1.24
C GLY F 17 -41.11 5.62 1.09
N LEU F 18 -42.10 5.63 1.98
CA LEU F 18 -43.17 4.63 1.98
C LEU F 18 -43.97 4.61 0.70
N ASP F 19 -44.17 5.78 0.10
CA ASP F 19 -44.91 5.83 -1.15
C ASP F 19 -44.15 5.18 -2.28
N GLU F 20 -42.83 5.29 -2.30
CA GLU F 20 -42.03 4.66 -3.33
C GLU F 20 -42.16 3.14 -3.23
N ASP F 21 -42.23 2.65 -2.00
CA ASP F 21 -42.36 1.22 -1.74
C ASP F 21 -43.73 0.63 -2.05
N LEU F 22 -44.77 1.39 -1.71
CA LEU F 22 -46.15 0.96 -1.90
C LEU F 22 -46.84 1.36 -3.21
N ARG F 23 -46.21 2.25 -3.95
CA ARG F 23 -46.77 2.74 -5.21
C ARG F 23 -47.26 1.66 -6.17
N TYR F 24 -46.59 0.53 -6.23
CA TYR F 24 -46.97 -0.51 -7.18
C TYR F 24 -47.94 -1.55 -6.67
N GLY F 25 -48.34 -1.42 -5.43
CA GLY F 25 -49.23 -2.39 -4.84
C GLY F 25 -48.73 -2.66 -3.45
N PRO F 26 -49.47 -3.45 -2.67
CA PRO F 26 -49.07 -3.77 -1.30
C PRO F 26 -47.91 -4.73 -1.21
N ASP F 27 -47.45 -4.92 0.02
CA ASP F 27 -46.36 -5.82 0.28
C ASP F 27 -46.87 -7.25 0.18
N VAL F 28 -47.05 -7.70 -1.04
CA VAL F 28 -47.56 -9.04 -1.30
C VAL F 28 -46.84 -10.16 -0.56
N THR F 29 -45.53 -10.08 -0.50
CA THR F 29 -44.77 -11.12 0.16
C THR F 29 -45.00 -11.20 1.68
N THR F 30 -45.17 -10.08 2.37
CA THR F 30 -45.39 -10.21 3.82
C THR F 30 -46.83 -10.54 4.10
N LEU F 31 -47.74 -10.10 3.24
CA LEU F 31 -49.15 -10.42 3.39
C LEU F 31 -49.34 -11.94 3.26
N ALA F 32 -48.57 -12.55 2.38
CA ALA F 32 -48.67 -13.97 2.11
C ALA F 32 -47.98 -14.84 3.11
N THR F 33 -46.98 -14.31 3.81
CA THR F 33 -46.23 -15.12 4.79
C THR F 33 -46.57 -14.87 6.27
N VAL F 34 -46.97 -13.65 6.59
CA VAL F 34 -47.27 -13.33 7.96
C VAL F 34 -48.71 -12.83 8.13
N PRO F 35 -49.48 -13.49 8.99
CA PRO F 35 -50.86 -13.11 9.22
C PRO F 35 -50.96 -11.76 9.92
N ALA F 36 -52.07 -11.06 9.66
CA ALA F 36 -52.36 -9.76 10.22
C ALA F 36 -52.21 -9.69 11.74
N SER F 37 -52.53 -10.77 12.43
CA SER F 37 -52.45 -10.78 13.89
C SER F 37 -51.05 -10.94 14.47
N ALA F 38 -50.09 -11.32 13.63
CA ALA F 38 -48.73 -11.55 14.08
C ALA F 38 -48.06 -10.34 14.76
N THR F 39 -47.24 -10.64 15.73
CA THR F 39 -46.53 -9.66 16.50
C THR F 39 -45.17 -10.22 16.89
N THR F 40 -44.10 -9.43 16.81
CA THR F 40 -42.77 -9.89 17.21
C THR F 40 -42.04 -8.82 17.94
N THR F 41 -40.86 -9.20 18.40
CA THR F 41 -39.95 -8.31 19.05
C THR F 41 -38.86 -8.30 17.99
N ALA F 42 -38.40 -7.13 17.60
CA ALA F 42 -37.37 -7.03 16.59
C ALA F 42 -36.32 -6.04 17.07
N SER F 43 -35.10 -6.16 16.55
CA SER F 43 -34.04 -5.27 16.93
C SER F 43 -33.28 -4.70 15.75
N LEU F 44 -32.92 -3.41 15.87
CA LEU F 44 -32.14 -2.76 14.84
C LEU F 44 -30.72 -3.04 15.33
N VAL F 45 -29.95 -3.88 14.66
CA VAL F 45 -28.57 -4.12 15.09
C VAL F 45 -27.54 -3.74 14.02
N THR F 46 -26.42 -3.15 14.46
CA THR F 46 -25.42 -2.74 13.49
C THR F 46 -24.58 -3.92 13.03
N ARG F 47 -24.18 -3.88 11.78
CA ARG F 47 -23.35 -4.92 11.29
C ARG F 47 -21.95 -4.38 11.41
N GLU F 48 -21.82 -3.10 11.73
CA GLU F 48 -20.51 -2.51 11.85
C GLU F 48 -20.49 -1.42 12.87
N ALA F 49 -19.28 -0.96 13.21
CA ALA F 49 -19.05 0.09 14.23
C ALA F 49 -19.21 1.47 13.67
N GLY F 50 -19.61 2.38 14.53
CA GLY F 50 -19.78 3.75 14.08
C GLY F 50 -20.48 4.53 15.15
N VAL F 51 -21.03 5.68 14.78
CA VAL F 51 -21.79 6.53 15.68
C VAL F 51 -23.25 6.46 15.22
N VAL F 52 -24.18 6.33 16.16
CA VAL F 52 -25.56 6.22 15.77
C VAL F 52 -26.26 7.59 15.71
N ALA F 53 -27.13 7.78 14.72
CA ALA F 53 -27.91 9.01 14.56
C ALA F 53 -29.22 8.71 13.86
N GLY F 54 -30.25 9.44 14.25
CA GLY F 54 -31.52 9.24 13.61
C GLY F 54 -32.43 8.11 14.07
N LEU F 55 -32.32 7.69 15.34
CA LEU F 55 -33.19 6.64 15.88
C LEU F 55 -34.65 7.09 15.96
N ASP F 56 -34.85 8.40 16.14
CA ASP F 56 -36.18 8.96 16.19
C ASP F 56 -36.87 8.76 14.84
N VAL F 57 -36.11 8.86 13.76
CA VAL F 57 -36.67 8.72 12.43
C VAL F 57 -37.21 7.30 12.29
N ALA F 58 -36.67 6.39 13.08
CA ALA F 58 -37.12 5.01 13.05
C ALA F 58 -38.50 5.00 13.66
N LEU F 59 -38.62 5.62 14.84
CA LEU F 59 -39.91 5.72 15.53
C LEU F 59 -40.96 6.39 14.64
N LEU F 60 -40.59 7.49 13.98
CA LEU F 60 -41.51 8.17 13.09
C LEU F 60 -42.00 7.28 11.92
N THR F 61 -41.16 6.34 11.49
CA THR F 61 -41.56 5.47 10.37
C THR F 61 -42.63 4.51 10.83
N LEU F 62 -42.48 3.99 12.03
CA LEU F 62 -43.48 3.11 12.60
C LEU F 62 -44.78 3.89 12.78
N ASN F 63 -44.71 5.10 13.35
CA ASN F 63 -45.91 5.92 13.54
C ASN F 63 -46.71 6.03 12.26
N GLU F 64 -46.00 6.28 11.18
CA GLU F 64 -46.64 6.42 9.90
C GLU F 64 -47.24 5.13 9.38
N VAL F 65 -46.67 4.01 9.78
CA VAL F 65 -47.18 2.74 9.30
C VAL F 65 -48.11 2.08 10.28
N LEU F 66 -47.72 2.06 11.55
CA LEU F 66 -48.51 1.43 12.61
C LEU F 66 -49.29 2.38 13.51
N GLY F 67 -48.94 3.65 13.52
CA GLY F 67 -49.62 4.57 14.41
C GLY F 67 -48.91 4.49 15.74
N THR F 68 -48.97 5.56 16.52
CA THR F 68 -48.31 5.63 17.82
C THR F 68 -48.56 4.47 18.77
N ASN F 69 -49.80 4.01 18.80
CA ASN F 69 -50.16 2.93 19.70
C ASN F 69 -50.08 1.63 18.95
N GLY F 70 -49.20 1.58 17.94
CA GLY F 70 -49.06 0.37 17.16
C GLY F 70 -47.84 -0.46 17.54
N TYR F 71 -46.96 0.14 18.35
CA TYR F 71 -45.76 -0.56 18.74
C TYR F 71 -45.27 -0.11 20.08
N ARG F 72 -44.35 -0.88 20.65
CA ARG F 72 -43.81 -0.59 21.95
C ARG F 72 -42.32 -0.73 21.88
N VAL F 73 -41.61 0.28 22.37
CA VAL F 73 -40.16 0.24 22.36
C VAL F 73 -39.70 -0.35 23.66
N LEU F 74 -39.03 -1.50 23.60
CA LEU F 74 -38.57 -2.16 24.81
C LEU F 74 -37.21 -1.64 25.27
N ASP F 75 -36.32 -1.30 24.34
CA ASP F 75 -35.00 -0.77 24.67
C ASP F 75 -34.44 0.05 23.52
N ARG F 76 -33.58 1.01 23.82
CA ARG F 76 -32.96 1.86 22.80
C ARG F 76 -31.71 2.56 23.28
N VAL F 77 -30.86 2.87 22.33
CA VAL F 77 -29.61 3.53 22.60
C VAL F 77 -29.85 5.00 22.28
N GLU F 78 -29.00 5.88 22.80
CA GLU F 78 -29.18 7.29 22.50
C GLU F 78 -28.46 7.67 21.21
N ASP F 79 -29.01 8.65 20.51
CA ASP F 79 -28.39 9.14 19.29
C ASP F 79 -27.07 9.70 19.71
N GLY F 80 -26.03 9.51 18.91
CA GLY F 80 -24.71 10.02 19.24
C GLY F 80 -23.82 9.02 19.94
N ALA F 81 -24.38 7.86 20.23
CA ALA F 81 -23.62 6.83 20.89
C ALA F 81 -22.66 6.15 19.91
N ARG F 82 -21.46 5.88 20.40
CA ARG F 82 -20.42 5.23 19.65
C ARG F 82 -20.75 3.76 19.87
N VAL F 83 -20.92 3.02 18.78
CA VAL F 83 -21.35 1.66 18.86
C VAL F 83 -20.49 0.62 18.14
N PRO F 84 -20.35 -0.58 18.71
CA PRO F 84 -19.56 -1.66 18.13
C PRO F 84 -20.48 -2.50 17.26
N PRO F 85 -19.92 -3.49 16.54
CA PRO F 85 -20.65 -4.38 15.65
C PRO F 85 -22.01 -4.96 16.02
N GLY F 86 -22.10 -6.05 16.77
CA GLY F 86 -23.45 -6.55 17.03
C GLY F 86 -24.29 -5.86 18.08
N GLU F 87 -24.21 -4.54 18.15
CA GLU F 87 -24.94 -3.80 19.16
C GLU F 87 -26.39 -3.63 18.76
N ALA F 88 -27.30 -3.74 19.72
CA ALA F 88 -28.73 -3.53 19.45
C ALA F 88 -29.03 -2.08 19.75
N LEU F 89 -29.36 -1.32 18.72
CA LEU F 89 -29.67 0.11 18.82
C LEU F 89 -31.03 0.37 19.42
N MET F 90 -31.98 -0.48 19.07
CA MET F 90 -33.33 -0.36 19.53
C MET F 90 -34.04 -1.72 19.44
N THR F 91 -34.73 -2.08 20.50
CA THR F 91 -35.50 -3.30 20.52
C THR F 91 -36.94 -2.88 20.72
N LEU F 92 -37.80 -3.38 19.85
CA LEU F 92 -39.20 -3.06 19.93
C LEU F 92 -40.14 -4.25 19.72
N GLU F 93 -41.42 -4.01 19.98
CA GLU F 93 -42.44 -5.02 19.84
C GLU F 93 -43.49 -4.37 18.98
N ALA F 94 -43.88 -5.00 17.88
CA ALA F 94 -44.88 -4.44 17.00
C ALA F 94 -45.49 -5.51 16.12
N GLN F 95 -46.58 -5.18 15.45
CA GLN F 95 -47.21 -6.09 14.53
C GLN F 95 -46.17 -6.42 13.47
N THR F 96 -45.97 -7.71 13.21
CA THR F 96 -44.99 -8.15 12.23
C THR F 96 -45.12 -7.59 10.80
N ARG F 97 -46.32 -7.56 10.27
CA ARG F 97 -46.51 -7.04 8.91
C ARG F 97 -46.06 -5.59 8.81
N GLY F 98 -46.40 -4.79 9.81
CA GLY F 98 -46.05 -3.40 9.80
C GLY F 98 -44.56 -3.21 9.83
N LEU F 99 -43.85 -4.05 10.58
CA LEU F 99 -42.42 -3.96 10.68
C LEU F 99 -41.76 -4.27 9.35
N LEU F 100 -42.19 -5.34 8.73
CA LEU F 100 -41.62 -5.78 7.47
C LEU F 100 -41.83 -4.79 6.33
N THR F 101 -42.91 -4.05 6.39
CA THR F 101 -43.20 -3.07 5.36
C THR F 101 -42.38 -1.80 5.61
N ALA F 102 -42.28 -1.40 6.88
CA ALA F 102 -41.55 -0.21 7.28
C ALA F 102 -40.03 -0.38 7.19
N GLU F 103 -39.56 -1.60 7.38
CA GLU F 103 -38.14 -1.96 7.41
C GLU F 103 -37.13 -1.24 6.51
N ARG F 104 -37.23 -1.42 5.21
CA ARG F 104 -36.26 -0.78 4.29
C ARG F 104 -36.20 0.74 4.38
N THR F 105 -37.34 1.40 4.48
CA THR F 105 -37.39 2.85 4.62
C THR F 105 -36.71 3.31 5.91
N MET F 106 -36.95 2.57 6.97
CA MET F 106 -36.42 2.86 8.29
C MET F 106 -34.89 2.67 8.30
N LEU F 107 -34.43 1.51 7.81
CA LEU F 107 -33.00 1.16 7.71
C LEU F 107 -32.26 2.14 6.80
N ASN F 108 -32.87 2.51 5.68
CA ASN F 108 -32.29 3.47 4.73
C ASN F 108 -32.03 4.86 5.36
N LEU F 109 -32.94 5.34 6.22
CA LEU F 109 -32.78 6.64 6.87
C LEU F 109 -31.73 6.60 7.96
N VAL F 110 -31.83 5.64 8.88
CA VAL F 110 -30.89 5.58 9.98
C VAL F 110 -29.50 5.20 9.52
N GLY F 111 -29.42 4.37 8.49
CA GLY F 111 -28.12 3.99 8.00
C GLY F 111 -27.44 5.19 7.40
N HIS F 112 -28.20 5.99 6.63
CA HIS F 112 -27.64 7.18 5.98
C HIS F 112 -27.20 8.17 7.01
N LEU F 113 -28.08 8.48 7.95
CA LEU F 113 -27.75 9.43 9.01
C LEU F 113 -26.60 8.97 9.92
N SER F 114 -26.53 7.66 10.21
CA SER F 114 -25.46 7.13 11.04
C SER F 114 -24.19 7.21 10.22
N GLY F 115 -24.31 6.97 8.92
CA GLY F 115 -23.16 7.07 8.03
C GLY F 115 -22.57 8.46 8.16
N ILE F 116 -23.41 9.49 8.13
CA ILE F 116 -22.99 10.89 8.24
C ILE F 116 -22.39 11.18 9.59
N ALA F 117 -23.02 10.77 10.67
CA ALA F 117 -22.46 11.01 12.02
C ALA F 117 -21.13 10.28 12.23
N THR F 118 -21.03 9.08 11.69
CA THR F 118 -19.82 8.29 11.81
C THR F 118 -18.64 9.02 11.13
N ALA F 119 -18.84 9.44 9.89
CA ALA F 119 -17.82 10.19 9.19
C ALA F 119 -17.51 11.49 9.90
N THR F 120 -18.52 12.28 10.30
CA THR F 120 -18.18 13.54 10.94
C THR F 120 -17.39 13.34 12.22
N ALA F 121 -17.59 12.20 12.88
CA ALA F 121 -16.88 11.94 14.13
C ALA F 121 -15.44 11.63 13.83
N ALA F 122 -15.18 11.10 12.64
CA ALA F 122 -13.79 10.78 12.25
C ALA F 122 -13.02 12.08 12.06
N TRP F 123 -13.61 13.05 11.37
CA TRP F 123 -12.98 14.34 11.15
C TRP F 123 -12.81 15.00 12.49
N VAL F 124 -13.81 14.83 13.35
CA VAL F 124 -13.69 15.44 14.65
C VAL F 124 -12.50 14.82 15.41
N ASP F 125 -12.28 13.51 15.26
CA ASP F 125 -11.16 12.88 15.95
C ASP F 125 -9.87 13.34 15.38
N ALA F 126 -9.85 13.52 14.06
CA ALA F 126 -8.65 13.94 13.34
C ALA F 126 -8.06 15.30 13.78
N VAL F 127 -8.93 16.25 14.13
CA VAL F 127 -8.49 17.59 14.51
C VAL F 127 -8.54 17.75 15.99
N ARG F 128 -8.55 16.63 16.68
CA ARG F 128 -8.56 16.63 18.12
C ARG F 128 -7.22 17.29 18.59
N GLY F 129 -7.27 18.07 19.66
CA GLY F 129 -6.08 18.70 20.19
C GLY F 129 -5.71 19.97 19.46
N THR F 130 -6.72 20.46 18.77
CA THR F 130 -6.64 21.63 17.95
C THR F 130 -7.90 22.42 18.36
N LYS F 131 -8.01 23.70 17.98
CA LYS F 131 -9.21 24.46 18.35
C LYS F 131 -10.27 24.41 17.25
N ALA F 132 -9.88 23.90 16.08
CA ALA F 132 -10.78 23.80 14.94
C ALA F 132 -12.04 22.95 15.15
N LYS F 133 -13.12 23.37 14.48
CA LYS F 133 -14.43 22.72 14.50
C LYS F 133 -14.77 22.33 13.06
N ILE F 134 -15.44 21.20 12.94
CA ILE F 134 -15.81 20.66 11.64
C ILE F 134 -17.15 21.19 11.31
N ARG F 135 -17.29 21.73 10.11
CA ARG F 135 -18.54 22.29 9.72
C ARG F 135 -18.99 21.72 8.38
N ASP F 136 -20.31 21.80 8.13
CA ASP F 136 -20.88 21.31 6.88
C ASP F 136 -21.09 22.39 5.84
N THR F 137 -21.72 22.03 4.74
CA THR F 137 -21.96 22.95 3.66
C THR F 137 -23.40 22.87 3.18
N ARG F 138 -23.70 23.53 2.06
CA ARG F 138 -25.02 23.47 1.51
C ARG F 138 -25.04 22.37 0.43
N LYS F 139 -23.98 21.56 0.41
CA LYS F 139 -23.95 20.45 -0.55
C LYS F 139 -24.63 19.27 0.12
N THR F 140 -25.97 19.34 0.18
CA THR F 140 -26.81 18.33 0.80
C THR F 140 -27.78 17.77 -0.23
N LEU F 141 -28.53 16.74 0.10
CA LEU F 141 -29.47 16.18 -0.88
C LEU F 141 -30.82 16.82 -0.70
N PRO F 142 -31.47 17.18 -1.82
CA PRO F 142 -32.78 17.82 -1.81
C PRO F 142 -33.80 17.07 -1.00
N GLY F 143 -34.30 17.72 0.04
CA GLY F 143 -35.29 17.08 0.88
C GLY F 143 -34.70 16.54 2.16
N LEU F 144 -33.37 16.37 2.19
CA LEU F 144 -32.74 15.84 3.39
C LEU F 144 -31.82 16.80 4.12
N ARG F 145 -31.78 18.08 3.75
CA ARG F 145 -30.87 18.99 4.46
C ARG F 145 -30.99 19.00 5.96
N ALA F 146 -32.20 19.11 6.48
CA ALA F 146 -32.37 19.17 7.94
C ALA F 146 -31.92 17.90 8.65
N LEU F 147 -32.11 16.75 8.01
CA LEU F 147 -31.71 15.49 8.60
C LEU F 147 -30.18 15.34 8.52
N GLN F 148 -29.59 15.71 7.38
CA GLN F 148 -28.15 15.66 7.18
C GLN F 148 -27.40 16.58 8.11
N LYS F 149 -27.96 17.76 8.32
CA LYS F 149 -27.40 18.79 9.19
C LYS F 149 -27.48 18.26 10.62
N TYR F 150 -28.58 17.61 10.93
CA TYR F 150 -28.78 17.03 12.26
C TYR F 150 -27.72 15.97 12.55
N ALA F 151 -27.48 15.09 11.57
CA ALA F 151 -26.51 14.01 11.72
C ALA F 151 -25.08 14.50 11.91
N VAL F 152 -24.71 15.61 11.27
CA VAL F 152 -23.33 16.06 11.47
C VAL F 152 -23.18 16.60 12.89
N ARG F 153 -24.24 17.22 13.38
CA ARG F 153 -24.21 17.77 14.70
C ARG F 153 -24.06 16.61 15.67
N THR F 154 -24.83 15.55 15.43
CA THR F 154 -24.82 14.35 16.29
C THR F 154 -23.42 13.71 16.35
N GLY F 155 -22.66 13.87 15.25
CA GLY F 155 -21.31 13.31 15.16
C GLY F 155 -20.23 14.17 15.80
N GLY F 156 -20.60 15.40 16.16
CA GLY F 156 -19.65 16.30 16.77
C GLY F 156 -19.29 17.53 15.94
N GLY F 157 -19.90 17.69 14.78
CA GLY F 157 -19.61 18.86 13.98
C GLY F 157 -20.51 20.03 14.33
N VAL F 158 -20.38 21.14 13.63
CA VAL F 158 -21.22 22.28 13.90
C VAL F 158 -21.76 22.75 12.54
N ASN F 159 -23.06 23.00 12.52
CA ASN F 159 -23.73 23.41 11.31
C ASN F 159 -23.31 24.77 10.81
N HIS F 160 -23.25 24.88 9.49
CA HIS F 160 -22.94 26.12 8.84
C HIS F 160 -24.35 26.65 8.55
N ARG F 161 -24.51 27.60 7.65
CA ARG F 161 -25.83 28.12 7.38
C ARG F 161 -26.73 27.06 6.80
N LEU F 162 -28.04 27.18 7.08
CA LEU F 162 -29.04 26.24 6.58
C LEU F 162 -29.60 26.58 5.21
N GLY F 163 -29.34 27.80 4.75
CA GLY F 163 -29.82 28.20 3.45
C GLY F 163 -29.22 29.53 3.02
N LEU F 164 -29.75 30.08 1.95
CA LEU F 164 -29.31 31.32 1.38
C LEU F 164 -29.60 32.63 2.17
N GLY F 165 -30.70 32.72 2.92
CA GLY F 165 -31.00 33.94 3.70
C GLY F 165 -30.60 33.84 5.15
N ASP F 166 -30.20 32.64 5.50
CA ASP F 166 -29.75 32.25 6.82
C ASP F 166 -28.61 33.17 7.29
N ALA F 167 -27.65 33.41 6.40
CA ALA F 167 -26.45 34.20 6.66
C ALA F 167 -25.84 34.46 5.32
N ALA F 168 -24.99 35.47 5.24
CA ALA F 168 -24.36 35.84 3.97
C ALA F 168 -23.05 35.12 3.75
N LEU F 169 -22.74 34.83 2.50
CA LEU F 169 -21.52 34.16 2.15
C LEU F 169 -21.16 34.70 0.81
N ILE F 170 -20.15 35.57 0.78
CA ILE F 170 -19.73 36.17 -0.47
C ILE F 170 -18.80 35.21 -1.19
N LYS F 171 -19.29 34.69 -2.30
CA LYS F 171 -18.59 33.74 -3.14
C LYS F 171 -17.95 34.40 -4.32
N ASP F 172 -17.22 33.61 -5.09
CA ASP F 172 -16.51 34.09 -6.24
C ASP F 172 -17.40 34.77 -7.26
N ASN F 173 -18.58 34.21 -7.47
CA ASN F 173 -19.49 34.78 -8.47
C ASN F 173 -20.07 36.15 -8.10
N HIS F 174 -20.03 36.51 -6.82
CA HIS F 174 -20.55 37.79 -6.36
C HIS F 174 -19.51 38.87 -6.52
N VAL F 175 -18.25 38.52 -6.23
CA VAL F 175 -17.08 39.41 -6.31
C VAL F 175 -16.93 39.98 -7.72
N ALA F 176 -17.13 39.11 -8.70
CA ALA F 176 -17.02 39.49 -10.09
C ALA F 176 -18.01 40.62 -10.38
N ALA F 177 -19.27 40.34 -10.07
CA ALA F 177 -20.35 41.29 -10.28
C ALA F 177 -20.11 42.60 -9.50
N ALA F 178 -19.66 42.49 -8.26
CA ALA F 178 -19.39 43.68 -7.44
C ALA F 178 -18.09 44.35 -7.86
N GLY F 179 -17.32 43.67 -8.71
CA GLY F 179 -16.05 44.22 -9.15
C GLY F 179 -14.94 43.98 -8.15
N SER F 180 -15.25 43.97 -6.87
CA SER F 180 -14.20 43.76 -5.88
C SER F 180 -14.74 43.06 -4.65
N VAL F 181 -13.81 42.40 -3.94
CA VAL F 181 -14.12 41.65 -2.73
C VAL F 181 -14.54 42.64 -1.67
N VAL F 182 -13.82 43.75 -1.58
CA VAL F 182 -14.15 44.76 -0.58
C VAL F 182 -15.45 45.47 -0.95
N ASP F 183 -15.67 45.64 -2.25
CA ASP F 183 -16.89 46.28 -2.74
C ASP F 183 -18.10 45.43 -2.34
N ALA F 184 -18.11 44.19 -2.83
CA ALA F 184 -19.15 43.20 -2.51
C ALA F 184 -19.42 43.11 -1.00
N LEU F 185 -18.35 42.99 -0.22
CA LEU F 185 -18.44 42.91 1.23
C LEU F 185 -19.21 44.14 1.71
N ARG F 186 -18.76 45.31 1.29
CA ARG F 186 -19.41 46.54 1.69
C ARG F 186 -20.90 46.47 1.34
N ALA F 187 -21.16 46.14 0.07
CA ALA F 187 -22.52 46.02 -0.45
C ALA F 187 -23.45 45.20 0.45
N VAL F 188 -22.96 44.03 0.85
CA VAL F 188 -23.72 43.14 1.69
C VAL F 188 -23.86 43.73 3.06
N ARG F 189 -22.82 44.45 3.50
CA ARG F 189 -22.83 45.10 4.83
C ARG F 189 -23.95 46.13 4.91
N ASN F 190 -24.15 46.85 3.80
CA ASN F 190 -25.17 47.89 3.68
C ASN F 190 -26.57 47.29 3.57
N ALA F 191 -26.67 46.21 2.81
CA ALA F 191 -27.93 45.52 2.58
C ALA F 191 -28.46 44.65 3.75
N ALA F 192 -27.59 43.95 4.45
CA ALA F 192 -28.03 43.09 5.53
C ALA F 192 -27.04 43.16 6.66
N PRO F 193 -26.94 44.32 7.29
CA PRO F 193 -26.03 44.64 8.40
C PRO F 193 -26.23 43.84 9.68
N ASP F 194 -27.35 43.14 9.75
CA ASP F 194 -27.71 42.34 10.93
C ASP F 194 -27.30 40.86 10.79
N LEU F 195 -27.05 40.47 9.55
CA LEU F 195 -26.75 39.12 9.19
C LEU F 195 -25.28 38.75 9.24
N PRO F 196 -24.99 37.47 9.56
CA PRO F 196 -23.61 37.00 9.63
C PRO F 196 -23.00 37.04 8.21
N CYS F 197 -21.72 37.36 8.15
CA CYS F 197 -21.08 37.46 6.86
C CYS F 197 -19.80 36.64 6.82
N GLU F 198 -19.62 35.93 5.72
CA GLU F 198 -18.43 35.11 5.49
C GLU F 198 -18.06 35.53 4.08
N VAL F 199 -16.78 35.77 3.84
CA VAL F 199 -16.33 36.15 2.51
C VAL F 199 -15.38 35.11 2.02
N GLU F 200 -15.58 34.65 0.81
CA GLU F 200 -14.70 33.66 0.25
C GLU F 200 -13.57 34.29 -0.59
N VAL F 201 -12.32 33.93 -0.25
CA VAL F 201 -11.14 34.41 -0.98
C VAL F 201 -10.40 33.23 -1.57
N ASP F 202 -9.84 33.40 -2.76
CA ASP F 202 -9.10 32.33 -3.35
C ASP F 202 -7.63 32.71 -3.56
N SER F 203 -7.15 33.74 -2.87
CA SER F 203 -5.75 34.14 -3.01
C SER F 203 -5.32 34.93 -1.77
N LEU F 204 -4.02 35.02 -1.56
CA LEU F 204 -3.50 35.74 -0.42
C LEU F 204 -3.67 37.22 -0.66
N GLU F 205 -3.66 37.60 -1.93
CA GLU F 205 -3.84 39.00 -2.31
C GLU F 205 -5.22 39.43 -1.81
N GLN F 206 -6.26 38.69 -2.19
CA GLN F 206 -7.63 38.99 -1.75
C GLN F 206 -7.69 38.98 -0.26
N LEU F 207 -6.95 38.07 0.36
CA LEU F 207 -6.95 37.99 1.82
C LEU F 207 -6.43 39.30 2.42
N ASP F 208 -5.36 39.84 1.85
CA ASP F 208 -4.79 41.11 2.34
C ASP F 208 -5.79 42.23 2.18
N ALA F 209 -6.49 42.23 1.03
CA ALA F 209 -7.52 43.23 0.70
C ALA F 209 -8.74 43.24 1.61
N VAL F 210 -9.21 42.07 2.06
CA VAL F 210 -10.37 41.99 2.95
C VAL F 210 -10.08 41.96 4.44
N LEU F 211 -8.85 41.59 4.82
CA LEU F 211 -8.52 41.55 6.25
C LEU F 211 -8.82 42.85 7.00
N PRO F 212 -8.45 44.01 6.41
CA PRO F 212 -8.71 45.31 7.05
C PRO F 212 -10.21 45.59 7.23
N GLU F 213 -11.04 45.06 6.32
CA GLU F 213 -12.48 45.23 6.40
C GLU F 213 -13.07 44.50 7.61
N LYS F 214 -12.28 43.65 8.24
CA LYS F 214 -12.70 42.87 9.40
C LYS F 214 -14.02 42.10 9.28
N PRO F 215 -14.18 41.25 8.24
CA PRO F 215 -15.44 40.49 8.09
C PRO F 215 -15.52 39.47 9.21
N GLU F 216 -16.70 38.91 9.46
CA GLU F 216 -16.89 37.92 10.54
C GLU F 216 -15.99 36.70 10.36
N LEU F 217 -15.99 36.16 9.16
CA LEU F 217 -15.24 34.97 8.83
C LEU F 217 -14.75 35.12 7.43
N ILE F 218 -13.66 34.42 7.15
CA ILE F 218 -13.09 34.40 5.80
C ILE F 218 -12.97 32.91 5.49
N LEU F 219 -13.39 32.51 4.29
CA LEU F 219 -13.33 31.13 3.87
C LEU F 219 -12.19 31.05 2.88
N LEU F 220 -11.14 30.33 3.26
CA LEU F 220 -9.96 30.16 2.43
C LEU F 220 -10.31 29.05 1.46
N ASP F 221 -10.53 29.42 0.22
CA ASP F 221 -10.93 28.45 -0.79
C ASP F 221 -9.78 27.77 -1.49
N ASN F 222 -9.59 26.50 -1.17
CA ASN F 222 -8.53 25.71 -1.78
C ASN F 222 -7.11 26.21 -1.52
N PHE F 223 -6.78 26.58 -0.29
CA PHE F 223 -5.43 27.05 0.03
C PHE F 223 -4.54 25.84 0.32
N ALA F 224 -3.26 25.95 -0.02
CA ALA F 224 -2.29 24.89 0.25
C ALA F 224 -2.03 25.09 1.71
N VAL F 225 -1.44 24.11 2.37
CA VAL F 225 -1.20 24.24 3.80
C VAL F 225 -0.29 25.42 4.09
N TRP F 226 0.71 25.64 3.25
CA TRP F 226 1.61 26.79 3.47
C TRP F 226 0.91 28.13 3.37
N GLN F 227 -0.09 28.20 2.51
CA GLN F 227 -0.89 29.40 2.36
C GLN F 227 -1.83 29.56 3.53
N THR F 228 -2.27 28.44 4.10
CA THR F 228 -3.19 28.52 5.21
C THR F 228 -2.44 29.07 6.41
N GLN F 229 -1.20 28.64 6.56
CA GLN F 229 -0.36 29.10 7.67
C GLN F 229 -0.08 30.59 7.57
N THR F 230 0.19 31.07 6.36
CA THR F 230 0.45 32.48 6.14
C THR F 230 -0.80 33.22 6.57
N ALA F 231 -1.94 32.81 5.99
CA ALA F 231 -3.26 33.39 6.28
C ALA F 231 -3.53 33.55 7.79
N VAL F 232 -3.21 32.51 8.55
CA VAL F 232 -3.40 32.56 10.00
C VAL F 232 -2.44 33.55 10.64
N GLN F 233 -1.22 33.62 10.10
CA GLN F 233 -0.21 34.54 10.61
C GLN F 233 -0.65 35.96 10.34
N ARG F 234 -1.07 36.24 9.11
CA ARG F 234 -1.52 37.58 8.75
C ARG F 234 -2.75 37.95 9.56
N ARG F 235 -3.69 37.02 9.72
CA ARG F 235 -4.89 37.29 10.50
C ARG F 235 -4.50 37.62 11.95
N ASP F 236 -3.68 36.80 12.57
CA ASP F 236 -3.30 37.05 13.95
C ASP F 236 -2.64 38.40 14.18
N SER F 237 -1.94 38.90 13.17
CA SER F 237 -1.26 40.18 13.30
C SER F 237 -2.07 41.43 12.93
N ARG F 238 -2.95 41.29 11.96
CA ARG F 238 -3.73 42.41 11.48
C ARG F 238 -5.19 42.46 11.91
N ALA F 239 -5.81 41.31 12.13
CA ALA F 239 -7.20 41.31 12.50
C ALA F 239 -7.55 40.12 13.34
N PRO F 240 -7.06 40.10 14.57
CA PRO F 240 -7.29 39.01 15.53
C PRO F 240 -8.75 38.54 15.68
N THR F 241 -9.71 39.39 15.36
CA THR F 241 -11.11 39.04 15.51
C THR F 241 -11.73 38.31 14.33
N VAL F 242 -11.07 38.30 13.19
CA VAL F 242 -11.59 37.62 12.00
C VAL F 242 -11.36 36.12 12.16
N MET F 243 -12.35 35.34 11.80
CA MET F 243 -12.21 33.92 11.91
C MET F 243 -11.93 33.35 10.55
N LEU F 244 -11.09 32.32 10.53
CA LEU F 244 -10.68 31.66 9.29
C LEU F 244 -11.25 30.25 9.16
N GLU F 245 -11.73 29.92 7.96
CA GLU F 245 -12.34 28.64 7.70
C GLU F 245 -11.81 28.06 6.43
N SER F 246 -11.31 26.84 6.51
CA SER F 246 -10.78 26.20 5.33
C SER F 246 -11.84 25.40 4.63
N SER F 247 -11.89 25.53 3.32
CA SER F 247 -12.81 24.78 2.49
C SER F 247 -12.06 24.54 1.20
N GLY F 248 -12.19 23.34 0.65
CA GLY F 248 -11.51 23.04 -0.59
C GLY F 248 -10.96 21.64 -0.70
N GLY F 249 -9.65 21.55 -0.86
CA GLY F 249 -9.02 20.25 -1.03
C GLY F 249 -8.72 19.59 0.30
N LEU F 250 -9.77 19.38 1.08
CA LEU F 250 -9.62 18.79 2.39
C LEU F 250 -9.84 17.29 2.36
N SER F 251 -8.96 16.55 3.00
CA SER F 251 -9.13 15.12 3.03
C SER F 251 -8.89 14.75 4.45
N LEU F 252 -9.42 13.62 4.83
CA LEU F 252 -9.28 13.15 6.19
C LEU F 252 -7.81 12.94 6.51
N GLN F 253 -6.99 12.64 5.49
CA GLN F 253 -5.55 12.39 5.74
C GLN F 253 -4.80 13.70 5.99
N THR F 254 -5.32 14.79 5.45
CA THR F 254 -4.74 16.13 5.60
C THR F 254 -5.46 17.01 6.60
N ALA F 255 -6.60 16.56 7.11
CA ALA F 255 -7.33 17.38 8.07
C ALA F 255 -6.49 17.97 9.24
N ALA F 256 -5.69 17.16 9.90
CA ALA F 256 -4.90 17.62 11.04
C ALA F 256 -3.85 18.63 10.62
N THR F 257 -3.29 18.45 9.43
CA THR F 257 -2.29 19.37 8.93
C THR F 257 -2.89 20.75 8.78
N TYR F 258 -4.09 20.84 8.23
CA TYR F 258 -4.75 22.14 8.10
C TYR F 258 -5.14 22.67 9.48
N ALA F 259 -5.72 21.82 10.31
CA ALA F 259 -6.14 22.20 11.65
C ALA F 259 -5.01 22.78 12.46
N GLU F 260 -3.81 22.21 12.29
CA GLU F 260 -2.60 22.64 13.02
C GLU F 260 -2.15 24.05 12.70
N THR F 261 -2.45 24.53 11.49
CA THR F 261 -2.08 25.87 11.09
C THR F 261 -2.76 26.87 12.05
N GLY F 262 -3.88 26.45 12.64
CA GLY F 262 -4.59 27.29 13.57
C GLY F 262 -5.90 27.88 13.06
N VAL F 263 -6.42 27.40 11.92
CA VAL F 263 -7.71 27.90 11.42
C VAL F 263 -8.79 27.54 12.41
N ASP F 264 -9.90 28.28 12.37
CA ASP F 264 -10.96 28.04 13.32
C ASP F 264 -11.91 26.94 12.94
N TYR F 265 -12.14 26.78 11.66
CA TYR F 265 -13.06 25.77 11.19
C TYR F 265 -12.53 25.09 9.96
N LEU F 266 -13.10 23.92 9.67
CA LEU F 266 -12.81 23.18 8.43
C LEU F 266 -14.21 22.93 7.92
N ALA F 267 -14.52 23.42 6.72
CA ALA F 267 -15.81 23.21 6.10
C ALA F 267 -15.70 21.98 5.20
N VAL F 268 -16.42 20.91 5.52
CA VAL F 268 -16.34 19.66 4.77
C VAL F 268 -17.61 19.19 4.02
N GLY F 269 -17.61 19.43 2.71
CA GLY F 269 -18.73 19.00 1.90
C GLY F 269 -18.92 17.50 1.91
N ALA F 270 -17.86 16.74 1.89
CA ALA F 270 -17.93 15.27 1.86
C ALA F 270 -18.79 14.67 2.97
N LEU F 271 -18.92 15.40 4.05
CA LEU F 271 -19.70 14.91 5.15
C LEU F 271 -21.12 14.55 4.72
N THR F 272 -21.66 15.31 3.75
CA THR F 272 -23.05 15.18 3.28
C THR F 272 -23.23 14.72 1.84
N HIS F 273 -22.31 15.10 0.97
CA HIS F 273 -22.33 14.58 -0.39
C HIS F 273 -21.35 13.38 -0.20
N SER F 274 -21.28 12.39 -1.05
CA SER F 274 -20.30 11.32 -0.70
C SER F 274 -20.44 10.65 0.69
N VAL F 275 -21.60 10.12 1.07
CA VAL F 275 -21.68 9.47 2.39
C VAL F 275 -21.78 7.98 2.23
N ARG F 276 -21.19 7.25 3.17
CA ARG F 276 -21.21 5.80 3.15
C ARG F 276 -22.13 5.39 4.29
N VAL F 277 -23.08 4.53 3.98
CA VAL F 277 -24.07 4.05 4.93
C VAL F 277 -23.53 3.22 6.10
N LEU F 278 -24.11 3.39 7.28
CA LEU F 278 -23.71 2.55 8.40
C LEU F 278 -24.61 1.33 8.19
N ASP F 279 -24.01 0.14 8.08
CA ASP F 279 -24.80 -1.06 7.83
C ASP F 279 -25.51 -1.56 9.09
N ILE F 280 -26.83 -1.50 9.05
CA ILE F 280 -27.68 -1.86 10.16
C ILE F 280 -28.80 -2.74 9.60
N GLY F 281 -29.25 -3.67 10.42
CA GLY F 281 -30.32 -4.54 9.97
C GLY F 281 -31.40 -4.67 11.05
N LEU F 282 -32.55 -5.23 10.66
CA LEU F 282 -33.65 -5.42 11.57
C LEU F 282 -33.67 -6.91 11.73
N ASP F 283 -33.36 -7.35 12.94
CA ASP F 283 -33.31 -8.75 13.30
C ASP F 283 -34.50 -9.17 14.16
N MET F 284 -35.20 -10.19 13.68
CA MET F 284 -36.35 -10.75 14.36
C MET F 284 -35.95 -12.15 14.74
S SO4 G . 15.70 -19.73 1.08
O1 SO4 G . 14.59 -19.77 0.12
O2 SO4 G . 16.99 -20.21 0.42
O3 SO4 G . 15.97 -18.31 1.63
O4 SO4 G . 15.37 -20.60 2.30
N1 NTM H . 19.74 -25.23 -0.60
C2 NTM H . 20.03 -26.46 -0.18
C3 NTM H . 20.38 -27.46 -1.11
C4 NTM H . 20.39 -27.11 -2.47
C5 NTM H . 20.08 -25.79 -2.86
C6 NTM H . 19.75 -24.88 -1.87
C7 NTM H . 19.96 -26.68 1.29
O1 NTM H . 20.81 -26.20 2.06
O2 NTM H . 19.00 -27.38 1.75
C8 NTM H . 20.75 -28.91 -0.79
O3 NTM H . 21.51 -29.17 0.21
O4 NTM H . 20.30 -29.85 -1.52
S SO4 I . -8.75 -22.14 9.46
O1 SO4 I . -9.68 -21.24 8.77
O2 SO4 I . -8.08 -23.00 8.39
O3 SO4 I . -7.64 -21.39 10.23
O4 SO4 I . -9.48 -23.00 10.51
N1 NTM J . -10.80 -26.77 13.87
C2 NTM J . -10.63 -28.07 14.10
C3 NTM J . -10.72 -28.53 15.43
C4 NTM J . -10.97 -27.62 16.45
C5 NTM J . -11.14 -26.30 16.15
C6 NTM J . -11.05 -25.89 14.80
C7 NTM J . -10.35 -28.92 12.88
O1 NTM J . -9.23 -29.43 12.73
O2 NTM J . -11.23 -29.10 11.99
C8 NTM J . -10.59 -29.93 15.92
O3 NTM J . -10.85 -30.91 15.13
O4 NTM J . -10.24 -30.11 17.14
S SO4 K . 8.53 21.60 -10.00
O1 SO4 K . 9.42 22.34 -9.07
O2 SO4 K . 8.49 22.36 -11.36
O3 SO4 K . 9.00 20.14 -10.31
O4 SO4 K . 7.15 21.42 -9.34
N1 NTM L . 10.44 26.82 -14.29
C2 NTM L . 11.45 27.69 -14.50
C3 NTM L . 11.75 28.08 -15.82
C4 NTM L . 10.98 27.53 -16.85
C5 NTM L . 9.97 26.58 -16.57
C6 NTM L . 9.71 26.29 -15.24
C7 NTM L . 12.19 28.18 -13.28
O1 NTM L . 13.39 27.95 -13.20
O2 NTM L . 11.61 28.81 -12.33
C8 NTM L . 12.82 29.10 -16.24
O3 NTM L . 13.15 30.08 -15.43
O4 NTM L . 13.36 29.00 -17.40
S SO4 M . 24.76 4.51 0.01
O1 SO4 M . 24.51 3.09 -0.23
O2 SO4 M . 25.08 5.13 -1.34
O3 SO4 M . 23.49 5.24 0.60
O4 SO4 M . 25.93 4.70 0.99
N1 NTM N . 31.35 5.73 1.90
C2 NTM N . 32.36 6.54 1.54
C3 NTM N . 33.21 7.08 2.52
C4 NTM N . 32.96 6.76 3.87
C5 NTM N . 31.88 5.94 4.21
C6 NTM N . 31.10 5.42 3.17
C7 NTM N . 32.48 6.79 0.07
O1 NTM N . 32.64 5.89 -0.72
O2 NTM N . 32.37 7.96 -0.35
C8 NTM N . 34.39 8.00 2.30
O3 NTM N . 35.21 7.72 1.38
O4 NTM N . 34.53 9.03 3.03
S SO4 O . -24.68 -4.18 -0.08
O1 SO4 O . -25.88 -5.03 -0.10
O2 SO4 O . -24.56 -3.50 -1.44
O3 SO4 O . -24.75 -3.07 1.00
O4 SO4 O . -23.43 -4.99 0.23
N1 NTM P . -31.24 -6.19 -2.03
C2 NTM P . -32.50 -5.69 -2.01
C3 NTM P . -33.37 -5.92 -3.09
C4 NTM P . -32.88 -6.66 -4.19
C5 NTM P . -31.56 -7.14 -4.15
C6 NTM P . -30.78 -6.91 -3.03
C7 NTM P . -32.89 -4.88 -0.84
O1 NTM P . -32.84 -5.29 0.32
O2 NTM P . -33.25 -3.72 -1.08
C8 NTM P . -34.80 -5.46 -3.17
O3 NTM P . -35.49 -5.39 -2.07
O4 NTM P . -35.32 -5.17 -4.29
S SO4 Q . -15.78 19.63 -0.83
O1 SO4 Q . -15.72 20.24 0.51
O2 SO4 Q . -14.72 20.21 -1.74
O3 SO4 Q . -15.51 18.12 -0.79
O4 SO4 Q . -17.15 19.82 -1.42
N1 NTM R . -19.43 25.53 1.35
C2 NTM R . -20.65 26.00 1.13
C3 NTM R . -21.27 26.79 2.09
C4 NTM R . -20.57 27.04 3.30
C5 NTM R . -19.32 26.48 3.50
C6 NTM R . -18.76 25.75 2.46
C7 NTM R . -21.27 25.62 -0.19
O1 NTM R . -20.78 26.01 -1.24
O2 NTM R . -22.31 24.90 -0.22
C8 NTM R . -22.65 27.43 1.98
O3 NTM R . -23.01 27.97 0.87
O4 NTM R . -23.41 27.43 2.99
#